data_1COO
# 
_entry.id   1COO 
# 
_audit_conform.dict_name       mmcif_pdbx.dic 
_audit_conform.dict_version    5.390 
_audit_conform.dict_location   http://mmcif.pdb.org/dictionaries/ascii/mmcif_pdbx.dic 
# 
loop_
_database_2.database_id 
_database_2.database_code 
_database_2.pdbx_database_accession 
_database_2.pdbx_DOI 
PDB   1COO         pdb_00001coo 10.2210/pdb1coo/pdb 
WWPDB D_1000172436 ?            ?                   
# 
loop_
_pdbx_audit_revision_history.ordinal 
_pdbx_audit_revision_history.data_content_type 
_pdbx_audit_revision_history.major_revision 
_pdbx_audit_revision_history.minor_revision 
_pdbx_audit_revision_history.revision_date 
1 'Structure model' 1 0 1996-03-08 
2 'Structure model' 1 1 2008-03-24 
3 'Structure model' 1 2 2011-07-13 
4 'Structure model' 1 3 2024-04-10 
# 
_pdbx_audit_revision_details.ordinal             1 
_pdbx_audit_revision_details.revision_ordinal    1 
_pdbx_audit_revision_details.data_content_type   'Structure model' 
_pdbx_audit_revision_details.provider            repository 
_pdbx_audit_revision_details.type                'Initial release' 
_pdbx_audit_revision_details.description         ? 
_pdbx_audit_revision_details.details             ? 
# 
loop_
_pdbx_audit_revision_group.ordinal 
_pdbx_audit_revision_group.revision_ordinal 
_pdbx_audit_revision_group.data_content_type 
_pdbx_audit_revision_group.group 
1 2 'Structure model' 'Version format compliance' 
2 3 'Structure model' 'Source and taxonomy'       
3 3 'Structure model' 'Version format compliance' 
4 4 'Structure model' 'Data collection'           
5 4 'Structure model' 'Database references'       
6 4 'Structure model' Other                       
# 
loop_
_pdbx_audit_revision_category.ordinal 
_pdbx_audit_revision_category.revision_ordinal 
_pdbx_audit_revision_category.data_content_type 
_pdbx_audit_revision_category.category 
1 4 'Structure model' chem_comp_atom       
2 4 'Structure model' chem_comp_bond       
3 4 'Structure model' database_2           
4 4 'Structure model' pdbx_database_status 
5 4 'Structure model' struct_ref_seq_dif   
# 
loop_
_pdbx_audit_revision_item.ordinal 
_pdbx_audit_revision_item.revision_ordinal 
_pdbx_audit_revision_item.data_content_type 
_pdbx_audit_revision_item.item 
1 4 'Structure model' '_database_2.pdbx_DOI'                
2 4 'Structure model' '_database_2.pdbx_database_accession' 
3 4 'Structure model' '_pdbx_database_status.process_site'  
4 4 'Structure model' '_struct_ref_seq_dif.details'         
# 
_pdbx_database_status.status_code                     REL 
_pdbx_database_status.entry_id                        1COO 
_pdbx_database_status.recvd_initial_deposition_date   1995-10-09 
_pdbx_database_status.deposit_site                    ? 
_pdbx_database_status.process_site                    BNL 
_pdbx_database_status.SG_entry                        . 
_pdbx_database_status.pdb_format_compatible           Y 
_pdbx_database_status.status_code_mr                  ? 
_pdbx_database_status.status_code_sf                  ? 
_pdbx_database_status.status_code_cs                  ? 
_pdbx_database_status.status_code_nmr_data            ? 
_pdbx_database_status.methods_development_category    ? 
# 
loop_
_audit_author.name 
_audit_author.pdbx_ordinal 
'Jeon, Y.H.'    1 
'Negishi, T.'   2 
'Shirakawa, M.' 3 
'Yamazaki, T.'  4 
'Fujita, N.'    5 
'Ishihama, A.'  6 
'Kyogoku, Y.'   7 
# 
loop_
_citation.id 
_citation.title 
_citation.journal_abbrev 
_citation.journal_volume 
_citation.page_first 
_citation.page_last 
_citation.year 
_citation.journal_id_ASTM 
_citation.country 
_citation.journal_id_ISSN 
_citation.journal_id_CSD 
_citation.book_publisher 
_citation.pdbx_database_id_PubMed 
_citation.pdbx_database_id_DOI 
primary 'Solution structure of the activator contact domain of the RNA polymerase alpha subunit.' Science     270 1495 1497 1995 
SCIEAS US 0036-8075 0038 ? 7491496 ? 
1       
'Structural Map of the Alpha Subunit of Escherichia Coli RNA Polymerase; Structural Domains Identified by Proteolytic Cleavage' 
J.Mol.Biol. 248 723  ?    1995 JMOBAK UK 0022-2836 0070 ? ?       ? 
# 
loop_
_citation_author.citation_id 
_citation_author.name 
_citation_author.ordinal 
_citation_author.identifier_ORCID 
primary 'Jeon, Y.H.'    1  ? 
primary 'Negishi, T.'   2  ? 
primary 'Shirakawa, M.' 3  ? 
primary 'Yamazaki, T.'  4  ? 
primary 'Fujita, N.'    5  ? 
primary 'Ishihama, A.'  6  ? 
primary 'Kyogoku, Y.'   7  ? 
1       'Negishi, T.'   8  ? 
1       'Fujita, N.'    9  ? 
1       'Ishihama, A.'  10 ? 
# 
_entity.id                         1 
_entity.type                       polymer 
_entity.src_method                 man 
_entity.pdbx_description           'RNA POLYMERASE ALPHA SUBUNIT' 
_entity.formula_weight             11094.724 
_entity.pdbx_number_of_molecules   1 
_entity.pdbx_ec                    ? 
_entity.pdbx_mutation              ? 
_entity.pdbx_fragment              'COOH-TERMINAL DOMAIN' 
_entity.details                    ? 
# 
_entity_poly.entity_id                      1 
_entity_poly.type                           'polypeptide(L)' 
_entity_poly.nstd_linkage                   no 
_entity_poly.nstd_monomer                   no 
_entity_poly.pdbx_seq_one_letter_code       
;MDLRDVREPEVKEEKPEFDPILLRPVDDLELTVRSANCLKAEAIHYIGDLVQRTEVELLKTPNLGKKSLTEIKDVLASRG
LSLGMRLENWPPASIADE
;
_entity_poly.pdbx_seq_one_letter_code_can   
;MDLRDVREPEVKEEKPEFDPILLRPVDDLELTVRSANCLKAEAIHYIGDLVQRTEVELLKTPNLGKKSLTEIKDVLASRG
LSLGMRLENWPPASIADE
;
_entity_poly.pdbx_strand_id                 A 
_entity_poly.pdbx_target_identifier         ? 
# 
loop_
_entity_poly_seq.entity_id 
_entity_poly_seq.num 
_entity_poly_seq.mon_id 
_entity_poly_seq.hetero 
1 1  MET n 
1 2  ASP n 
1 3  LEU n 
1 4  ARG n 
1 5  ASP n 
1 6  VAL n 
1 7  ARG n 
1 8  GLU n 
1 9  PRO n 
1 10 GLU n 
1 11 VAL n 
1 12 LYS n 
1 13 GLU n 
1 14 GLU n 
1 15 LYS n 
1 16 PRO n 
1 17 GLU n 
1 18 PHE n 
1 19 ASP n 
1 20 PRO n 
1 21 ILE n 
1 22 LEU n 
1 23 LEU n 
1 24 ARG n 
1 25 PRO n 
1 26 VAL n 
1 27 ASP n 
1 28 ASP n 
1 29 LEU n 
1 30 GLU n 
1 31 LEU n 
1 32 THR n 
1 33 VAL n 
1 34 ARG n 
1 35 SER n 
1 36 ALA n 
1 37 ASN n 
1 38 CYS n 
1 39 LEU n 
1 40 LYS n 
1 41 ALA n 
1 42 GLU n 
1 43 ALA n 
1 44 ILE n 
1 45 HIS n 
1 46 TYR n 
1 47 ILE n 
1 48 GLY n 
1 49 ASP n 
1 50 LEU n 
1 51 VAL n 
1 52 GLN n 
1 53 ARG n 
1 54 THR n 
1 55 GLU n 
1 56 VAL n 
1 57 GLU n 
1 58 LEU n 
1 59 LEU n 
1 60 LYS n 
1 61 THR n 
1 62 PRO n 
1 63 ASN n 
1 64 LEU n 
1 65 GLY n 
1 66 LYS n 
1 67 LYS n 
1 68 SER n 
1 69 LEU n 
1 70 THR n 
1 71 GLU n 
1 72 ILE n 
1 73 LYS n 
1 74 ASP n 
1 75 VAL n 
1 76 LEU n 
1 77 ALA n 
1 78 SER n 
1 79 ARG n 
1 80 GLY n 
1 81 LEU n 
1 82 SER n 
1 83 LEU n 
1 84 GLY n 
1 85 MET n 
1 86 ARG n 
1 87 LEU n 
1 88 GLU n 
1 89 ASN n 
1 90 TRP n 
1 91 PRO n 
1 92 PRO n 
1 93 ALA n 
1 94 SER n 
1 95 ILE n 
1 96 ALA n 
1 97 ASP n 
1 98 GLU n 
# 
_entity_src_gen.entity_id                          1 
_entity_src_gen.pdbx_src_id                        1 
_entity_src_gen.pdbx_alt_source_flag               sample 
_entity_src_gen.pdbx_seq_type                      ? 
_entity_src_gen.pdbx_beg_seq_num                   ? 
_entity_src_gen.pdbx_end_seq_num                   ? 
_entity_src_gen.gene_src_common_name               ? 
_entity_src_gen.gene_src_genus                     Escherichia 
_entity_src_gen.pdbx_gene_src_gene                 ? 
_entity_src_gen.gene_src_species                   'Escherichia coli' 
_entity_src_gen.gene_src_strain                    K12 
_entity_src_gen.gene_src_tissue                    ? 
_entity_src_gen.gene_src_tissue_fraction           ? 
_entity_src_gen.gene_src_details                   ? 
_entity_src_gen.pdbx_gene_src_fragment             ? 
_entity_src_gen.pdbx_gene_src_scientific_name      'Escherichia coli' 
_entity_src_gen.pdbx_gene_src_ncbi_taxonomy_id     83333 
_entity_src_gen.pdbx_gene_src_variant              ? 
_entity_src_gen.pdbx_gene_src_cell_line            NH315 
_entity_src_gen.pdbx_gene_src_atcc                 ? 
_entity_src_gen.pdbx_gene_src_organ                ? 
_entity_src_gen.pdbx_gene_src_organelle            ? 
_entity_src_gen.pdbx_gene_src_cell                 ? 
_entity_src_gen.pdbx_gene_src_cellular_location    ? 
_entity_src_gen.host_org_common_name               ? 
_entity_src_gen.pdbx_host_org_scientific_name      'Escherichia coli' 
_entity_src_gen.pdbx_host_org_ncbi_taxonomy_id     562 
_entity_src_gen.host_org_genus                     Escherichia 
_entity_src_gen.pdbx_host_org_gene                 ? 
_entity_src_gen.pdbx_host_org_organ                ? 
_entity_src_gen.host_org_species                   ? 
_entity_src_gen.pdbx_host_org_tissue               ? 
_entity_src_gen.pdbx_host_org_tissue_fraction      ? 
_entity_src_gen.pdbx_host_org_strain               ? 
_entity_src_gen.pdbx_host_org_variant              ? 
_entity_src_gen.pdbx_host_org_cell_line            ? 
_entity_src_gen.pdbx_host_org_atcc                 ? 
_entity_src_gen.pdbx_host_org_culture_collection   ? 
_entity_src_gen.pdbx_host_org_cell                 ? 
_entity_src_gen.pdbx_host_org_organelle            ? 
_entity_src_gen.pdbx_host_org_cellular_location    ? 
_entity_src_gen.pdbx_host_org_vector_type          ? 
_entity_src_gen.pdbx_host_org_vector               ? 
_entity_src_gen.host_org_details                   ? 
_entity_src_gen.expression_system_id               ? 
_entity_src_gen.plasmid_name                       PET-3A 
_entity_src_gen.plasmid_details                    ? 
_entity_src_gen.pdbx_description                   ? 
# 
loop_
_chem_comp.id 
_chem_comp.type 
_chem_comp.mon_nstd_flag 
_chem_comp.name 
_chem_comp.pdbx_synonyms 
_chem_comp.formula 
_chem_comp.formula_weight 
ALA 'L-peptide linking' y ALANINE         ? 'C3 H7 N O2'     89.093  
ARG 'L-peptide linking' y ARGININE        ? 'C6 H15 N4 O2 1' 175.209 
ASN 'L-peptide linking' y ASPARAGINE      ? 'C4 H8 N2 O3'    132.118 
ASP 'L-peptide linking' y 'ASPARTIC ACID' ? 'C4 H7 N O4'     133.103 
CYS 'L-peptide linking' y CYSTEINE        ? 'C3 H7 N O2 S'   121.158 
GLN 'L-peptide linking' y GLUTAMINE       ? 'C5 H10 N2 O3'   146.144 
GLU 'L-peptide linking' y 'GLUTAMIC ACID' ? 'C5 H9 N O4'     147.129 
GLY 'peptide linking'   y GLYCINE         ? 'C2 H5 N O2'     75.067  
HIS 'L-peptide linking' y HISTIDINE       ? 'C6 H10 N3 O2 1' 156.162 
ILE 'L-peptide linking' y ISOLEUCINE      ? 'C6 H13 N O2'    131.173 
LEU 'L-peptide linking' y LEUCINE         ? 'C6 H13 N O2'    131.173 
LYS 'L-peptide linking' y LYSINE          ? 'C6 H15 N2 O2 1' 147.195 
MET 'L-peptide linking' y METHIONINE      ? 'C5 H11 N O2 S'  149.211 
PHE 'L-peptide linking' y PHENYLALANINE   ? 'C9 H11 N O2'    165.189 
PRO 'L-peptide linking' y PROLINE         ? 'C5 H9 N O2'     115.130 
SER 'L-peptide linking' y SERINE          ? 'C3 H7 N O3'     105.093 
THR 'L-peptide linking' y THREONINE       ? 'C4 H9 N O3'     119.119 
TRP 'L-peptide linking' y TRYPTOPHAN      ? 'C11 H12 N2 O2'  204.225 
TYR 'L-peptide linking' y TYROSINE        ? 'C9 H11 N O3'    181.189 
VAL 'L-peptide linking' y VALINE          ? 'C5 H11 N O2'    117.146 
# 
loop_
_pdbx_poly_seq_scheme.asym_id 
_pdbx_poly_seq_scheme.entity_id 
_pdbx_poly_seq_scheme.seq_id 
_pdbx_poly_seq_scheme.mon_id 
_pdbx_poly_seq_scheme.ndb_seq_num 
_pdbx_poly_seq_scheme.pdb_seq_num 
_pdbx_poly_seq_scheme.auth_seq_num 
_pdbx_poly_seq_scheme.pdb_mon_id 
_pdbx_poly_seq_scheme.auth_mon_id 
_pdbx_poly_seq_scheme.pdb_strand_id 
_pdbx_poly_seq_scheme.pdb_ins_code 
_pdbx_poly_seq_scheme.hetero 
A 1 1  MET 1  232 ?   ?   ?   A . n 
A 1 2  ASP 2  233 ?   ?   ?   A . n 
A 1 3  LEU 3  234 ?   ?   ?   A . n 
A 1 4  ARG 4  235 ?   ?   ?   A . n 
A 1 5  ASP 5  236 ?   ?   ?   A . n 
A 1 6  VAL 6  237 ?   ?   ?   A . n 
A 1 7  ARG 7  238 ?   ?   ?   A . n 
A 1 8  GLU 8  239 ?   ?   ?   A . n 
A 1 9  PRO 9  240 ?   ?   ?   A . n 
A 1 10 GLU 10 241 ?   ?   ?   A . n 
A 1 11 VAL 11 242 ?   ?   ?   A . n 
A 1 12 LYS 12 243 ?   ?   ?   A . n 
A 1 13 GLU 13 244 ?   ?   ?   A . n 
A 1 14 GLU 14 245 ?   ?   ?   A . n 
A 1 15 LYS 15 246 ?   ?   ?   A . n 
A 1 16 PRO 16 247 ?   ?   ?   A . n 
A 1 17 GLU 17 248 ?   ?   ?   A . n 
A 1 18 PHE 18 249 249 PHE PHE A . n 
A 1 19 ASP 19 250 250 ASP ASP A . n 
A 1 20 PRO 20 251 251 PRO PRO A . n 
A 1 21 ILE 21 252 252 ILE ILE A . n 
A 1 22 LEU 22 253 253 LEU LEU A . n 
A 1 23 LEU 23 254 254 LEU LEU A . n 
A 1 24 ARG 24 255 255 ARG ARG A . n 
A 1 25 PRO 25 256 256 PRO PRO A . n 
A 1 26 VAL 26 257 257 VAL VAL A . n 
A 1 27 ASP 27 258 258 ASP ASP A . n 
A 1 28 ASP 28 259 259 ASP ASP A . n 
A 1 29 LEU 29 260 260 LEU LEU A . n 
A 1 30 GLU 30 261 261 GLU GLU A . n 
A 1 31 LEU 31 262 262 LEU LEU A . n 
A 1 32 THR 32 263 263 THR THR A . n 
A 1 33 VAL 33 264 264 VAL VAL A . n 
A 1 34 ARG 34 265 265 ARG ARG A . n 
A 1 35 SER 35 266 266 SER SER A . n 
A 1 36 ALA 36 267 267 ALA ALA A . n 
A 1 37 ASN 37 268 268 ASN ASN A . n 
A 1 38 CYS 38 269 269 CYS CYS A . n 
A 1 39 LEU 39 270 270 LEU LEU A . n 
A 1 40 LYS 40 271 271 LYS LYS A . n 
A 1 41 ALA 41 272 272 ALA ALA A . n 
A 1 42 GLU 42 273 273 GLU GLU A . n 
A 1 43 ALA 43 274 274 ALA ALA A . n 
A 1 44 ILE 44 275 275 ILE ILE A . n 
A 1 45 HIS 45 276 276 HIS HIS A . n 
A 1 46 TYR 46 277 277 TYR TYR A . n 
A 1 47 ILE 47 278 278 ILE ILE A . n 
A 1 48 GLY 48 279 279 GLY GLY A . n 
A 1 49 ASP 49 280 280 ASP ASP A . n 
A 1 50 LEU 50 281 281 LEU LEU A . n 
A 1 51 VAL 51 282 282 VAL VAL A . n 
A 1 52 GLN 52 283 283 GLN GLN A . n 
A 1 53 ARG 53 284 284 ARG ARG A . n 
A 1 54 THR 54 285 285 THR THR A . n 
A 1 55 GLU 55 286 286 GLU GLU A . n 
A 1 56 VAL 56 287 287 VAL VAL A . n 
A 1 57 GLU 57 288 288 GLU GLU A . n 
A 1 58 LEU 58 289 289 LEU LEU A . n 
A 1 59 LEU 59 290 290 LEU LEU A . n 
A 1 60 LYS 60 291 291 LYS LYS A . n 
A 1 61 THR 61 292 292 THR THR A . n 
A 1 62 PRO 62 293 293 PRO PRO A . n 
A 1 63 ASN 63 294 294 ASN ASN A . n 
A 1 64 LEU 64 295 295 LEU LEU A . n 
A 1 65 GLY 65 296 296 GLY GLY A . n 
A 1 66 LYS 66 297 297 LYS LYS A . n 
A 1 67 LYS 67 298 298 LYS LYS A . n 
A 1 68 SER 68 299 299 SER SER A . n 
A 1 69 LEU 69 300 300 LEU LEU A . n 
A 1 70 THR 70 301 301 THR THR A . n 
A 1 71 GLU 71 302 302 GLU GLU A . n 
A 1 72 ILE 72 303 303 ILE ILE A . n 
A 1 73 LYS 73 304 304 LYS LYS A . n 
A 1 74 ASP 74 305 305 ASP ASP A . n 
A 1 75 VAL 75 306 306 VAL VAL A . n 
A 1 76 LEU 76 307 307 LEU LEU A . n 
A 1 77 ALA 77 308 308 ALA ALA A . n 
A 1 78 SER 78 309 309 SER SER A . n 
A 1 79 ARG 79 310 310 ARG ARG A . n 
A 1 80 GLY 80 311 311 GLY GLY A . n 
A 1 81 LEU 81 312 312 LEU LEU A . n 
A 1 82 SER 82 313 313 SER SER A . n 
A 1 83 LEU 83 314 314 LEU LEU A . n 
A 1 84 GLY 84 315 315 GLY GLY A . n 
A 1 85 MET 85 316 316 MET MET A . n 
A 1 86 ARG 86 317 317 ARG ARG A . n 
A 1 87 LEU 87 318 318 LEU LEU A . n 
A 1 88 GLU 88 319 319 GLU GLU A . n 
A 1 89 ASN 89 320 320 ASN ASN A . n 
A 1 90 TRP 90 321 321 TRP TRP A . n 
A 1 91 PRO 91 322 322 PRO PRO A . n 
A 1 92 PRO 92 323 323 PRO PRO A . n 
A 1 93 ALA 93 324 324 ALA ALA A . n 
A 1 94 SER 94 325 325 SER SER A . n 
A 1 95 ILE 95 326 326 ILE ILE A . n 
A 1 96 ALA 96 327 327 ALA ALA A . n 
A 1 97 ASP 97 328 328 ASP ASP A . n 
A 1 98 GLU 98 329 329 GLU GLU A . n 
# 
loop_
_software.name 
_software.classification 
_software.version 
_software.citation_id 
_software.pdbx_ordinal 
X-PLOR 'model building' 3.1 ? 1 
X-PLOR refinement       3.1 ? 2 
X-PLOR phasing          3.1 ? 3 
# 
_cell.entry_id           1COO 
_cell.length_a           1.000 
_cell.length_b           1.000 
_cell.length_c           1.000 
_cell.angle_alpha        90.00 
_cell.angle_beta         90.00 
_cell.angle_gamma        90.00 
_cell.Z_PDB              1 
_cell.pdbx_unique_axis   ? 
# 
_symmetry.entry_id                         1COO 
_symmetry.space_group_name_H-M             'P 1' 
_symmetry.pdbx_full_space_group_name_H-M   ? 
_symmetry.cell_setting                     ? 
_symmetry.Int_Tables_number                1 
# 
_exptl.entry_id          1COO 
_exptl.method            'SOLUTION NMR' 
_exptl.crystals_number   ? 
# 
_struct.entry_id                  1COO 
_struct.title                     'THE COOH-TERMINAL DOMAIN OF RNA POLYMERASE ALPHA SUBUNIT' 
_struct.pdbx_model_details        ? 
_struct.pdbx_CASP_flag            ? 
_struct.pdbx_model_type_details   ? 
# 
_struct_keywords.entry_id        1COO 
_struct_keywords.pdbx_keywords   'NUCLEOTIDYL TRANSFERASE' 
_struct_keywords.text            'TRANSCRIPTION REGULATION, NUCLEOTIDYL TRANSFERASE' 
# 
_struct_asym.id                            A 
_struct_asym.pdbx_blank_PDB_chainid_flag   Y 
_struct_asym.pdbx_modified                 N 
_struct_asym.entity_id                     1 
_struct_asym.details                       ? 
# 
_struct_ref.id                         1 
_struct_ref.db_name                    UNP 
_struct_ref.db_code                    RPOA_ECOLI 
_struct_ref.entity_id                  1 
_struct_ref.pdbx_db_accession          P0A7Z4 
_struct_ref.pdbx_align_begin           1 
_struct_ref.pdbx_seq_one_letter_code   
;MQGSVTEFLKPRLVDIEQVSSTHAKVTLEPLERGFGHTLGNALRRILLSSMPGCAVTEVEIDGVLHEYSTKEGVQEDILE
ILLNLKGLAVRVQGKDEVILTLNKSGIGPVTAADITHDGDVEIVKPQHVICHLTDENASISMRIKVQRGRGYVPASTRIH
SEEDERPIGRLLVDACYSPVERIAYNVEAARVEQRTDLDKLVIEMETNGTIDPEEAIRRAATILAEQLEAFVDLRDVRQP
EVKEEKPEFDPILLRPVDDLELTVRSANCLKAEAIHYIGDLVQRTEVELLKTPNLGKKSLTEIKDVLASRGLSLGMRLEN
WPPASIADE
;
_struct_ref.pdbx_db_isoform            ? 
# 
_struct_ref_seq.align_id                      1 
_struct_ref_seq.ref_id                        1 
_struct_ref_seq.pdbx_PDB_id_code              1COO 
_struct_ref_seq.pdbx_strand_id                A 
_struct_ref_seq.seq_align_beg                 2 
_struct_ref_seq.pdbx_seq_align_beg_ins_code   ? 
_struct_ref_seq.seq_align_end                 98 
_struct_ref_seq.pdbx_seq_align_end_ins_code   ? 
_struct_ref_seq.pdbx_db_accession             P0A7Z4 
_struct_ref_seq.db_align_beg                  233 
_struct_ref_seq.pdbx_db_align_beg_ins_code    ? 
_struct_ref_seq.db_align_end                  329 
_struct_ref_seq.pdbx_db_align_end_ins_code    ? 
_struct_ref_seq.pdbx_auth_seq_align_beg       233 
_struct_ref_seq.pdbx_auth_seq_align_end       329 
# 
_struct_ref_seq_dif.align_id                     1 
_struct_ref_seq_dif.pdbx_pdb_id_code             1COO 
_struct_ref_seq_dif.mon_id                       GLU 
_struct_ref_seq_dif.pdbx_pdb_strand_id           A 
_struct_ref_seq_dif.seq_num                      8 
_struct_ref_seq_dif.pdbx_pdb_ins_code            ? 
_struct_ref_seq_dif.pdbx_seq_db_name             UNP 
_struct_ref_seq_dif.pdbx_seq_db_accession_code   P0A7Z4 
_struct_ref_seq_dif.db_mon_id                    GLN 
_struct_ref_seq_dif.pdbx_seq_db_seq_num          239 
_struct_ref_seq_dif.details                      conflict 
_struct_ref_seq_dif.pdbx_auth_seq_num            239 
_struct_ref_seq_dif.pdbx_ordinal                 1 
# 
_pdbx_struct_assembly.id                   1 
_pdbx_struct_assembly.details              author_defined_assembly 
_pdbx_struct_assembly.method_details       ? 
_pdbx_struct_assembly.oligomeric_details   monomeric 
_pdbx_struct_assembly.oligomeric_count     1 
# 
_pdbx_struct_assembly_gen.assembly_id       1 
_pdbx_struct_assembly_gen.oper_expression   1 
_pdbx_struct_assembly_gen.asym_id_list      A 
# 
_pdbx_struct_oper_list.id                   1 
_pdbx_struct_oper_list.type                 'identity operation' 
_pdbx_struct_oper_list.name                 1_555 
_pdbx_struct_oper_list.symmetry_operation   x,y,z 
_pdbx_struct_oper_list.matrix[1][1]         1.0000000000 
_pdbx_struct_oper_list.matrix[1][2]         0.0000000000 
_pdbx_struct_oper_list.matrix[1][3]         0.0000000000 
_pdbx_struct_oper_list.vector[1]            0.0000000000 
_pdbx_struct_oper_list.matrix[2][1]         0.0000000000 
_pdbx_struct_oper_list.matrix[2][2]         1.0000000000 
_pdbx_struct_oper_list.matrix[2][3]         0.0000000000 
_pdbx_struct_oper_list.vector[2]            0.0000000000 
_pdbx_struct_oper_list.matrix[3][1]         0.0000000000 
_pdbx_struct_oper_list.matrix[3][2]         0.0000000000 
_pdbx_struct_oper_list.matrix[3][3]         1.0000000000 
_pdbx_struct_oper_list.vector[3]            0.0000000000 
# 
_struct_biol.id   1 
# 
loop_
_struct_conf.conf_type_id 
_struct_conf.id 
_struct_conf.pdbx_PDB_helix_id 
_struct_conf.beg_label_comp_id 
_struct_conf.beg_label_asym_id 
_struct_conf.beg_label_seq_id 
_struct_conf.pdbx_beg_PDB_ins_code 
_struct_conf.end_label_comp_id 
_struct_conf.end_label_asym_id 
_struct_conf.end_label_seq_id 
_struct_conf.pdbx_end_PDB_ins_code 
_struct_conf.beg_auth_comp_id 
_struct_conf.beg_auth_asym_id 
_struct_conf.beg_auth_seq_id 
_struct_conf.end_auth_comp_id 
_struct_conf.end_auth_asym_id 
_struct_conf.end_auth_seq_id 
_struct_conf.pdbx_PDB_helix_class 
_struct_conf.details 
_struct_conf.pdbx_PDB_helix_length 
HELX_P HELX_P1 H1 VAL A 33 ? GLU A 42 ? VAL A 264 GLU A 273 1 ? 10 
HELX_P HELX_P2 H2 ILE A 47 ? GLN A 52 ? ILE A 278 GLN A 283 1 ? 6  
HELX_P HELX_P3 H3 GLU A 55 ? THR A 61 ? GLU A 286 THR A 292 1 ? 7  
HELX_P HELX_P4 H4 LYS A 66 ? SER A 78 ? LYS A 297 SER A 309 1 ? 13 
# 
_struct_conf_type.id          HELX_P 
_struct_conf_type.criteria    ? 
_struct_conf_type.reference   ? 
# 
_struct_mon_prot_cis.pdbx_id                1 
_struct_mon_prot_cis.label_comp_id          TRP 
_struct_mon_prot_cis.label_seq_id           90 
_struct_mon_prot_cis.label_asym_id          A 
_struct_mon_prot_cis.label_alt_id           . 
_struct_mon_prot_cis.pdbx_PDB_ins_code      ? 
_struct_mon_prot_cis.auth_comp_id           TRP 
_struct_mon_prot_cis.auth_seq_id            321 
_struct_mon_prot_cis.auth_asym_id           A 
_struct_mon_prot_cis.pdbx_label_comp_id_2   PRO 
_struct_mon_prot_cis.pdbx_label_seq_id_2    91 
_struct_mon_prot_cis.pdbx_label_asym_id_2   A 
_struct_mon_prot_cis.pdbx_PDB_ins_code_2    ? 
_struct_mon_prot_cis.pdbx_auth_comp_id_2    PRO 
_struct_mon_prot_cis.pdbx_auth_seq_id_2     322 
_struct_mon_prot_cis.pdbx_auth_asym_id_2    A 
_struct_mon_prot_cis.pdbx_PDB_model_num     1 
_struct_mon_prot_cis.pdbx_omega_angle       -0.68 
# 
loop_
_pdbx_validate_torsion.id 
_pdbx_validate_torsion.PDB_model_num 
_pdbx_validate_torsion.auth_comp_id 
_pdbx_validate_torsion.auth_asym_id 
_pdbx_validate_torsion.auth_seq_id 
_pdbx_validate_torsion.PDB_ins_code 
_pdbx_validate_torsion.label_alt_id 
_pdbx_validate_torsion.phi 
_pdbx_validate_torsion.psi 
1  1 LEU A 262 ? ? -88.25  -151.71 
2  1 THR A 263 ? ? -77.90  -169.00 
3  1 SER A 266 ? ? -86.42  -76.32  
4  1 GLN A 283 ? ? -85.17  37.18   
5  1 ARG A 284 ? ? -134.98 -143.50 
6  1 LEU A 290 ? ? -90.02  32.71   
7  1 LYS A 291 ? ? -141.86 14.92   
8  1 PRO A 293 ? ? -79.82  28.15   
9  1 ASN A 294 ? ? -160.71 25.19   
10 1 LEU A 295 ? ? -114.69 -142.44 
11 1 MET A 316 ? ? -63.72  86.87   
12 1 GLU A 319 ? ? -61.17  -138.36 
13 1 ILE A 326 ? ? -141.14 43.32   
# 
_pdbx_nmr_ensemble.entry_id                             1COO 
_pdbx_nmr_ensemble.conformers_calculated_total_number   ? 
_pdbx_nmr_ensemble.conformers_submitted_total_number    1 
_pdbx_nmr_ensemble.conformer_selection_criteria         ? 
# 
_pdbx_nmr_software.classification   refinement 
_pdbx_nmr_software.name             X-PLOR 
_pdbx_nmr_software.version          3.1 
_pdbx_nmr_software.authors          BRUNGER 
_pdbx_nmr_software.ordinal          1 
# 
loop_
_pdbx_unobs_or_zero_occ_residues.id 
_pdbx_unobs_or_zero_occ_residues.PDB_model_num 
_pdbx_unobs_or_zero_occ_residues.polymer_flag 
_pdbx_unobs_or_zero_occ_residues.occupancy_flag 
_pdbx_unobs_or_zero_occ_residues.auth_asym_id 
_pdbx_unobs_or_zero_occ_residues.auth_comp_id 
_pdbx_unobs_or_zero_occ_residues.auth_seq_id 
_pdbx_unobs_or_zero_occ_residues.PDB_ins_code 
_pdbx_unobs_or_zero_occ_residues.label_asym_id 
_pdbx_unobs_or_zero_occ_residues.label_comp_id 
_pdbx_unobs_or_zero_occ_residues.label_seq_id 
1  1 Y 1 A MET 232 ? A MET 1  
2  1 Y 1 A ASP 233 ? A ASP 2  
3  1 Y 1 A LEU 234 ? A LEU 3  
4  1 Y 1 A ARG 235 ? A ARG 4  
5  1 Y 1 A ASP 236 ? A ASP 5  
6  1 Y 1 A VAL 237 ? A VAL 6  
7  1 Y 1 A ARG 238 ? A ARG 7  
8  1 Y 1 A GLU 239 ? A GLU 8  
9  1 Y 1 A PRO 240 ? A PRO 9  
10 1 Y 1 A GLU 241 ? A GLU 10 
11 1 Y 1 A VAL 242 ? A VAL 11 
12 1 Y 1 A LYS 243 ? A LYS 12 
13 1 Y 1 A GLU 244 ? A GLU 13 
14 1 Y 1 A GLU 245 ? A GLU 14 
15 1 Y 1 A LYS 246 ? A LYS 15 
16 1 Y 1 A PRO 247 ? A PRO 16 
17 1 Y 1 A GLU 248 ? A GLU 17 
# 
loop_
_chem_comp_atom.comp_id 
_chem_comp_atom.atom_id 
_chem_comp_atom.type_symbol 
_chem_comp_atom.pdbx_aromatic_flag 
_chem_comp_atom.pdbx_stereo_config 
_chem_comp_atom.pdbx_ordinal 
ALA N    N N N 1   
ALA CA   C N S 2   
ALA C    C N N 3   
ALA O    O N N 4   
ALA CB   C N N 5   
ALA OXT  O N N 6   
ALA H    H N N 7   
ALA H2   H N N 8   
ALA HA   H N N 9   
ALA HB1  H N N 10  
ALA HB2  H N N 11  
ALA HB3  H N N 12  
ALA HXT  H N N 13  
ARG N    N N N 14  
ARG CA   C N S 15  
ARG C    C N N 16  
ARG O    O N N 17  
ARG CB   C N N 18  
ARG CG   C N N 19  
ARG CD   C N N 20  
ARG NE   N N N 21  
ARG CZ   C N N 22  
ARG NH1  N N N 23  
ARG NH2  N N N 24  
ARG OXT  O N N 25  
ARG H    H N N 26  
ARG H2   H N N 27  
ARG HA   H N N 28  
ARG HB2  H N N 29  
ARG HB3  H N N 30  
ARG HG2  H N N 31  
ARG HG3  H N N 32  
ARG HD2  H N N 33  
ARG HD3  H N N 34  
ARG HE   H N N 35  
ARG HH11 H N N 36  
ARG HH12 H N N 37  
ARG HH21 H N N 38  
ARG HH22 H N N 39  
ARG HXT  H N N 40  
ASN N    N N N 41  
ASN CA   C N S 42  
ASN C    C N N 43  
ASN O    O N N 44  
ASN CB   C N N 45  
ASN CG   C N N 46  
ASN OD1  O N N 47  
ASN ND2  N N N 48  
ASN OXT  O N N 49  
ASN H    H N N 50  
ASN H2   H N N 51  
ASN HA   H N N 52  
ASN HB2  H N N 53  
ASN HB3  H N N 54  
ASN HD21 H N N 55  
ASN HD22 H N N 56  
ASN HXT  H N N 57  
ASP N    N N N 58  
ASP CA   C N S 59  
ASP C    C N N 60  
ASP O    O N N 61  
ASP CB   C N N 62  
ASP CG   C N N 63  
ASP OD1  O N N 64  
ASP OD2  O N N 65  
ASP OXT  O N N 66  
ASP H    H N N 67  
ASP H2   H N N 68  
ASP HA   H N N 69  
ASP HB2  H N N 70  
ASP HB3  H N N 71  
ASP HD2  H N N 72  
ASP HXT  H N N 73  
CYS N    N N N 74  
CYS CA   C N R 75  
CYS C    C N N 76  
CYS O    O N N 77  
CYS CB   C N N 78  
CYS SG   S N N 79  
CYS OXT  O N N 80  
CYS H    H N N 81  
CYS H2   H N N 82  
CYS HA   H N N 83  
CYS HB2  H N N 84  
CYS HB3  H N N 85  
CYS HG   H N N 86  
CYS HXT  H N N 87  
GLN N    N N N 88  
GLN CA   C N S 89  
GLN C    C N N 90  
GLN O    O N N 91  
GLN CB   C N N 92  
GLN CG   C N N 93  
GLN CD   C N N 94  
GLN OE1  O N N 95  
GLN NE2  N N N 96  
GLN OXT  O N N 97  
GLN H    H N N 98  
GLN H2   H N N 99  
GLN HA   H N N 100 
GLN HB2  H N N 101 
GLN HB3  H N N 102 
GLN HG2  H N N 103 
GLN HG3  H N N 104 
GLN HE21 H N N 105 
GLN HE22 H N N 106 
GLN HXT  H N N 107 
GLU N    N N N 108 
GLU CA   C N S 109 
GLU C    C N N 110 
GLU O    O N N 111 
GLU CB   C N N 112 
GLU CG   C N N 113 
GLU CD   C N N 114 
GLU OE1  O N N 115 
GLU OE2  O N N 116 
GLU OXT  O N N 117 
GLU H    H N N 118 
GLU H2   H N N 119 
GLU HA   H N N 120 
GLU HB2  H N N 121 
GLU HB3  H N N 122 
GLU HG2  H N N 123 
GLU HG3  H N N 124 
GLU HE2  H N N 125 
GLU HXT  H N N 126 
GLY N    N N N 127 
GLY CA   C N N 128 
GLY C    C N N 129 
GLY O    O N N 130 
GLY OXT  O N N 131 
GLY H    H N N 132 
GLY H2   H N N 133 
GLY HA2  H N N 134 
GLY HA3  H N N 135 
GLY HXT  H N N 136 
HIS N    N N N 137 
HIS CA   C N S 138 
HIS C    C N N 139 
HIS O    O N N 140 
HIS CB   C N N 141 
HIS CG   C Y N 142 
HIS ND1  N Y N 143 
HIS CD2  C Y N 144 
HIS CE1  C Y N 145 
HIS NE2  N Y N 146 
HIS OXT  O N N 147 
HIS H    H N N 148 
HIS H2   H N N 149 
HIS HA   H N N 150 
HIS HB2  H N N 151 
HIS HB3  H N N 152 
HIS HD1  H N N 153 
HIS HD2  H N N 154 
HIS HE1  H N N 155 
HIS HE2  H N N 156 
HIS HXT  H N N 157 
ILE N    N N N 158 
ILE CA   C N S 159 
ILE C    C N N 160 
ILE O    O N N 161 
ILE CB   C N S 162 
ILE CG1  C N N 163 
ILE CG2  C N N 164 
ILE CD1  C N N 165 
ILE OXT  O N N 166 
ILE H    H N N 167 
ILE H2   H N N 168 
ILE HA   H N N 169 
ILE HB   H N N 170 
ILE HG12 H N N 171 
ILE HG13 H N N 172 
ILE HG21 H N N 173 
ILE HG22 H N N 174 
ILE HG23 H N N 175 
ILE HD11 H N N 176 
ILE HD12 H N N 177 
ILE HD13 H N N 178 
ILE HXT  H N N 179 
LEU N    N N N 180 
LEU CA   C N S 181 
LEU C    C N N 182 
LEU O    O N N 183 
LEU CB   C N N 184 
LEU CG   C N N 185 
LEU CD1  C N N 186 
LEU CD2  C N N 187 
LEU OXT  O N N 188 
LEU H    H N N 189 
LEU H2   H N N 190 
LEU HA   H N N 191 
LEU HB2  H N N 192 
LEU HB3  H N N 193 
LEU HG   H N N 194 
LEU HD11 H N N 195 
LEU HD12 H N N 196 
LEU HD13 H N N 197 
LEU HD21 H N N 198 
LEU HD22 H N N 199 
LEU HD23 H N N 200 
LEU HXT  H N N 201 
LYS N    N N N 202 
LYS CA   C N S 203 
LYS C    C N N 204 
LYS O    O N N 205 
LYS CB   C N N 206 
LYS CG   C N N 207 
LYS CD   C N N 208 
LYS CE   C N N 209 
LYS NZ   N N N 210 
LYS OXT  O N N 211 
LYS H    H N N 212 
LYS H2   H N N 213 
LYS HA   H N N 214 
LYS HB2  H N N 215 
LYS HB3  H N N 216 
LYS HG2  H N N 217 
LYS HG3  H N N 218 
LYS HD2  H N N 219 
LYS HD3  H N N 220 
LYS HE2  H N N 221 
LYS HE3  H N N 222 
LYS HZ1  H N N 223 
LYS HZ2  H N N 224 
LYS HZ3  H N N 225 
LYS HXT  H N N 226 
MET N    N N N 227 
MET CA   C N S 228 
MET C    C N N 229 
MET O    O N N 230 
MET CB   C N N 231 
MET CG   C N N 232 
MET SD   S N N 233 
MET CE   C N N 234 
MET OXT  O N N 235 
MET H    H N N 236 
MET H2   H N N 237 
MET HA   H N N 238 
MET HB2  H N N 239 
MET HB3  H N N 240 
MET HG2  H N N 241 
MET HG3  H N N 242 
MET HE1  H N N 243 
MET HE2  H N N 244 
MET HE3  H N N 245 
MET HXT  H N N 246 
PHE N    N N N 247 
PHE CA   C N S 248 
PHE C    C N N 249 
PHE O    O N N 250 
PHE CB   C N N 251 
PHE CG   C Y N 252 
PHE CD1  C Y N 253 
PHE CD2  C Y N 254 
PHE CE1  C Y N 255 
PHE CE2  C Y N 256 
PHE CZ   C Y N 257 
PHE OXT  O N N 258 
PHE H    H N N 259 
PHE H2   H N N 260 
PHE HA   H N N 261 
PHE HB2  H N N 262 
PHE HB3  H N N 263 
PHE HD1  H N N 264 
PHE HD2  H N N 265 
PHE HE1  H N N 266 
PHE HE2  H N N 267 
PHE HZ   H N N 268 
PHE HXT  H N N 269 
PRO N    N N N 270 
PRO CA   C N S 271 
PRO C    C N N 272 
PRO O    O N N 273 
PRO CB   C N N 274 
PRO CG   C N N 275 
PRO CD   C N N 276 
PRO OXT  O N N 277 
PRO H    H N N 278 
PRO HA   H N N 279 
PRO HB2  H N N 280 
PRO HB3  H N N 281 
PRO HG2  H N N 282 
PRO HG3  H N N 283 
PRO HD2  H N N 284 
PRO HD3  H N N 285 
PRO HXT  H N N 286 
SER N    N N N 287 
SER CA   C N S 288 
SER C    C N N 289 
SER O    O N N 290 
SER CB   C N N 291 
SER OG   O N N 292 
SER OXT  O N N 293 
SER H    H N N 294 
SER H2   H N N 295 
SER HA   H N N 296 
SER HB2  H N N 297 
SER HB3  H N N 298 
SER HG   H N N 299 
SER HXT  H N N 300 
THR N    N N N 301 
THR CA   C N S 302 
THR C    C N N 303 
THR O    O N N 304 
THR CB   C N R 305 
THR OG1  O N N 306 
THR CG2  C N N 307 
THR OXT  O N N 308 
THR H    H N N 309 
THR H2   H N N 310 
THR HA   H N N 311 
THR HB   H N N 312 
THR HG1  H N N 313 
THR HG21 H N N 314 
THR HG22 H N N 315 
THR HG23 H N N 316 
THR HXT  H N N 317 
TRP N    N N N 318 
TRP CA   C N S 319 
TRP C    C N N 320 
TRP O    O N N 321 
TRP CB   C N N 322 
TRP CG   C Y N 323 
TRP CD1  C Y N 324 
TRP CD2  C Y N 325 
TRP NE1  N Y N 326 
TRP CE2  C Y N 327 
TRP CE3  C Y N 328 
TRP CZ2  C Y N 329 
TRP CZ3  C Y N 330 
TRP CH2  C Y N 331 
TRP OXT  O N N 332 
TRP H    H N N 333 
TRP H2   H N N 334 
TRP HA   H N N 335 
TRP HB2  H N N 336 
TRP HB3  H N N 337 
TRP HD1  H N N 338 
TRP HE1  H N N 339 
TRP HE3  H N N 340 
TRP HZ2  H N N 341 
TRP HZ3  H N N 342 
TRP HH2  H N N 343 
TRP HXT  H N N 344 
TYR N    N N N 345 
TYR CA   C N S 346 
TYR C    C N N 347 
TYR O    O N N 348 
TYR CB   C N N 349 
TYR CG   C Y N 350 
TYR CD1  C Y N 351 
TYR CD2  C Y N 352 
TYR CE1  C Y N 353 
TYR CE2  C Y N 354 
TYR CZ   C Y N 355 
TYR OH   O N N 356 
TYR OXT  O N N 357 
TYR H    H N N 358 
TYR H2   H N N 359 
TYR HA   H N N 360 
TYR HB2  H N N 361 
TYR HB3  H N N 362 
TYR HD1  H N N 363 
TYR HD2  H N N 364 
TYR HE1  H N N 365 
TYR HE2  H N N 366 
TYR HH   H N N 367 
TYR HXT  H N N 368 
VAL N    N N N 369 
VAL CA   C N S 370 
VAL C    C N N 371 
VAL O    O N N 372 
VAL CB   C N N 373 
VAL CG1  C N N 374 
VAL CG2  C N N 375 
VAL OXT  O N N 376 
VAL H    H N N 377 
VAL H2   H N N 378 
VAL HA   H N N 379 
VAL HB   H N N 380 
VAL HG11 H N N 381 
VAL HG12 H N N 382 
VAL HG13 H N N 383 
VAL HG21 H N N 384 
VAL HG22 H N N 385 
VAL HG23 H N N 386 
VAL HXT  H N N 387 
# 
loop_
_chem_comp_bond.comp_id 
_chem_comp_bond.atom_id_1 
_chem_comp_bond.atom_id_2 
_chem_comp_bond.value_order 
_chem_comp_bond.pdbx_aromatic_flag 
_chem_comp_bond.pdbx_stereo_config 
_chem_comp_bond.pdbx_ordinal 
ALA N   CA   sing N N 1   
ALA N   H    sing N N 2   
ALA N   H2   sing N N 3   
ALA CA  C    sing N N 4   
ALA CA  CB   sing N N 5   
ALA CA  HA   sing N N 6   
ALA C   O    doub N N 7   
ALA C   OXT  sing N N 8   
ALA CB  HB1  sing N N 9   
ALA CB  HB2  sing N N 10  
ALA CB  HB3  sing N N 11  
ALA OXT HXT  sing N N 12  
ARG N   CA   sing N N 13  
ARG N   H    sing N N 14  
ARG N   H2   sing N N 15  
ARG CA  C    sing N N 16  
ARG CA  CB   sing N N 17  
ARG CA  HA   sing N N 18  
ARG C   O    doub N N 19  
ARG C   OXT  sing N N 20  
ARG CB  CG   sing N N 21  
ARG CB  HB2  sing N N 22  
ARG CB  HB3  sing N N 23  
ARG CG  CD   sing N N 24  
ARG CG  HG2  sing N N 25  
ARG CG  HG3  sing N N 26  
ARG CD  NE   sing N N 27  
ARG CD  HD2  sing N N 28  
ARG CD  HD3  sing N N 29  
ARG NE  CZ   sing N N 30  
ARG NE  HE   sing N N 31  
ARG CZ  NH1  sing N N 32  
ARG CZ  NH2  doub N N 33  
ARG NH1 HH11 sing N N 34  
ARG NH1 HH12 sing N N 35  
ARG NH2 HH21 sing N N 36  
ARG NH2 HH22 sing N N 37  
ARG OXT HXT  sing N N 38  
ASN N   CA   sing N N 39  
ASN N   H    sing N N 40  
ASN N   H2   sing N N 41  
ASN CA  C    sing N N 42  
ASN CA  CB   sing N N 43  
ASN CA  HA   sing N N 44  
ASN C   O    doub N N 45  
ASN C   OXT  sing N N 46  
ASN CB  CG   sing N N 47  
ASN CB  HB2  sing N N 48  
ASN CB  HB3  sing N N 49  
ASN CG  OD1  doub N N 50  
ASN CG  ND2  sing N N 51  
ASN ND2 HD21 sing N N 52  
ASN ND2 HD22 sing N N 53  
ASN OXT HXT  sing N N 54  
ASP N   CA   sing N N 55  
ASP N   H    sing N N 56  
ASP N   H2   sing N N 57  
ASP CA  C    sing N N 58  
ASP CA  CB   sing N N 59  
ASP CA  HA   sing N N 60  
ASP C   O    doub N N 61  
ASP C   OXT  sing N N 62  
ASP CB  CG   sing N N 63  
ASP CB  HB2  sing N N 64  
ASP CB  HB3  sing N N 65  
ASP CG  OD1  doub N N 66  
ASP CG  OD2  sing N N 67  
ASP OD2 HD2  sing N N 68  
ASP OXT HXT  sing N N 69  
CYS N   CA   sing N N 70  
CYS N   H    sing N N 71  
CYS N   H2   sing N N 72  
CYS CA  C    sing N N 73  
CYS CA  CB   sing N N 74  
CYS CA  HA   sing N N 75  
CYS C   O    doub N N 76  
CYS C   OXT  sing N N 77  
CYS CB  SG   sing N N 78  
CYS CB  HB2  sing N N 79  
CYS CB  HB3  sing N N 80  
CYS SG  HG   sing N N 81  
CYS OXT HXT  sing N N 82  
GLN N   CA   sing N N 83  
GLN N   H    sing N N 84  
GLN N   H2   sing N N 85  
GLN CA  C    sing N N 86  
GLN CA  CB   sing N N 87  
GLN CA  HA   sing N N 88  
GLN C   O    doub N N 89  
GLN C   OXT  sing N N 90  
GLN CB  CG   sing N N 91  
GLN CB  HB2  sing N N 92  
GLN CB  HB3  sing N N 93  
GLN CG  CD   sing N N 94  
GLN CG  HG2  sing N N 95  
GLN CG  HG3  sing N N 96  
GLN CD  OE1  doub N N 97  
GLN CD  NE2  sing N N 98  
GLN NE2 HE21 sing N N 99  
GLN NE2 HE22 sing N N 100 
GLN OXT HXT  sing N N 101 
GLU N   CA   sing N N 102 
GLU N   H    sing N N 103 
GLU N   H2   sing N N 104 
GLU CA  C    sing N N 105 
GLU CA  CB   sing N N 106 
GLU CA  HA   sing N N 107 
GLU C   O    doub N N 108 
GLU C   OXT  sing N N 109 
GLU CB  CG   sing N N 110 
GLU CB  HB2  sing N N 111 
GLU CB  HB3  sing N N 112 
GLU CG  CD   sing N N 113 
GLU CG  HG2  sing N N 114 
GLU CG  HG3  sing N N 115 
GLU CD  OE1  doub N N 116 
GLU CD  OE2  sing N N 117 
GLU OE2 HE2  sing N N 118 
GLU OXT HXT  sing N N 119 
GLY N   CA   sing N N 120 
GLY N   H    sing N N 121 
GLY N   H2   sing N N 122 
GLY CA  C    sing N N 123 
GLY CA  HA2  sing N N 124 
GLY CA  HA3  sing N N 125 
GLY C   O    doub N N 126 
GLY C   OXT  sing N N 127 
GLY OXT HXT  sing N N 128 
HIS N   CA   sing N N 129 
HIS N   H    sing N N 130 
HIS N   H2   sing N N 131 
HIS CA  C    sing N N 132 
HIS CA  CB   sing N N 133 
HIS CA  HA   sing N N 134 
HIS C   O    doub N N 135 
HIS C   OXT  sing N N 136 
HIS CB  CG   sing N N 137 
HIS CB  HB2  sing N N 138 
HIS CB  HB3  sing N N 139 
HIS CG  ND1  sing Y N 140 
HIS CG  CD2  doub Y N 141 
HIS ND1 CE1  doub Y N 142 
HIS ND1 HD1  sing N N 143 
HIS CD2 NE2  sing Y N 144 
HIS CD2 HD2  sing N N 145 
HIS CE1 NE2  sing Y N 146 
HIS CE1 HE1  sing N N 147 
HIS NE2 HE2  sing N N 148 
HIS OXT HXT  sing N N 149 
ILE N   CA   sing N N 150 
ILE N   H    sing N N 151 
ILE N   H2   sing N N 152 
ILE CA  C    sing N N 153 
ILE CA  CB   sing N N 154 
ILE CA  HA   sing N N 155 
ILE C   O    doub N N 156 
ILE C   OXT  sing N N 157 
ILE CB  CG1  sing N N 158 
ILE CB  CG2  sing N N 159 
ILE CB  HB   sing N N 160 
ILE CG1 CD1  sing N N 161 
ILE CG1 HG12 sing N N 162 
ILE CG1 HG13 sing N N 163 
ILE CG2 HG21 sing N N 164 
ILE CG2 HG22 sing N N 165 
ILE CG2 HG23 sing N N 166 
ILE CD1 HD11 sing N N 167 
ILE CD1 HD12 sing N N 168 
ILE CD1 HD13 sing N N 169 
ILE OXT HXT  sing N N 170 
LEU N   CA   sing N N 171 
LEU N   H    sing N N 172 
LEU N   H2   sing N N 173 
LEU CA  C    sing N N 174 
LEU CA  CB   sing N N 175 
LEU CA  HA   sing N N 176 
LEU C   O    doub N N 177 
LEU C   OXT  sing N N 178 
LEU CB  CG   sing N N 179 
LEU CB  HB2  sing N N 180 
LEU CB  HB3  sing N N 181 
LEU CG  CD1  sing N N 182 
LEU CG  CD2  sing N N 183 
LEU CG  HG   sing N N 184 
LEU CD1 HD11 sing N N 185 
LEU CD1 HD12 sing N N 186 
LEU CD1 HD13 sing N N 187 
LEU CD2 HD21 sing N N 188 
LEU CD2 HD22 sing N N 189 
LEU CD2 HD23 sing N N 190 
LEU OXT HXT  sing N N 191 
LYS N   CA   sing N N 192 
LYS N   H    sing N N 193 
LYS N   H2   sing N N 194 
LYS CA  C    sing N N 195 
LYS CA  CB   sing N N 196 
LYS CA  HA   sing N N 197 
LYS C   O    doub N N 198 
LYS C   OXT  sing N N 199 
LYS CB  CG   sing N N 200 
LYS CB  HB2  sing N N 201 
LYS CB  HB3  sing N N 202 
LYS CG  CD   sing N N 203 
LYS CG  HG2  sing N N 204 
LYS CG  HG3  sing N N 205 
LYS CD  CE   sing N N 206 
LYS CD  HD2  sing N N 207 
LYS CD  HD3  sing N N 208 
LYS CE  NZ   sing N N 209 
LYS CE  HE2  sing N N 210 
LYS CE  HE3  sing N N 211 
LYS NZ  HZ1  sing N N 212 
LYS NZ  HZ2  sing N N 213 
LYS NZ  HZ3  sing N N 214 
LYS OXT HXT  sing N N 215 
MET N   CA   sing N N 216 
MET N   H    sing N N 217 
MET N   H2   sing N N 218 
MET CA  C    sing N N 219 
MET CA  CB   sing N N 220 
MET CA  HA   sing N N 221 
MET C   O    doub N N 222 
MET C   OXT  sing N N 223 
MET CB  CG   sing N N 224 
MET CB  HB2  sing N N 225 
MET CB  HB3  sing N N 226 
MET CG  SD   sing N N 227 
MET CG  HG2  sing N N 228 
MET CG  HG3  sing N N 229 
MET SD  CE   sing N N 230 
MET CE  HE1  sing N N 231 
MET CE  HE2  sing N N 232 
MET CE  HE3  sing N N 233 
MET OXT HXT  sing N N 234 
PHE N   CA   sing N N 235 
PHE N   H    sing N N 236 
PHE N   H2   sing N N 237 
PHE CA  C    sing N N 238 
PHE CA  CB   sing N N 239 
PHE CA  HA   sing N N 240 
PHE C   O    doub N N 241 
PHE C   OXT  sing N N 242 
PHE CB  CG   sing N N 243 
PHE CB  HB2  sing N N 244 
PHE CB  HB3  sing N N 245 
PHE CG  CD1  doub Y N 246 
PHE CG  CD2  sing Y N 247 
PHE CD1 CE1  sing Y N 248 
PHE CD1 HD1  sing N N 249 
PHE CD2 CE2  doub Y N 250 
PHE CD2 HD2  sing N N 251 
PHE CE1 CZ   doub Y N 252 
PHE CE1 HE1  sing N N 253 
PHE CE2 CZ   sing Y N 254 
PHE CE2 HE2  sing N N 255 
PHE CZ  HZ   sing N N 256 
PHE OXT HXT  sing N N 257 
PRO N   CA   sing N N 258 
PRO N   CD   sing N N 259 
PRO N   H    sing N N 260 
PRO CA  C    sing N N 261 
PRO CA  CB   sing N N 262 
PRO CA  HA   sing N N 263 
PRO C   O    doub N N 264 
PRO C   OXT  sing N N 265 
PRO CB  CG   sing N N 266 
PRO CB  HB2  sing N N 267 
PRO CB  HB3  sing N N 268 
PRO CG  CD   sing N N 269 
PRO CG  HG2  sing N N 270 
PRO CG  HG3  sing N N 271 
PRO CD  HD2  sing N N 272 
PRO CD  HD3  sing N N 273 
PRO OXT HXT  sing N N 274 
SER N   CA   sing N N 275 
SER N   H    sing N N 276 
SER N   H2   sing N N 277 
SER CA  C    sing N N 278 
SER CA  CB   sing N N 279 
SER CA  HA   sing N N 280 
SER C   O    doub N N 281 
SER C   OXT  sing N N 282 
SER CB  OG   sing N N 283 
SER CB  HB2  sing N N 284 
SER CB  HB3  sing N N 285 
SER OG  HG   sing N N 286 
SER OXT HXT  sing N N 287 
THR N   CA   sing N N 288 
THR N   H    sing N N 289 
THR N   H2   sing N N 290 
THR CA  C    sing N N 291 
THR CA  CB   sing N N 292 
THR CA  HA   sing N N 293 
THR C   O    doub N N 294 
THR C   OXT  sing N N 295 
THR CB  OG1  sing N N 296 
THR CB  CG2  sing N N 297 
THR CB  HB   sing N N 298 
THR OG1 HG1  sing N N 299 
THR CG2 HG21 sing N N 300 
THR CG2 HG22 sing N N 301 
THR CG2 HG23 sing N N 302 
THR OXT HXT  sing N N 303 
TRP N   CA   sing N N 304 
TRP N   H    sing N N 305 
TRP N   H2   sing N N 306 
TRP CA  C    sing N N 307 
TRP CA  CB   sing N N 308 
TRP CA  HA   sing N N 309 
TRP C   O    doub N N 310 
TRP C   OXT  sing N N 311 
TRP CB  CG   sing N N 312 
TRP CB  HB2  sing N N 313 
TRP CB  HB3  sing N N 314 
TRP CG  CD1  doub Y N 315 
TRP CG  CD2  sing Y N 316 
TRP CD1 NE1  sing Y N 317 
TRP CD1 HD1  sing N N 318 
TRP CD2 CE2  doub Y N 319 
TRP CD2 CE3  sing Y N 320 
TRP NE1 CE2  sing Y N 321 
TRP NE1 HE1  sing N N 322 
TRP CE2 CZ2  sing Y N 323 
TRP CE3 CZ3  doub Y N 324 
TRP CE3 HE3  sing N N 325 
TRP CZ2 CH2  doub Y N 326 
TRP CZ2 HZ2  sing N N 327 
TRP CZ3 CH2  sing Y N 328 
TRP CZ3 HZ3  sing N N 329 
TRP CH2 HH2  sing N N 330 
TRP OXT HXT  sing N N 331 
TYR N   CA   sing N N 332 
TYR N   H    sing N N 333 
TYR N   H2   sing N N 334 
TYR CA  C    sing N N 335 
TYR CA  CB   sing N N 336 
TYR CA  HA   sing N N 337 
TYR C   O    doub N N 338 
TYR C   OXT  sing N N 339 
TYR CB  CG   sing N N 340 
TYR CB  HB2  sing N N 341 
TYR CB  HB3  sing N N 342 
TYR CG  CD1  doub Y N 343 
TYR CG  CD2  sing Y N 344 
TYR CD1 CE1  sing Y N 345 
TYR CD1 HD1  sing N N 346 
TYR CD2 CE2  doub Y N 347 
TYR CD2 HD2  sing N N 348 
TYR CE1 CZ   doub Y N 349 
TYR CE1 HE1  sing N N 350 
TYR CE2 CZ   sing Y N 351 
TYR CE2 HE2  sing N N 352 
TYR CZ  OH   sing N N 353 
TYR OH  HH   sing N N 354 
TYR OXT HXT  sing N N 355 
VAL N   CA   sing N N 356 
VAL N   H    sing N N 357 
VAL N   H2   sing N N 358 
VAL CA  C    sing N N 359 
VAL CA  CB   sing N N 360 
VAL CA  HA   sing N N 361 
VAL C   O    doub N N 362 
VAL C   OXT  sing N N 363 
VAL CB  CG1  sing N N 364 
VAL CB  CG2  sing N N 365 
VAL CB  HB   sing N N 366 
VAL CG1 HG11 sing N N 367 
VAL CG1 HG12 sing N N 368 
VAL CG1 HG13 sing N N 369 
VAL CG2 HG21 sing N N 370 
VAL CG2 HG22 sing N N 371 
VAL CG2 HG23 sing N N 372 
VAL OXT HXT  sing N N 373 
# 
_atom_sites.entry_id                    1COO 
_atom_sites.fract_transf_matrix[1][1]   1.000000 
_atom_sites.fract_transf_matrix[1][2]   0.000000 
_atom_sites.fract_transf_matrix[1][3]   0.000000 
_atom_sites.fract_transf_matrix[2][1]   0.000000 
_atom_sites.fract_transf_matrix[2][2]   1.000000 
_atom_sites.fract_transf_matrix[2][3]   0.000000 
_atom_sites.fract_transf_matrix[3][1]   0.000000 
_atom_sites.fract_transf_matrix[3][2]   0.000000 
_atom_sites.fract_transf_matrix[3][3]   1.000000 
_atom_sites.fract_transf_vector[1]      0.00000 
_atom_sites.fract_transf_vector[2]      0.00000 
_atom_sites.fract_transf_vector[3]      0.00000 
# 
_atom_sites_footnote.id     1 
_atom_sites_footnote.text   'CIS PROLINE - PRO     322' 
# 
loop_
_atom_type.symbol 
C 
H 
N 
O 
S 
# 
loop_
_atom_site.group_PDB 
_atom_site.id 
_atom_site.type_symbol 
_atom_site.label_atom_id 
_atom_site.label_alt_id 
_atom_site.label_comp_id 
_atom_site.label_asym_id 
_atom_site.label_entity_id 
_atom_site.label_seq_id 
_atom_site.pdbx_PDB_ins_code 
_atom_site.Cartn_x 
_atom_site.Cartn_y 
_atom_site.Cartn_z 
_atom_site.occupancy 
_atom_site.B_iso_or_equiv 
_atom_site.pdbx_formal_charge 
_atom_site.auth_seq_id 
_atom_site.auth_comp_id 
_atom_site.auth_asym_id 
_atom_site.auth_atom_id 
_atom_site.pdbx_PDB_model_num 
ATOM 1    N N    . PHE A 1 18 ? 7.028   -13.746 4.385   1.00 1.52 ? 249 PHE A N    1 
ATOM 2    C CA   . PHE A 1 18 ? 6.269   -12.485 4.147   1.00 0.96 ? 249 PHE A CA   1 
ATOM 3    C C    . PHE A 1 18 ? 7.027   -11.612 3.151   1.00 0.87 ? 249 PHE A C    1 
ATOM 4    O O    . PHE A 1 18 ? 8.207   -11.790 2.920   1.00 1.16 ? 249 PHE A O    1 
ATOM 5    C CB   . PHE A 1 18 ? 6.108   -11.724 5.462   1.00 1.48 ? 249 PHE A CB   1 
ATOM 6    C CG   . PHE A 1 18 ? 4.647   -11.675 5.836   1.00 0.90 ? 249 PHE A CG   1 
ATOM 7    C CD1  . PHE A 1 18 ? 3.822   -12.776 5.578   1.00 1.37 ? 249 PHE A CD1  1 
ATOM 8    C CD2  . PHE A 1 18 ? 4.116   -10.530 6.442   1.00 1.42 ? 249 PHE A CD2  1 
ATOM 9    C CE1  . PHE A 1 18 ? 2.467   -12.734 5.926   1.00 1.42 ? 249 PHE A CE1  1 
ATOM 10   C CE2  . PHE A 1 18 ? 2.761   -10.487 6.791   1.00 1.44 ? 249 PHE A CE2  1 
ATOM 11   C CZ   . PHE A 1 18 ? 1.937   -11.590 6.533   1.00 1.00 ? 249 PHE A CZ   1 
ATOM 12   H H    . PHE A 1 18 ? 7.878   -13.724 4.871   1.00 1.90 ? 249 PHE A H    1 
ATOM 13   H HA   . PHE A 1 18 ? 5.294   -12.720 3.748   1.00 1.31 ? 249 PHE A HA   1 
ATOM 14   H HB2  . PHE A 1 18 ? 6.662   -12.225 6.239   1.00 2.28 ? 249 PHE A HB2  1 
ATOM 15   H HB3  . PHE A 1 18 ? 6.481   -10.717 5.345   1.00 2.15 ? 249 PHE A HB3  1 
ATOM 16   H HD1  . PHE A 1 18 ? 4.231   -13.659 5.109   1.00 2.25 ? 249 PHE A HD1  1 
ATOM 17   H HD2  . PHE A 1 18 ? 4.751   -9.681  6.642   1.00 2.32 ? 249 PHE A HD2  1 
ATOM 18   H HE1  . PHE A 1 18 ? 1.832   -13.583 5.727   1.00 2.32 ? 249 PHE A HE1  1 
ATOM 19   H HE2  . PHE A 1 18 ? 2.350   -9.604  7.257   1.00 2.33 ? 249 PHE A HE2  1 
ATOM 20   H HZ   . PHE A 1 18 ? 0.893   -11.559 6.803   1.00 1.43 ? 249 PHE A HZ   1 
ATOM 21   N N    . ASP A 1 19 ? 6.353   -10.669 2.565   1.00 0.97 ? 250 ASP A N    1 
ATOM 22   C CA   . ASP A 1 19 ? 7.015   -9.769  1.582   1.00 1.10 ? 250 ASP A CA   1 
ATOM 23   C C    . ASP A 1 19 ? 7.586   -8.557  2.331   1.00 0.89 ? 250 ASP A C    1 
ATOM 24   O O    . ASP A 1 19 ? 6.878   -7.915  3.085   1.00 0.77 ? 250 ASP A O    1 
ATOM 25   C CB   . ASP A 1 19 ? 5.968   -9.316  0.558   1.00 1.47 ? 250 ASP A CB   1 
ATOM 26   C CG   . ASP A 1 19 ? 6.603   -8.402  -0.490  1.00 1.31 ? 250 ASP A CG   1 
ATOM 27   O OD1  . ASP A 1 19 ? 7.612   -8.790  -1.055  1.00 1.63 ? 250 ASP A OD1  1 
ATOM 28   O OD2  . ASP A 1 19 ? 6.057   -7.336  -0.722  1.00 1.28 ? 250 ASP A OD2  1 
ATOM 29   H H    . ASP A 1 19 ? 5.403   -10.548 2.775   1.00 1.25 ? 250 ASP A H    1 
ATOM 30   H HA   . ASP A 1 19 ? 7.806   -10.304 1.080   1.00 1.25 ? 250 ASP A HA   1 
ATOM 31   H HB2  . ASP A 1 19 ? 5.551   -10.183 0.069   1.00 1.97 ? 250 ASP A HB2  1 
ATOM 32   H HB3  . ASP A 1 19 ? 5.181   -8.781  1.067   1.00 1.58 ? 250 ASP A HB3  1 
ATOM 33   N N    . PRO A 1 20 ? 8.848   -8.274  2.108   1.00 0.93 ? 251 PRO A N    1 
ATOM 34   C CA   . PRO A 1 20 ? 9.528   -7.146  2.770   1.00 0.85 ? 251 PRO A CA   1 
ATOM 35   C C    . PRO A 1 20 ? 8.945   -5.825  2.279   1.00 0.68 ? 251 PRO A C    1 
ATOM 36   O O    . PRO A 1 20 ? 8.427   -5.049  3.055   1.00 0.61 ? 251 PRO A O    1 
ATOM 37   C CB   . PRO A 1 20 ? 11.000  -7.323  2.380   1.00 1.07 ? 251 PRO A CB   1 
ATOM 38   C CG   . PRO A 1 20 ? 11.003  -8.201  1.110   1.00 1.19 ? 251 PRO A CG   1 
ATOM 39   C CD   . PRO A 1 20 ? 9.701   -9.022  1.161   1.00 1.14 ? 251 PRO A CD   1 
ATOM 40   H HA   . PRO A 1 20 ? 9.424   -7.225  3.841   1.00 0.85 ? 251 PRO A HA   1 
ATOM 41   H HB2  . PRO A 1 20 ? 11.448  -6.361  2.173   1.00 1.06 ? 251 PRO A HB2  1 
ATOM 42   H HB3  . PRO A 1 20 ? 11.536  -7.825  3.169   1.00 1.20 ? 251 PRO A HB3  1 
ATOM 43   H HG2  . PRO A 1 20 ? 11.021  -7.577  0.226   1.00 1.16 ? 251 PRO A HG2  1 
ATOM 44   H HG3  . PRO A 1 20 ? 11.855  -8.865  1.116   1.00 1.39 ? 251 PRO A HG3  1 
ATOM 45   H HD2  . PRO A 1 20 ? 9.245   -9.066  0.184   1.00 1.18 ? 251 PRO A HD2  1 
ATOM 46   H HD3  . PRO A 1 20 ? 9.894   -10.015 1.537   1.00 1.30 ? 251 PRO A HD3  1 
ATOM 47   N N    . ILE A 1 21 ? 8.991   -5.570  1.003   1.00 0.78 ? 252 ILE A N    1 
ATOM 48   C CA   . ILE A 1 21 ? 8.393   -4.304  0.496   1.00 0.74 ? 252 ILE A CA   1 
ATOM 49   C C    . ILE A 1 21 ? 7.006   -4.163  1.127   1.00 0.60 ? 252 ILE A C    1 
ATOM 50   O O    . ILE A 1 21 ? 6.609   -3.101  1.563   1.00 0.63 ? 252 ILE A O    1 
ATOM 51   C CB   . ILE A 1 21 ? 8.287   -4.352  -1.044  1.00 0.96 ? 252 ILE A CB   1 
ATOM 52   C CG1  . ILE A 1 21 ? 7.100   -3.496  -1.538  1.00 1.10 ? 252 ILE A CG1  1 
ATOM 53   C CG2  . ILE A 1 21 ? 8.116   -5.799  -1.518  1.00 1.25 ? 252 ILE A CG2  1 
ATOM 54   C CD1  . ILE A 1 21 ? 5.763   -4.230  -1.329  1.00 1.27 ? 252 ILE A CD1  1 
ATOM 55   H H    . ILE A 1 21 ? 9.395   -6.213  0.384   1.00 0.96 ? 252 ILE A H    1 
ATOM 56   H HA   . ILE A 1 21 ? 9.012   -3.471  0.795   1.00 0.78 ? 252 ILE A HA   1 
ATOM 57   H HB   . ILE A 1 21 ? 9.202   -3.958  -1.465  1.00 1.58 ? 252 ILE A HB   1 
ATOM 58   H HG12 . ILE A 1 21 ? 7.082   -2.565  -0.989  1.00 1.38 ? 252 ILE A HG12 1 
ATOM 59   H HG13 . ILE A 1 21 ? 7.228   -3.286  -2.589  1.00 1.38 ? 252 ILE A HG13 1 
ATOM 60   H HG21 . ILE A 1 21 ? 7.914   -6.435  -0.672  1.00 1.69 ? 252 ILE A HG21 1 
ATOM 61   H HG22 . ILE A 1 21 ? 7.292   -5.855  -2.213  1.00 1.74 ? 252 ILE A HG22 1 
ATOM 62   H HG23 . ILE A 1 21 ? 9.021   -6.128  -2.007  1.00 1.76 ? 252 ILE A HG23 1 
ATOM 63   H HD11 . ILE A 1 21 ? 5.941   -5.275  -1.130  1.00 1.64 ? 252 ILE A HD11 1 
ATOM 64   H HD12 . ILE A 1 21 ? 5.240   -3.792  -0.490  1.00 1.72 ? 252 ILE A HD12 1 
ATOM 65   H HD13 . ILE A 1 21 ? 5.155   -4.133  -2.216  1.00 1.62 ? 252 ILE A HD13 1 
ATOM 66   N N    . LEU A 1 22 ? 6.271   -5.241  1.176   1.00 0.70 ? 253 LEU A N    1 
ATOM 67   C CA   . LEU A 1 22 ? 4.908   -5.200  1.775   1.00 0.78 ? 253 LEU A CA   1 
ATOM 68   C C    . LEU A 1 22 ? 4.990   -4.674  3.211   1.00 0.68 ? 253 LEU A C    1 
ATOM 69   O O    . LEU A 1 22 ? 4.267   -3.777  3.592   1.00 0.77 ? 253 LEU A O    1 
ATOM 70   C CB   . LEU A 1 22 ? 4.319   -6.614  1.776   1.00 1.02 ? 253 LEU A CB   1 
ATOM 71   C CG   . LEU A 1 22 ? 2.812   -6.557  2.038   1.00 0.72 ? 253 LEU A CG   1 
ATOM 72   C CD1  . LEU A 1 22 ? 2.169   -5.493  1.146   1.00 1.28 ? 253 LEU A CD1  1 
ATOM 73   C CD2  . LEU A 1 22 ? 2.193   -7.922  1.724   1.00 1.36 ? 253 LEU A CD2  1 
ATOM 74   H H    . LEU A 1 22 ? 6.618   -6.084  0.818   1.00 0.85 ? 253 LEU A H    1 
ATOM 75   H HA   . LEU A 1 22 ? 4.280   -4.549  1.187   1.00 0.86 ? 253 LEU A HA   1 
ATOM 76   H HB2  . LEU A 1 22 ? 4.497   -7.075  0.816   1.00 1.45 ? 253 LEU A HB2  1 
ATOM 77   H HB3  . LEU A 1 22 ? 4.795   -7.199  2.549   1.00 1.45 ? 253 LEU A HB3  1 
ATOM 78   H HG   . LEU A 1 22 ? 2.635   -6.311  3.076   1.00 1.60 ? 253 LEU A HG   1 
ATOM 79   H HD11 . LEU A 1 22 ? 2.646   -5.502  0.177   1.00 1.87 ? 253 LEU A HD11 1 
ATOM 80   H HD12 . LEU A 1 22 ? 1.117   -5.705  1.032   1.00 1.88 ? 253 LEU A HD12 1 
ATOM 81   H HD13 . LEU A 1 22 ? 2.295   -4.521  1.598   1.00 1.82 ? 253 LEU A HD13 1 
ATOM 82   H HD21 . LEU A 1 22 ? 2.695   -8.687  2.298   1.00 1.91 ? 253 LEU A HD21 1 
ATOM 83   H HD22 . LEU A 1 22 ? 1.144   -7.910  1.981   1.00 1.92 ? 253 LEU A HD22 1 
ATOM 84   H HD23 . LEU A 1 22 ? 2.303   -8.133  0.670   1.00 1.94 ? 253 LEU A HD23 1 
ATOM 85   N N    . LEU A 1 23 ? 5.865   -5.224  4.013   1.00 0.63 ? 254 LEU A N    1 
ATOM 86   C CA   . LEU A 1 23 ? 5.977   -4.741  5.425   1.00 0.71 ? 254 LEU A CA   1 
ATOM 87   C C    . LEU A 1 23 ? 6.362   -3.260  5.432   1.00 0.59 ? 254 LEU A C    1 
ATOM 88   O O    . LEU A 1 23 ? 6.040   -2.528  6.346   1.00 0.73 ? 254 LEU A O    1 
ATOM 89   C CB   . LEU A 1 23 ? 7.059   -5.524  6.182   1.00 0.90 ? 254 LEU A CB   1 
ATOM 90   C CG   . LEU A 1 23 ? 7.184   -6.941  5.626   1.00 0.71 ? 254 LEU A CG   1 
ATOM 91   C CD1  . LEU A 1 23 ? 7.995   -7.799  6.600   1.00 1.43 ? 254 LEU A CD1  1 
ATOM 92   C CD2  . LEU A 1 23 ? 5.791   -7.551  5.451   1.00 1.11 ? 254 LEU A CD2  1 
ATOM 93   H H    . LEU A 1 23 ? 6.441   -5.951  3.686   1.00 0.66 ? 254 LEU A H    1 
ATOM 94   H HA   . LEU A 1 23 ? 5.027   -4.868  5.923   1.00 0.85 ? 254 LEU A HA   1 
ATOM 95   H HB2  . LEU A 1 23 ? 8.006   -5.016  6.078   1.00 1.48 ? 254 LEU A HB2  1 
ATOM 96   H HB3  . LEU A 1 23 ? 6.795   -5.575  7.228   1.00 1.44 ? 254 LEU A HB3  1 
ATOM 97   H HG   . LEU A 1 23 ? 7.692   -6.907  4.674   1.00 1.16 ? 254 LEU A HG   1 
ATOM 98   H HD11 . LEU A 1 23 ? 8.174   -7.240  7.508   1.00 2.01 ? 254 LEU A HD11 1 
ATOM 99   H HD12 . LEU A 1 23 ? 7.444   -8.698  6.834   1.00 1.83 ? 254 LEU A HD12 1 
ATOM 100  H HD13 . LEU A 1 23 ? 8.940   -8.063  6.149   1.00 1.95 ? 254 LEU A HD13 1 
ATOM 101  H HD21 . LEU A 1 23 ? 5.126   -7.147  6.200   1.00 1.63 ? 254 LEU A HD21 1 
ATOM 102  H HD22 . LEU A 1 23 ? 5.413   -7.312  4.468   1.00 1.72 ? 254 LEU A HD22 1 
ATOM 103  H HD23 . LEU A 1 23 ? 5.851   -8.622  5.563   1.00 1.66 ? 254 LEU A HD23 1 
ATOM 104  N N    . ARG A 1 24 ? 7.069   -2.823  4.429   1.00 0.47 ? 255 ARG A N    1 
ATOM 105  C CA   . ARG A 1 24 ? 7.506   -1.399  4.379   1.00 0.46 ? 255 ARG A CA   1 
ATOM 106  C C    . ARG A 1 24 ? 6.296   -0.453  4.397   1.00 0.37 ? 255 ARG A C    1 
ATOM 107  O O    . ARG A 1 24 ? 5.192   -0.833  4.044   1.00 0.37 ? 255 ARG A O    1 
ATOM 108  C CB   . ARG A 1 24 ? 8.314   -1.167  3.101   1.00 0.52 ? 255 ARG A CB   1 
ATOM 109  C CG   . ARG A 1 24 ? 9.784   -0.945  3.457   1.00 0.92 ? 255 ARG A CG   1 
ATOM 110  C CD   . ARG A 1 24 ? 10.438  -0.060  2.396   1.00 0.73 ? 255 ARG A CD   1 
ATOM 111  N NE   . ARG A 1 24 ? 11.919  -0.111  2.556   1.00 1.23 ? 255 ARG A NE   1 
ATOM 112  C CZ   . ARG A 1 24 ? 12.578  -1.186  2.219   1.00 1.57 ? 255 ARG A CZ   1 
ATOM 113  N NH1  . ARG A 1 24 ? 11.944  -2.222  1.739   1.00 2.11 ? 255 ARG A NH1  1 
ATOM 114  N NH2  . ARG A 1 24 ? 13.873  -1.228  2.365   1.00 2.12 ? 255 ARG A NH2  1 
ATOM 115  H H    . ARG A 1 24 ? 7.330   -3.438  3.713   1.00 0.50 ? 255 ARG A H    1 
ATOM 116  H HA   . ARG A 1 24 ? 8.132   -1.190  5.233   1.00 0.60 ? 255 ARG A HA   1 
ATOM 117  H HB2  . ARG A 1 24 ? 8.226   -2.032  2.458   1.00 0.97 ? 255 ARG A HB2  1 
ATOM 118  H HB3  . ARG A 1 24 ? 7.934   -0.297  2.587   1.00 1.03 ? 255 ARG A HB3  1 
ATOM 119  H HG2  . ARG A 1 24 ? 9.852   -0.462  4.422   1.00 1.50 ? 255 ARG A HG2  1 
ATOM 120  H HG3  . ARG A 1 24 ? 10.293  -1.896  3.493   1.00 1.47 ? 255 ARG A HG3  1 
ATOM 121  H HD2  . ARG A 1 24 ? 10.170  -0.418  1.412   1.00 0.87 ? 255 ARG A HD2  1 
ATOM 122  H HD3  . ARG A 1 24 ? 10.098  0.958   2.514   1.00 0.85 ? 255 ARG A HD3  1 
ATOM 123  H HE   . ARG A 1 24 ? 12.398  0.664   2.916   1.00 1.88 ? 255 ARG A HE   1 
ATOM 124  H HH11 . ARG A 1 24 ? 10.950  -2.195  1.628   1.00 2.12 ? 255 ARG A HH11 1 
ATOM 125  H HH12 . ARG A 1 24 ? 12.452  -3.045  1.483   1.00 2.83 ? 255 ARG A HH12 1 
ATOM 126  H HH21 . ARG A 1 24 ? 14.360  -0.436  2.735   1.00 2.44 ? 255 ARG A HH21 1 
ATOM 127  H HH22 . ARG A 1 24 ? 14.381  -2.050  2.108   1.00 2.57 ? 255 ARG A HH22 1 
ATOM 128  N N    . PRO A 1 25 ? 6.552   0.764   4.809   1.00 0.37 ? 256 PRO A N    1 
ATOM 129  C CA   . PRO A 1 25 ? 5.525   1.813   4.883   1.00 0.37 ? 256 PRO A CA   1 
ATOM 130  C C    . PRO A 1 25 ? 5.334   2.456   3.504   1.00 0.38 ? 256 PRO A C    1 
ATOM 131  O O    . PRO A 1 25 ? 6.291   2.818   2.851   1.00 0.43 ? 256 PRO A O    1 
ATOM 132  C CB   . PRO A 1 25 ? 6.117   2.824   5.867   1.00 0.43 ? 256 PRO A CB   1 
ATOM 133  C CG   . PRO A 1 25 ? 7.650   2.605   5.849   1.00 0.45 ? 256 PRO A CG   1 
ATOM 134  C CD   . PRO A 1 25 ? 7.891   1.203   5.254   1.00 0.42 ? 256 PRO A CD   1 
ATOM 135  H HA   . PRO A 1 25 ? 4.601   1.417   5.261   1.00 0.38 ? 256 PRO A HA   1 
ATOM 136  H HB2  . PRO A 1 25 ? 5.879   3.831   5.551   1.00 0.47 ? 256 PRO A HB2  1 
ATOM 137  H HB3  . PRO A 1 25 ? 5.736   2.644   6.859   1.00 0.47 ? 256 PRO A HB3  1 
ATOM 138  H HG2  . PRO A 1 25 ? 8.124   3.357   5.234   1.00 0.49 ? 256 PRO A HG2  1 
ATOM 139  H HG3  . PRO A 1 25 ? 8.043   2.645   6.853   1.00 0.50 ? 256 PRO A HG3  1 
ATOM 140  H HD2  . PRO A 1 25 ? 8.572   1.262   4.415   1.00 0.45 ? 256 PRO A HD2  1 
ATOM 141  H HD3  . PRO A 1 25 ? 8.272   0.532   6.007   1.00 0.46 ? 256 PRO A HD3  1 
ATOM 142  N N    . VAL A 1 26 ? 4.115   2.604   3.058   1.00 0.41 ? 257 VAL A N    1 
ATOM 143  C CA   . VAL A 1 26 ? 3.884   3.229   1.722   1.00 0.46 ? 257 VAL A CA   1 
ATOM 144  C C    . VAL A 1 26 ? 4.815   4.428   1.551   1.00 0.48 ? 257 VAL A C    1 
ATOM 145  O O    . VAL A 1 26 ? 5.408   4.620   0.512   1.00 0.58 ? 257 VAL A O    1 
ATOM 146  C CB   . VAL A 1 26 ? 2.428   3.692   1.612   1.00 0.56 ? 257 VAL A CB   1 
ATOM 147  C CG1  . VAL A 1 26 ? 1.491   2.510   1.867   1.00 1.33 ? 257 VAL A CG1  1 
ATOM 148  C CG2  . VAL A 1 26 ? 2.162   4.786   2.648   1.00 1.60 ? 257 VAL A CG2  1 
ATOM 149  H H    . VAL A 1 26 ? 3.354   2.308   3.599   1.00 0.44 ? 257 VAL A H    1 
ATOM 150  H HA   . VAL A 1 26 ? 4.091   2.508   0.947   1.00 0.47 ? 257 VAL A HA   1 
ATOM 151  H HB   . VAL A 1 26 ? 2.250   4.083   0.620   1.00 1.32 ? 257 VAL A HB   1 
ATOM 152  H HG11 . VAL A 1 26 ? 1.945   1.604   1.496   1.00 1.94 ? 257 VAL A HG11 1 
ATOM 153  H HG12 . VAL A 1 26 ? 1.313   2.415   2.928   1.00 1.94 ? 257 VAL A HG12 1 
ATOM 154  H HG13 . VAL A 1 26 ? 0.553   2.678   1.359   1.00 1.91 ? 257 VAL A HG13 1 
ATOM 155  H HG21 . VAL A 1 26 ? 2.390   4.408   3.634   1.00 2.21 ? 257 VAL A HG21 1 
ATOM 156  H HG22 . VAL A 1 26 ? 2.783   5.642   2.436   1.00 2.17 ? 257 VAL A HG22 1 
ATOM 157  H HG23 . VAL A 1 26 ? 1.122   5.076   2.606   1.00 2.13 ? 257 VAL A HG23 1 
ATOM 158  N N    . ASP A 1 27 ? 4.956   5.232   2.565   1.00 0.47 ? 258 ASP A N    1 
ATOM 159  C CA   . ASP A 1 27 ? 5.854   6.411   2.456   1.00 0.53 ? 258 ASP A CA   1 
ATOM 160  C C    . ASP A 1 27 ? 7.249   5.959   2.013   1.00 0.50 ? 258 ASP A C    1 
ATOM 161  O O    . ASP A 1 27 ? 7.803   6.471   1.061   1.00 0.54 ? 258 ASP A O    1 
ATOM 162  C CB   . ASP A 1 27 ? 5.950   7.101   3.818   1.00 0.60 ? 258 ASP A CB   1 
ATOM 163  C CG   . ASP A 1 27 ? 6.120   8.607   3.616   1.00 0.76 ? 258 ASP A CG   1 
ATOM 164  O OD1  . ASP A 1 27 ? 5.852   9.072   2.520   1.00 1.39 ? 258 ASP A OD1  1 
ATOM 165  O OD2  . ASP A 1 27 ? 6.514   9.271   4.561   1.00 1.35 ? 258 ASP A OD2  1 
ATOM 166  H H    . ASP A 1 27 ? 4.473   5.057   3.400   1.00 0.49 ? 258 ASP A H    1 
ATOM 167  H HA   . ASP A 1 27 ? 5.453   7.103   1.731   1.00 0.58 ? 258 ASP A HA   1 
ATOM 168  H HB2  . ASP A 1 27 ? 5.049   6.910   4.382   1.00 0.68 ? 258 ASP A HB2  1 
ATOM 169  H HB3  . ASP A 1 27 ? 6.801   6.714   4.358   1.00 0.63 ? 258 ASP A HB3  1 
ATOM 170  N N    . ASP A 1 28 ? 7.825   5.010   2.702   1.00 0.49 ? 259 ASP A N    1 
ATOM 171  C CA   . ASP A 1 28 ? 9.190   4.535   2.326   1.00 0.51 ? 259 ASP A CA   1 
ATOM 172  C C    . ASP A 1 28 ? 9.093   3.372   1.332   1.00 0.50 ? 259 ASP A C    1 
ATOM 173  O O    . ASP A 1 28 ? 10.078  2.734   1.016   1.00 0.59 ? 259 ASP A O    1 
ATOM 174  C CB   . ASP A 1 28 ? 9.926   4.069   3.584   1.00 0.59 ? 259 ASP A CB   1 
ATOM 175  C CG   . ASP A 1 28 ? 11.429  4.292   3.407   1.00 0.71 ? 259 ASP A CG   1 
ATOM 176  O OD1  . ASP A 1 28 ? 11.893  5.364   3.759   1.00 1.30 ? 259 ASP A OD1  1 
ATOM 177  O OD2  . ASP A 1 28 ? 12.089  3.388   2.924   1.00 1.35 ? 259 ASP A OD2  1 
ATOM 178  H H    . ASP A 1 28 ? 7.365   4.616   3.472   1.00 0.50 ? 259 ASP A H    1 
ATOM 179  H HA   . ASP A 1 28 ? 9.738   5.348   1.873   1.00 0.54 ? 259 ASP A HA   1 
ATOM 180  H HB2  . ASP A 1 28 ? 9.575   4.633   4.436   1.00 0.61 ? 259 ASP A HB2  1 
ATOM 181  H HB3  . ASP A 1 28 ? 9.737   3.018   3.743   1.00 0.65 ? 259 ASP A HB3  1 
ATOM 182  N N    . LEU A 1 29 ? 7.921   3.084   0.840   1.00 0.46 ? 260 LEU A N    1 
ATOM 183  C CA   . LEU A 1 29 ? 7.770   1.964   -0.123  1.00 0.51 ? 260 LEU A CA   1 
ATOM 184  C C    . LEU A 1 29 ? 8.620   2.256   -1.366  1.00 0.53 ? 260 LEU A C    1 
ATOM 185  O O    . LEU A 1 29 ? 8.870   1.385   -2.175  1.00 0.61 ? 260 LEU A O    1 
ATOM 186  C CB   . LEU A 1 29 ? 6.282   1.832   -0.495  1.00 0.54 ? 260 LEU A CB   1 
ATOM 187  C CG   . LEU A 1 29 ? 6.127   1.234   -1.894  1.00 0.58 ? 260 LEU A CG   1 
ATOM 188  C CD1  . LEU A 1 29 ? 6.605   -0.219  -1.886  1.00 1.29 ? 260 LEU A CD1  1 
ATOM 189  C CD2  . LEU A 1 29 ? 4.656   1.284   -2.312  1.00 1.28 ? 260 LEU A CD2  1 
ATOM 190  H H    . LEU A 1 29 ? 7.134   3.602   1.107   1.00 0.45 ? 260 LEU A H    1 
ATOM 191  H HA   . LEU A 1 29 ? 8.108   1.047   0.336   1.00 0.58 ? 260 LEU A HA   1 
ATOM 192  H HB2  . LEU A 1 29 ? 5.792   1.190   0.221   1.00 0.87 ? 260 LEU A HB2  1 
ATOM 193  H HB3  . LEU A 1 29 ? 5.821   2.808   -0.473  1.00 0.85 ? 260 LEU A HB3  1 
ATOM 194  H HG   . LEU A 1 29 ? 6.719   1.806   -2.590  1.00 1.43 ? 260 LEU A HG   1 
ATOM 195  H HD11 . LEU A 1 29 ? 6.960   -0.475  -0.899  1.00 1.92 ? 260 LEU A HD11 1 
ATOM 196  H HD12 . LEU A 1 29 ? 5.785   -0.869  -2.153  1.00 1.91 ? 260 LEU A HD12 1 
ATOM 197  H HD13 . LEU A 1 29 ? 7.406   -0.340  -2.599  1.00 1.76 ? 260 LEU A HD13 1 
ATOM 198  H HD21 . LEU A 1 29 ? 4.065   1.680   -1.500  1.00 1.80 ? 260 LEU A HD21 1 
ATOM 199  H HD22 . LEU A 1 29 ? 4.548   1.920   -3.179  1.00 1.88 ? 260 LEU A HD22 1 
ATOM 200  H HD23 . LEU A 1 29 ? 4.315   0.288   -2.551  1.00 1.85 ? 260 LEU A HD23 1 
ATOM 201  N N    . GLU A 1 30 ? 9.064   3.472   -1.523  1.00 0.52 ? 261 GLU A N    1 
ATOM 202  C CA   . GLU A 1 30 ? 9.894   3.812   -2.713  1.00 0.60 ? 261 GLU A CA   1 
ATOM 203  C C    . GLU A 1 30 ? 8.996   3.901   -3.949  1.00 0.58 ? 261 GLU A C    1 
ATOM 204  O O    . GLU A 1 30 ? 9.428   3.672   -5.061  1.00 0.66 ? 261 GLU A O    1 
ATOM 205  C CB   . GLU A 1 30 ? 10.948  2.722   -2.924  1.00 0.73 ? 261 GLU A CB   1 
ATOM 206  C CG   . GLU A 1 30 ? 12.317  3.370   -3.147  1.00 1.14 ? 261 GLU A CG   1 
ATOM 207  C CD   . GLU A 1 30 ? 13.138  2.513   -4.114  1.00 1.66 ? 261 GLU A CD   1 
ATOM 208  O OE1  . GLU A 1 30 ? 12.588  2.100   -5.122  1.00 2.10 ? 261 GLU A OE1  1 
ATOM 209  O OE2  . GLU A 1 30 ? 14.302  2.284   -3.828  1.00 2.36 ? 261 GLU A OE2  1 
ATOM 210  H H    . GLU A 1 30 ? 8.851   4.163   -0.860  1.00 0.49 ? 261 GLU A H    1 
ATOM 211  H HA   . GLU A 1 30 ? 10.383  4.761   -2.553  1.00 0.64 ? 261 GLU A HA   1 
ATOM 212  H HB2  . GLU A 1 30 ? 10.988  2.087   -2.051  1.00 0.83 ? 261 GLU A HB2  1 
ATOM 213  H HB3  . GLU A 1 30 ? 10.687  2.130   -3.788  1.00 0.85 ? 261 GLU A HB3  1 
ATOM 214  H HG2  . GLU A 1 30 ? 12.184  4.357   -3.566  1.00 1.40 ? 261 GLU A HG2  1 
ATOM 215  H HG3  . GLU A 1 30 ? 12.839  3.445   -2.205  1.00 1.49 ? 261 GLU A HG3  1 
ATOM 216  N N    . LEU A 1 31 ? 7.747   4.235   -3.764  1.00 0.52 ? 262 LEU A N    1 
ATOM 217  C CA   . LEU A 1 31 ? 6.823   4.344   -4.922  1.00 0.55 ? 262 LEU A CA   1 
ATOM 218  C C    . LEU A 1 31 ? 6.897   5.764   -5.487  1.00 0.56 ? 262 LEU A C    1 
ATOM 219  O O    . LEU A 1 31 ? 7.906   6.431   -5.376  1.00 0.77 ? 262 LEU A O    1 
ATOM 220  C CB   . LEU A 1 31 ? 5.400   4.054   -4.445  1.00 0.57 ? 262 LEU A CB   1 
ATOM 221  C CG   . LEU A 1 31 ? 4.744   3.016   -5.360  1.00 0.76 ? 262 LEU A CG   1 
ATOM 222  C CD1  . LEU A 1 31 ? 3.273   2.856   -4.971  1.00 1.26 ? 262 LEU A CD1  1 
ATOM 223  C CD2  . LEU A 1 31 ? 4.835   3.476   -6.818  1.00 1.30 ? 262 LEU A CD2  1 
ATOM 224  H H    . LEU A 1 31 ? 7.417   4.418   -2.860  1.00 0.48 ? 262 LEU A H    1 
ATOM 225  H HA   . LEU A 1 31 ? 7.105   3.632   -5.683  1.00 0.62 ? 262 LEU A HA   1 
ATOM 226  H HB2  . LEU A 1 31 ? 5.435   3.670   -3.435  1.00 0.87 ? 262 LEU A HB2  1 
ATOM 227  H HB3  . LEU A 1 31 ? 4.827   4.964   -4.460  1.00 0.86 ? 262 LEU A HB3  1 
ATOM 228  H HG   . LEU A 1 31 ? 5.249   2.069   -5.247  1.00 1.55 ? 262 LEU A HG   1 
ATOM 229  H HD11 . LEU A 1 31 ? 3.005   3.617   -4.253  1.00 1.79 ? 262 LEU A HD11 1 
ATOM 230  H HD12 . LEU A 1 31 ? 2.654   2.957   -5.850  1.00 1.83 ? 262 LEU A HD12 1 
ATOM 231  H HD13 . LEU A 1 31 ? 3.122   1.880   -4.533  1.00 1.78 ? 262 LEU A HD13 1 
ATOM 232  H HD21 . LEU A 1 31 ? 5.707   4.099   -6.947  1.00 1.83 ? 262 LEU A HD21 1 
ATOM 233  H HD22 . LEU A 1 31 ? 4.914   2.611   -7.462  1.00 1.79 ? 262 LEU A HD22 1 
ATOM 234  H HD23 . LEU A 1 31 ? 3.949   4.037   -7.076  1.00 1.88 ? 262 LEU A HD23 1 
ATOM 235  N N    . THR A 1 32 ? 5.838   6.240   -6.086  1.00 0.64 ? 263 THR A N    1 
ATOM 236  C CA   . THR A 1 32 ? 5.863   7.621   -6.641  1.00 0.64 ? 263 THR A CA   1 
ATOM 237  C C    . THR A 1 32 ? 5.687   8.619   -5.497  1.00 0.56 ? 263 THR A C    1 
ATOM 238  O O    . THR A 1 32 ? 5.755   8.264   -4.336  1.00 0.62 ? 263 THR A O    1 
ATOM 239  C CB   . THR A 1 32 ? 4.729   7.798   -7.654  1.00 0.74 ? 263 THR A CB   1 
ATOM 240  O OG1  . THR A 1 32 ? 4.326   6.524   -8.143  1.00 1.24 ? 263 THR A OG1  1 
ATOM 241  C CG2  . THR A 1 32 ? 5.214   8.669   -8.815  1.00 1.26 ? 263 THR A CG2  1 
ATOM 242  H H    . THR A 1 32 ? 5.028   5.695   -6.162  1.00 0.86 ? 263 THR A H    1 
ATOM 243  H HA   . THR A 1 32 ? 6.812   7.795   -7.128  1.00 0.69 ? 263 THR A HA   1 
ATOM 244  H HB   . THR A 1 32 ? 3.890   8.280   -7.175  1.00 0.98 ? 263 THR A HB   1 
ATOM 245  H HG1  . THR A 1 32 ? 4.670   6.422   -9.033  1.00 1.63 ? 263 THR A HG1  1 
ATOM 246  H HG21 . THR A 1 32 ? 6.240   8.958   -8.643  1.00 1.87 ? 263 THR A HG21 1 
ATOM 247  H HG22 . THR A 1 32 ? 5.148   8.110   -9.737  1.00 1.79 ? 263 THR A HG22 1 
ATOM 248  H HG23 . THR A 1 32 ? 4.597   9.553   -8.885  1.00 1.63 ? 263 THR A HG23 1 
ATOM 249  N N    . VAL A 1 33 ? 5.464   9.864   -5.809  1.00 0.65 ? 264 VAL A N    1 
ATOM 250  C CA   . VAL A 1 33 ? 5.290   10.879  -4.734  1.00 0.67 ? 264 VAL A CA   1 
ATOM 251  C C    . VAL A 1 33 ? 3.810   10.991  -4.362  1.00 0.65 ? 264 VAL A C    1 
ATOM 252  O O    . VAL A 1 33 ? 3.463   11.197  -3.215  1.00 0.72 ? 264 VAL A O    1 
ATOM 253  C CB   . VAL A 1 33 ? 5.798   12.234  -5.230  1.00 0.83 ? 264 VAL A CB   1 
ATOM 254  C CG1  . VAL A 1 33 ? 5.431   13.320  -4.217  1.00 1.72 ? 264 VAL A CG1  1 
ATOM 255  C CG2  . VAL A 1 33 ? 7.319   12.179  -5.389  1.00 1.54 ? 264 VAL A CG2  1 
ATOM 256  H H    . VAL A 1 33 ? 5.415   10.133  -6.751  1.00 0.81 ? 264 VAL A H    1 
ATOM 257  H HA   . VAL A 1 33 ? 5.857   10.581  -3.864  1.00 0.68 ? 264 VAL A HA   1 
ATOM 258  H HB   . VAL A 1 33 ? 5.341   12.462  -6.183  1.00 1.43 ? 264 VAL A HB   1 
ATOM 259  H HG11 . VAL A 1 33 ? 5.537   12.929  -3.216  1.00 2.32 ? 264 VAL A HG11 1 
ATOM 260  H HG12 . VAL A 1 33 ? 6.089   14.167  -4.344  1.00 2.22 ? 264 VAL A HG12 1 
ATOM 261  H HG13 . VAL A 1 33 ? 4.409   13.630  -4.376  1.00 2.24 ? 264 VAL A HG13 1 
ATOM 262  H HG21 . VAL A 1 33 ? 7.761   11.785  -4.487  1.00 2.11 ? 264 VAL A HG21 1 
ATOM 263  H HG22 . VAL A 1 33 ? 7.571   11.538  -6.222  1.00 2.08 ? 264 VAL A HG22 1 
ATOM 264  H HG23 . VAL A 1 33 ? 7.698   13.173  -5.572  1.00 2.09 ? 264 VAL A HG23 1 
ATOM 265  N N    . ARG A 1 34 ? 2.932   10.869  -5.321  1.00 0.69 ? 265 ARG A N    1 
ATOM 266  C CA   . ARG A 1 34 ? 1.476   10.982  -5.021  1.00 0.76 ? 265 ARG A CA   1 
ATOM 267  C C    . ARG A 1 34 ? 0.893   9.605   -4.687  1.00 0.63 ? 265 ARG A C    1 
ATOM 268  O O    . ARG A 1 34 ? -0.204  9.497   -4.177  1.00 0.66 ? 265 ARG A O    1 
ATOM 269  C CB   . ARG A 1 34 ? 0.752   11.555  -6.240  1.00 1.00 ? 265 ARG A CB   1 
ATOM 270  C CG   . ARG A 1 34 ? -0.689  11.908  -5.862  1.00 1.20 ? 265 ARG A CG   1 
ATOM 271  C CD   . ARG A 1 34 ? -1.537  12.019  -7.131  1.00 1.55 ? 265 ARG A CD   1 
ATOM 272  N NE   . ARG A 1 34 ? -1.238  13.308  -7.816  1.00 2.01 ? 265 ARG A NE   1 
ATOM 273  C CZ   . ARG A 1 34 ? -1.567  13.477  -9.071  1.00 2.53 ? 265 ARG A CZ   1 
ATOM 274  N NH1  . ARG A 1 34 ? -2.158  12.517  -9.728  1.00 2.86 ? 265 ARG A NH1  1 
ATOM 275  N NH2  . ARG A 1 34 ? -1.300  14.606  -9.667  1.00 3.31 ? 265 ARG A NH2  1 
ATOM 276  H H    . ARG A 1 34 ? 3.232   10.711  -6.241  1.00 0.75 ? 265 ARG A H    1 
ATOM 277  H HA   . ARG A 1 34 ? 1.335   11.643  -4.180  1.00 0.84 ? 265 ARG A HA   1 
ATOM 278  H HB2  . ARG A 1 34 ? 1.264   12.445  -6.577  1.00 1.11 ? 265 ARG A HB2  1 
ATOM 279  H HB3  . ARG A 1 34 ? 0.744   10.822  -7.032  1.00 1.06 ? 265 ARG A HB3  1 
ATOM 280  H HG2  . ARG A 1 34 ? -1.093  11.136  -5.223  1.00 1.51 ? 265 ARG A HG2  1 
ATOM 281  H HG3  . ARG A 1 34 ? -0.703  12.852  -5.339  1.00 1.49 ? 265 ARG A HG3  1 
ATOM 282  H HD2  . ARG A 1 34 ? -1.304  11.197  -7.792  1.00 1.99 ? 265 ARG A HD2  1 
ATOM 283  H HD3  . ARG A 1 34 ? -2.584  11.984  -6.869  1.00 2.01 ? 265 ARG A HD3  1 
ATOM 284  H HE   . ARG A 1 34 ? -0.796  14.032  -7.326  1.00 2.49 ? 265 ARG A HE   1 
ATOM 285  H HH11 . ARG A 1 34 ? -2.362  11.649  -9.273  1.00 2.74 ? 265 ARG A HH11 1 
ATOM 286  H HH12 . ARG A 1 34 ? -2.409  12.648  -10.687 1.00 3.59 ? 265 ARG A HH12 1 
ATOM 287  H HH21 . ARG A 1 34 ? -0.846  15.343  -9.166  1.00 3.61 ? 265 ARG A HH21 1 
ATOM 288  H HH22 . ARG A 1 34 ? -1.551  14.736  -10.627 1.00 3.85 ? 265 ARG A HH22 1 
ATOM 289  N N    . SER A 1 35 ? 1.606   8.551   -4.972  1.00 0.58 ? 266 SER A N    1 
ATOM 290  C CA   . SER A 1 35 ? 1.073   7.191   -4.669  1.00 0.54 ? 266 SER A CA   1 
ATOM 291  C C    . SER A 1 35 ? 1.415   6.810   -3.227  1.00 0.45 ? 266 SER A C    1 
ATOM 292  O O    . SER A 1 35 ? 0.575   6.842   -2.349  1.00 0.48 ? 266 SER A O    1 
ATOM 293  C CB   . SER A 1 35 ? 1.695   6.175   -5.626  1.00 0.66 ? 266 SER A CB   1 
ATOM 294  O OG   . SER A 1 35 ? 2.874   6.728   -6.196  1.00 1.25 ? 266 SER A OG   1 
ATOM 295  H H    . SER A 1 35 ? 2.488   8.652   -5.388  1.00 0.64 ? 266 SER A H    1 
ATOM 296  H HA   . SER A 1 35 ? -0.001  7.191   -4.795  1.00 0.58 ? 266 SER A HA   1 
ATOM 297  H HB2  . SER A 1 35 ? 1.950   5.277   -5.086  1.00 1.24 ? 266 SER A HB2  1 
ATOM 298  H HB3  . SER A 1 35 ? 0.985   5.933   -6.405  1.00 1.26 ? 266 SER A HB3  1 
ATOM 299  H HG   . SER A 1 35 ? 3.448   7.006   -5.478  1.00 1.66 ? 266 SER A HG   1 
ATOM 300  N N    . ALA A 1 36 ? 2.641   6.445   -2.979  1.00 0.41 ? 267 ALA A N    1 
ATOM 301  C CA   . ALA A 1 36 ? 3.047   6.056   -1.596  1.00 0.39 ? 267 ALA A CA   1 
ATOM 302  C C    . ALA A 1 36 ? 2.730   7.198   -0.622  1.00 0.38 ? 267 ALA A C    1 
ATOM 303  O O    . ALA A 1 36 ? 2.063   7.014   0.382   1.00 0.42 ? 267 ALA A O    1 
ATOM 304  C CB   . ALA A 1 36 ? 4.550   5.783   -1.581  1.00 0.44 ? 267 ALA A CB   1 
ATOM 305  H H    . ALA A 1 36 ? 3.300   6.422   -3.703  1.00 0.46 ? 267 ALA A H    1 
ATOM 306  H HA   . ALA A 1 36 ? 2.516   5.162   -1.297  1.00 0.41 ? 267 ALA A HA   1 
ATOM 307  H HB1  . ALA A 1 36 ? 4.996   6.170   -2.486  1.00 1.08 ? 267 ALA A HB1  1 
ATOM 308  H HB2  . ALA A 1 36 ? 4.995   6.267   -0.724  1.00 1.10 ? 267 ALA A HB2  1 
ATOM 309  H HB3  . ALA A 1 36 ? 4.722   4.718   -1.523  1.00 1.14 ? 267 ALA A HB3  1 
ATOM 310  N N    . ASN A 1 37 ? 3.212   8.376   -0.906  1.00 0.41 ? 268 ASN A N    1 
ATOM 311  C CA   . ASN A 1 37 ? 2.952   9.530   0.000   1.00 0.46 ? 268 ASN A CA   1 
ATOM 312  C C    . ASN A 1 37 ? 1.449   9.666   0.247   1.00 0.45 ? 268 ASN A C    1 
ATOM 313  O O    . ASN A 1 37 ? 0.989   9.629   1.371   1.00 0.52 ? 268 ASN A O    1 
ATOM 314  C CB   . ASN A 1 37 ? 3.482   10.812  -0.645  1.00 0.53 ? 268 ASN A CB   1 
ATOM 315  C CG   . ASN A 1 37 ? 3.928   11.785  0.447   1.00 0.75 ? 268 ASN A CG   1 
ATOM 316  O OD1  . ASN A 1 37 ? 5.002   11.649  0.997   1.00 1.33 ? 268 ASN A OD1  1 
ATOM 317  N ND2  . ASN A 1 37 ? 3.141   12.769  0.787   1.00 1.36 ? 268 ASN A ND2  1 
ATOM 318  H H    . ASN A 1 37 ? 3.751   8.502   -1.714  1.00 0.45 ? 268 ASN A H    1 
ATOM 319  H HA   . ASN A 1 37 ? 3.457   9.368   0.941   1.00 0.49 ? 268 ASN A HA   1 
ATOM 320  H HB2  . ASN A 1 37 ? 4.321   10.574  -1.282  1.00 0.60 ? 268 ASN A HB2  1 
ATOM 321  H HB3  . ASN A 1 37 ? 2.700   11.269  -1.233  1.00 0.53 ? 268 ASN A HB3  1 
ATOM 322  H HD21 . ASN A 1 37 ? 2.274   12.878  0.343   1.00 2.01 ? 268 ASN A HD21 1 
ATOM 323  H HD22 . ASN A 1 37 ? 3.416   13.398  1.486   1.00 1.49 ? 268 ASN A HD22 1 
ATOM 324  N N    . CYS A 1 38 ? 0.676   9.827   -0.791  1.00 0.45 ? 269 CYS A N    1 
ATOM 325  C CA   . CYS A 1 38 ? -0.796  9.970   -0.607  1.00 0.51 ? 269 CYS A CA   1 
ATOM 326  C C    . CYS A 1 38 ? -1.350  8.732   0.100   1.00 0.52 ? 269 CYS A C    1 
ATOM 327  O O    . CYS A 1 38 ? -2.394  8.777   0.721   1.00 0.64 ? 269 CYS A O    1 
ATOM 328  C CB   . CYS A 1 38 ? -1.470  10.119  -1.972  1.00 0.58 ? 269 CYS A CB   1 
ATOM 329  S SG   . CYS A 1 38 ? -3.204  10.584  -1.740  1.00 0.85 ? 269 CYS A SG   1 
ATOM 330  H H    . CYS A 1 38 ? 1.064   9.857   -1.690  1.00 0.47 ? 269 CYS A H    1 
ATOM 331  H HA   . CYS A 1 38 ? -1.000  10.846  -0.010  1.00 0.54 ? 269 CYS A HA   1 
ATOM 332  H HB2  . CYS A 1 38 ? -0.965  10.885  -2.542  1.00 0.61 ? 269 CYS A HB2  1 
ATOM 333  H HB3  . CYS A 1 38 ? -1.418  9.180   -2.503  1.00 0.63 ? 269 CYS A HB3  1 
ATOM 334  H HG   . CYS A 1 38 ? -3.317  11.480  -2.065  1.00 1.24 ? 269 CYS A HG   1 
ATOM 335  N N    . LEU A 1 39 ? -0.664  7.625   0.014   1.00 0.47 ? 270 LEU A N    1 
ATOM 336  C CA   . LEU A 1 39 ? -1.162  6.392   0.686   1.00 0.53 ? 270 LEU A CA   1 
ATOM 337  C C    . LEU A 1 39 ? -1.031  6.555   2.201   1.00 0.54 ? 270 LEU A C    1 
ATOM 338  O O    . LEU A 1 39 ? -1.936  6.240   2.947   1.00 0.64 ? 270 LEU A O    1 
ATOM 339  C CB   . LEU A 1 39 ? -0.337  5.187   0.231   1.00 0.56 ? 270 LEU A CB   1 
ATOM 340  C CG   . LEU A 1 39 ? -0.953  4.589   -1.034  1.00 0.61 ? 270 LEU A CG   1 
ATOM 341  C CD1  . LEU A 1 39 ? -0.035  3.494   -1.576  1.00 1.29 ? 270 LEU A CD1  1 
ATOM 342  C CD2  . LEU A 1 39 ? -2.320  3.987   -0.700  1.00 0.98 ? 270 LEU A CD2  1 
ATOM 343  H H    . LEU A 1 39 ? 0.176   7.606   -0.489  1.00 0.46 ? 270 LEU A H    1 
ATOM 344  H HA   . LEU A 1 39 ? -2.200  6.237   0.429   1.00 0.61 ? 270 LEU A HA   1 
ATOM 345  H HB2  . LEU A 1 39 ? 0.675   5.499   0.024   1.00 0.62 ? 270 LEU A HB2  1 
ATOM 346  H HB3  . LEU A 1 39 ? -0.331  4.441   1.011   1.00 0.67 ? 270 LEU A HB3  1 
ATOM 347  H HG   . LEU A 1 39 ? -1.069  5.364   -1.779  1.00 0.90 ? 270 LEU A HG   1 
ATOM 348  H HD11 . LEU A 1 39 ? 0.296   2.869   -0.761  1.00 1.85 ? 270 LEU A HD11 1 
ATOM 349  H HD12 . LEU A 1 39 ? -0.574  2.893   -2.295  1.00 1.89 ? 270 LEU A HD12 1 
ATOM 350  H HD13 . LEU A 1 39 ? 0.821   3.944   -2.054  1.00 1.68 ? 270 LEU A HD13 1 
ATOM 351  H HD21 . LEU A 1 39 ? -2.224  3.326   0.148   1.00 1.56 ? 270 LEU A HD21 1 
ATOM 352  H HD22 . LEU A 1 39 ? -3.015  4.778   -0.462  1.00 1.57 ? 270 LEU A HD22 1 
ATOM 353  H HD23 . LEU A 1 39 ? -2.686  3.430   -1.550  1.00 1.45 ? 270 LEU A HD23 1 
ATOM 354  N N    . LYS A 1 40 ? 0.089   7.043   2.662   1.00 0.51 ? 271 LYS A N    1 
ATOM 355  C CA   . LYS A 1 40 ? 0.266   7.218   4.134   1.00 0.58 ? 271 LYS A CA   1 
ATOM 356  C C    . LYS A 1 40 ? -0.703  8.290   4.646   1.00 0.66 ? 271 LYS A C    1 
ATOM 357  O O    . LYS A 1 40 ? -1.005  8.355   5.822   1.00 0.78 ? 271 LYS A O    1 
ATOM 358  C CB   . LYS A 1 40 ? 1.716   7.627   4.436   1.00 0.63 ? 271 LYS A CB   1 
ATOM 359  C CG   . LYS A 1 40 ? 1.893   9.140   4.261   1.00 1.24 ? 271 LYS A CG   1 
ATOM 360  C CD   . LYS A 1 40 ? 1.449   9.856   5.539   1.00 1.39 ? 271 LYS A CD   1 
ATOM 361  C CE   . LYS A 1 40 ? 2.635   10.607  6.146   1.00 2.06 ? 271 LYS A CE   1 
ATOM 362  N NZ   . LYS A 1 40 ? 2.277   12.044  6.318   1.00 2.47 ? 271 LYS A NZ   1 
ATOM 363  H H    . LYS A 1 40 ? 0.813   7.290   2.043   1.00 0.48 ? 271 LYS A H    1 
ATOM 364  H HA   . LYS A 1 40 ? 0.050   6.283   4.629   1.00 0.66 ? 271 LYS A HA   1 
ATOM 365  H HB2  . LYS A 1 40 ? 1.959   7.355   5.453   1.00 1.12 ? 271 LYS A HB2  1 
ATOM 366  H HB3  . LYS A 1 40 ? 2.381   7.110   3.760   1.00 1.28 ? 271 LYS A HB3  1 
ATOM 367  H HG2  . LYS A 1 40 ? 2.933   9.361   4.066   1.00 1.91 ? 271 LYS A HG2  1 
ATOM 368  H HG3  . LYS A 1 40 ? 1.291   9.480   3.433   1.00 1.86 ? 271 LYS A HG3  1 
ATOM 369  H HD2  . LYS A 1 40 ? 0.661   10.558  5.302   1.00 1.76 ? 271 LYS A HD2  1 
ATOM 370  H HD3  . LYS A 1 40 ? 1.082   9.131   6.249   1.00 1.69 ? 271 LYS A HD3  1 
ATOM 371  H HE2  . LYS A 1 40 ? 2.878   10.179  7.108   1.00 2.53 ? 271 LYS A HE2  1 
ATOM 372  H HE3  . LYS A 1 40 ? 3.488   10.524  5.489   1.00 2.59 ? 271 LYS A HE3  1 
ATOM 373  H HZ1  . LYS A 1 40 ? 1.424   12.119  6.907   1.00 2.78 ? 271 LYS A HZ1  1 
ATOM 374  H HZ2  . LYS A 1 40 ? 3.063   12.545  6.777   1.00 2.89 ? 271 LYS A HZ2  1 
ATOM 375  H HZ3  . LYS A 1 40 ? 2.096   12.469  5.386   1.00 2.75 ? 271 LYS A HZ3  1 
ATOM 376  N N    . ALA A 1 41 ? -1.188  9.135   3.777   1.00 0.69 ? 272 ALA A N    1 
ATOM 377  C CA   . ALA A 1 41 ? -2.131  10.202  4.219   1.00 0.85 ? 272 ALA A CA   1 
ATOM 378  C C    . ALA A 1 41 ? -3.541  9.624   4.347   1.00 0.92 ? 272 ALA A C    1 
ATOM 379  O O    . ALA A 1 41 ? -4.421  10.237  4.921   1.00 1.19 ? 272 ALA A O    1 
ATOM 380  C CB   . ALA A 1 41 ? -2.141  11.333  3.188   1.00 0.94 ? 272 ALA A CB   1 
ATOM 381  H H    . ALA A 1 41 ? -0.928  9.069   2.834   1.00 0.66 ? 272 ALA A H    1 
ATOM 382  H HA   . ALA A 1 41 ? -1.812  10.590  5.174   1.00 0.92 ? 272 ALA A HA   1 
ATOM 383  H HB1  . ALA A 1 41 ? -1.156  11.439  2.758   1.00 1.39 ? 272 ALA A HB1  1 
ATOM 384  H HB2  . ALA A 1 41 ? -2.852  11.102  2.409   1.00 1.33 ? 272 ALA A HB2  1 
ATOM 385  H HB3  . ALA A 1 41 ? -2.424  12.257  3.671   1.00 1.43 ? 272 ALA A HB3  1 
ATOM 386  N N    . GLU A 1 42 ? -3.769  8.456   3.813   1.00 0.79 ? 273 GLU A N    1 
ATOM 387  C CA   . GLU A 1 42 ? -5.124  7.851   3.900   1.00 0.94 ? 273 GLU A CA   1 
ATOM 388  C C    . GLU A 1 42 ? -5.141  6.774   4.988   1.00 1.16 ? 273 GLU A C    1 
ATOM 389  O O    . GLU A 1 42 ? -5.790  5.756   4.858   1.00 1.67 ? 273 GLU A O    1 
ATOM 390  C CB   . GLU A 1 42 ? -5.474  7.225   2.551   1.00 0.89 ? 273 GLU A CB   1 
ATOM 391  C CG   . GLU A 1 42 ? -6.882  7.657   2.138   1.00 1.08 ? 273 GLU A CG   1 
ATOM 392  C CD   . GLU A 1 42 ? -7.821  6.449   2.169   1.00 1.25 ? 273 GLU A CD   1 
ATOM 393  O OE1  . GLU A 1 42 ? -7.369  5.364   1.844   1.00 1.74 ? 273 GLU A OE1  1 
ATOM 394  O OE2  . GLU A 1 42 ? -8.977  6.630   2.516   1.00 1.78 ? 273 GLU A OE2  1 
ATOM 395  H H    . GLU A 1 42 ? -3.053  7.978   3.349   1.00 0.71 ? 273 GLU A H    1 
ATOM 396  H HA   . GLU A 1 42 ? -5.848  8.617   4.140   1.00 1.10 ? 273 GLU A HA   1 
ATOM 397  H HB2  . GLU A 1 42 ? -4.764  7.557   1.808   1.00 0.88 ? 273 GLU A HB2  1 
ATOM 398  H HB3  . GLU A 1 42 ? -5.435  6.152   2.634   1.00 0.98 ? 273 GLU A HB3  1 
ATOM 399  H HG2  . GLU A 1 42 ? -7.243  8.411   2.824   1.00 1.36 ? 273 GLU A HG2  1 
ATOM 400  H HG3  . GLU A 1 42 ? -6.855  8.065   1.138   1.00 1.28 ? 273 GLU A HG3  1 
ATOM 401  N N    . ALA A 1 43 ? -4.434  6.993   6.062   1.00 1.37 ? 274 ALA A N    1 
ATOM 402  C CA   . ALA A 1 43 ? -4.413  5.986   7.162   1.00 1.75 ? 274 ALA A CA   1 
ATOM 403  C C    . ALA A 1 43 ? -3.774  4.687   6.663   1.00 1.29 ? 274 ALA A C    1 
ATOM 404  O O    . ALA A 1 43 ? -3.928  3.640   7.262   1.00 1.64 ? 274 ALA A O    1 
ATOM 405  C CB   . ALA A 1 43 ? -5.845  5.704   7.623   1.00 2.34 ? 274 ALA A CB   1 
ATOM 406  H H    . ALA A 1 43 ? -3.921  7.823   6.149   1.00 1.63 ? 274 ALA A H    1 
ATOM 407  H HA   . ALA A 1 43 ? -3.839  6.372   7.991   1.00 2.09 ? 274 ALA A HA   1 
ATOM 408  H HB1  . ALA A 1 43 ? -6.509  6.448   7.209   1.00 2.71 ? 274 ALA A HB1  1 
ATOM 409  H HB2  . ALA A 1 43 ? -6.146  4.724   7.285   1.00 2.73 ? 274 ALA A HB2  1 
ATOM 410  H HB3  . ALA A 1 43 ? -5.889  5.742   8.702   1.00 2.64 ? 274 ALA A HB3  1 
ATOM 411  N N    . ILE A 1 44 ? -3.053  4.743   5.577   1.00 0.77 ? 275 ILE A N    1 
ATOM 412  C CA   . ILE A 1 44 ? -2.403  3.509   5.051   1.00 0.64 ? 275 ILE A CA   1 
ATOM 413  C C    . ILE A 1 44 ? -0.894  3.740   4.944   1.00 0.64 ? 275 ILE A C    1 
ATOM 414  O O    . ILE A 1 44 ? -0.330  3.728   3.868   1.00 1.12 ? 275 ILE A O    1 
ATOM 415  C CB   . ILE A 1 44 ? -2.967  3.180   3.667   1.00 0.98 ? 275 ILE A CB   1 
ATOM 416  C CG1  . ILE A 1 44 ? -4.480  2.968   3.768   1.00 1.29 ? 275 ILE A CG1  1 
ATOM 417  C CG2  . ILE A 1 44 ? -2.313  1.903   3.136   1.00 1.39 ? 275 ILE A CG2  1 
ATOM 418  C CD1  . ILE A 1 44 ? -5.083  2.907   2.364   1.00 1.41 ? 275 ILE A CD1  1 
ATOM 419  H H    . ILE A 1 44 ? -2.937  5.596   5.109   1.00 0.90 ? 275 ILE A H    1 
ATOM 420  H HA   . ILE A 1 44 ? -2.595  2.686   5.724   1.00 0.80 ? 275 ILE A HA   1 
ATOM 421  H HB   . ILE A 1 44 ? -2.761  3.996   2.990   1.00 1.22 ? 275 ILE A HB   1 
ATOM 422  H HG12 . ILE A 1 44 ? -4.679  2.042   4.288   1.00 1.67 ? 275 ILE A HG12 1 
ATOM 423  H HG13 . ILE A 1 44 ? -4.923  3.788   4.312   1.00 1.78 ? 275 ILE A HG13 1 
ATOM 424  H HG21 . ILE A 1 44 ? -1.496  1.621   3.785   1.00 1.82 ? 275 ILE A HG21 1 
ATOM 425  H HG22 . ILE A 1 44 ? -3.043  1.107   3.111   1.00 1.80 ? 275 ILE A HG22 1 
ATOM 426  H HG23 . ILE A 1 44 ? -1.936  2.079   2.140   1.00 1.88 ? 275 ILE A HG23 1 
ATOM 427  H HD11 . ILE A 1 44 ? -4.594  2.129   1.796   1.00 1.87 ? 275 ILE A HD11 1 
ATOM 428  H HD12 . ILE A 1 44 ? -6.140  2.691   2.434   1.00 1.85 ? 275 ILE A HD12 1 
ATOM 429  H HD13 . ILE A 1 44 ? -4.942  3.856   1.869   1.00 1.81 ? 275 ILE A HD13 1 
ATOM 430  N N    . HIS A 1 45 ? -0.237  3.956   6.051   1.00 0.56 ? 276 HIS A N    1 
ATOM 431  C CA   . HIS A 1 45 ? 1.234   4.195   6.009   1.00 0.61 ? 276 HIS A CA   1 
ATOM 432  C C    . HIS A 1 45 ? 1.967   2.879   5.739   1.00 0.47 ? 276 HIS A C    1 
ATOM 433  O O    . HIS A 1 45 ? 3.168   2.857   5.573   1.00 0.52 ? 276 HIS A O    1 
ATOM 434  C CB   . HIS A 1 45 ? 1.697   4.770   7.350   1.00 0.89 ? 276 HIS A CB   1 
ATOM 435  C CG   . HIS A 1 45 ? 1.457   3.763   8.441   1.00 1.03 ? 276 HIS A CG   1 
ATOM 436  N ND1  . HIS A 1 45 ? 2.166   3.781   9.632   1.00 1.45 ? 276 HIS A ND1  1 
ATOM 437  C CD2  . HIS A 1 45 ? 0.591   2.702   8.536   1.00 1.97 ? 276 HIS A CD2  1 
ATOM 438  C CE1  . HIS A 1 45 ? 1.717   2.761   10.386  1.00 2.37 ? 276 HIS A CE1  1 
ATOM 439  N NE2  . HIS A 1 45 ? 0.757   2.071   9.766   1.00 2.83 ? 276 HIS A NE2  1 
ATOM 440  H H    . HIS A 1 45 ? -0.712  3.966   6.908   1.00 0.88 ? 276 HIS A H    1 
ATOM 441  H HA   . HIS A 1 45 ? 1.459   4.898   5.222   1.00 0.67 ? 276 HIS A HA   1 
ATOM 442  H HB2  . HIS A 1 45 ? 2.752   4.999   7.297   1.00 1.55 ? 276 HIS A HB2  1 
ATOM 443  H HB3  . HIS A 1 45 ? 1.143   5.672   7.565   1.00 1.56 ? 276 HIS A HB3  1 
ATOM 444  H HD1  . HIS A 1 45 ? 2.866   4.420   9.880   1.00 1.50 ? 276 HIS A HD1  1 
ATOM 445  H HD2  . HIS A 1 45 ? -0.113  2.403   7.774   1.00 2.21 ? 276 HIS A HD2  1 
ATOM 446  H HE1  . HIS A 1 45 ? 2.087   2.529   11.373  1.00 2.89 ? 276 HIS A HE1  1 
ATOM 447  N N    . TYR A 1 46 ? 1.254   1.785   5.690   1.00 0.49 ? 277 TYR A N    1 
ATOM 448  C CA   . TYR A 1 46 ? 1.910   0.468   5.425   1.00 0.39 ? 277 TYR A CA   1 
ATOM 449  C C    . TYR A 1 46 ? 1.419   -0.079  4.083   1.00 0.36 ? 277 TYR A C    1 
ATOM 450  O O    . TYR A 1 46 ? 0.227   -0.204  3.861   1.00 0.37 ? 277 TYR A O    1 
ATOM 451  C CB   . TYR A 1 46 ? 1.533   -0.518  6.534   1.00 0.47 ? 277 TYR A CB   1 
ATOM 452  C CG   . TYR A 1 46 ? 2.578   -0.485  7.625   1.00 0.48 ? 277 TYR A CG   1 
ATOM 453  C CD1  . TYR A 1 46 ? 3.925   -0.717  7.317   1.00 1.34 ? 277 TYR A CD1  1 
ATOM 454  C CD2  . TYR A 1 46 ? 2.197   -0.223  8.946   1.00 1.29 ? 277 TYR A CD2  1 
ATOM 455  C CE1  . TYR A 1 46 ? 4.890   -0.687  8.332   1.00 1.40 ? 277 TYR A CE1  1 
ATOM 456  C CE2  . TYR A 1 46 ? 3.162   -0.192  9.960   1.00 1.32 ? 277 TYR A CE2  1 
ATOM 457  C CZ   . TYR A 1 46 ? 4.508   -0.425  9.653   1.00 0.68 ? 277 TYR A CZ   1 
ATOM 458  O OH   . TYR A 1 46 ? 5.458   -0.395  10.654  1.00 0.82 ? 277 TYR A OH   1 
ATOM 459  H H    . TYR A 1 46 ? 0.284   1.828   5.825   1.00 0.66 ? 277 TYR A H    1 
ATOM 460  H HA   . TYR A 1 46 ? 2.979   0.588   5.400   1.00 0.38 ? 277 TYR A HA   1 
ATOM 461  H HB2  . TYR A 1 46 ? 0.574   -0.243  6.948   1.00 0.57 ? 277 TYR A HB2  1 
ATOM 462  H HB3  . TYR A 1 46 ? 1.474   -1.513  6.122   1.00 0.52 ? 277 TYR A HB3  1 
ATOM 463  H HD1  . TYR A 1 46 ? 4.219   -0.920  6.297   1.00 2.22 ? 277 TYR A HD1  1 
ATOM 464  H HD2  . TYR A 1 46 ? 1.160   -0.045  9.183   1.00 2.18 ? 277 TYR A HD2  1 
ATOM 465  H HE1  . TYR A 1 46 ? 5.928   -0.865  8.095   1.00 2.29 ? 277 TYR A HE1  1 
ATOM 466  H HE2  . TYR A 1 46 ? 2.867   0.010   10.979  1.00 2.19 ? 277 TYR A HE2  1 
ATOM 467  H HH   . TYR A 1 46 ? 5.830   0.490   10.685  1.00 1.30 ? 277 TYR A HH   1 
ATOM 468  N N    . ILE A 1 47 ? 2.305   -0.414  3.176   1.00 0.34 ? 278 ILE A N    1 
ATOM 469  C CA   . ILE A 1 47 ? 1.810   -0.947  1.870   1.00 0.34 ? 278 ILE A CA   1 
ATOM 470  C C    . ILE A 1 47 ? 0.997   -2.214  2.135   1.00 0.33 ? 278 ILE A C    1 
ATOM 471  O O    . ILE A 1 47 ? 0.185   -2.622  1.329   1.00 0.35 ? 278 ILE A O    1 
ATOM 472  C CB   . ILE A 1 47 ? 2.957   -1.255  0.900   1.00 0.36 ? 278 ILE A CB   1 
ATOM 473  C CG1  . ILE A 1 47 ? 4.194   -1.761  1.674   1.00 0.51 ? 278 ILE A CG1  1 
ATOM 474  C CG2  . ILE A 1 47 ? 3.279   0.013   0.100   1.00 0.45 ? 278 ILE A CG2  1 
ATOM 475  C CD1  . ILE A 1 47 ? 5.384   -0.801  1.513   1.00 0.78 ? 278 ILE A CD1  1 
ATOM 476  H H    . ILE A 1 47 ? 3.268   -0.315  3.352   1.00 0.35 ? 278 ILE A H    1 
ATOM 477  H HA   . ILE A 1 47 ? 1.160   -0.208  1.423   1.00 0.36 ? 278 ILE A HA   1 
ATOM 478  H HB   . ILE A 1 47 ? 2.631   -2.024  0.212   1.00 0.41 ? 278 ILE A HB   1 
ATOM 479  H HG12 . ILE A 1 47 ? 3.950   -1.857  2.718   1.00 1.03 ? 278 ILE A HG12 1 
ATOM 480  H HG13 . ILE A 1 47 ? 4.473   -2.730  1.289   1.00 0.83 ? 278 ILE A HG13 1 
ATOM 481  H HG21 . ILE A 1 47 ? 2.384   0.370   -0.390  1.00 1.14 ? 278 ILE A HG21 1 
ATOM 482  H HG22 . ILE A 1 47 ? 3.649   0.771   0.769   1.00 1.12 ? 278 ILE A HG22 1 
ATOM 483  H HG23 . ILE A 1 47 ? 4.031   -0.211  -0.641  1.00 1.12 ? 278 ILE A HG23 1 
ATOM 484  H HD11 . ILE A 1 47 ? 5.077   0.201   1.778   1.00 1.39 ? 278 ILE A HD11 1 
ATOM 485  H HD12 . ILE A 1 47 ? 6.188   -1.115  2.159   1.00 1.34 ? 278 ILE A HD12 1 
ATOM 486  H HD13 . ILE A 1 47 ? 5.722   -0.814  0.487   1.00 1.40 ? 278 ILE A HD13 1 
ATOM 487  N N    . GLY A 1 48 ? 1.183   -2.825  3.274   1.00 0.33 ? 279 GLY A N    1 
ATOM 488  C CA   . GLY A 1 48 ? 0.386   -4.040  3.591   1.00 0.34 ? 279 GLY A CA   1 
ATOM 489  C C    . GLY A 1 48 ? -1.084  -3.629  3.607   1.00 0.34 ? 279 GLY A C    1 
ATOM 490  O O    . GLY A 1 48 ? -1.910  -4.179  2.902   1.00 0.37 ? 279 GLY A O    1 
ATOM 491  H H    . GLY A 1 48 ? 1.825   -2.470  3.925   1.00 0.35 ? 279 GLY A H    1 
ATOM 492  H HA2  . GLY A 1 48 ? 0.552   -4.794  2.833   1.00 0.36 ? 279 GLY A HA2  1 
ATOM 493  H HA3  . GLY A 1 48 ? 0.664   -4.421  4.560   1.00 0.37 ? 279 GLY A HA3  1 
ATOM 494  N N    . ASP A 1 49 ? -1.411  -2.633  4.386   1.00 0.37 ? 280 ASP A N    1 
ATOM 495  C CA   . ASP A 1 49 ? -2.816  -2.154  4.423   1.00 0.40 ? 280 ASP A CA   1 
ATOM 496  C C    . ASP A 1 49 ? -3.188  -1.685  3.018   1.00 0.39 ? 280 ASP A C    1 
ATOM 497  O O    . ASP A 1 49 ? -4.276  -1.925  2.536   1.00 0.44 ? 280 ASP A O    1 
ATOM 498  C CB   . ASP A 1 49 ? -2.936  -0.986  5.403   1.00 0.45 ? 280 ASP A CB   1 
ATOM 499  C CG   . ASP A 1 49 ? -4.306  -1.024  6.083   1.00 1.06 ? 280 ASP A CG   1 
ATOM 500  O OD1  . ASP A 1 49 ? -4.592  -2.010  6.742   1.00 1.74 ? 280 ASP A OD1  1 
ATOM 501  O OD2  . ASP A 1 49 ? -5.047  -0.066  5.932   1.00 1.75 ? 280 ASP A OD2  1 
ATOM 502  H H    . ASP A 1 49 ? -0.726  -2.186  4.925   1.00 0.41 ? 280 ASP A H    1 
ATOM 503  H HA   . ASP A 1 49 ? -3.469  -2.959  4.726   1.00 0.42 ? 280 ASP A HA   1 
ATOM 504  H HB2  . ASP A 1 49 ? -2.160  -1.062  6.151   1.00 0.74 ? 280 ASP A HB2  1 
ATOM 505  H HB3  . ASP A 1 49 ? -2.829  -0.055  4.867   1.00 0.84 ? 280 ASP A HB3  1 
ATOM 506  N N    . LEU A 1 50 ? -2.274  -1.027  2.350   1.00 0.37 ? 281 LEU A N    1 
ATOM 507  C CA   . LEU A 1 50 ? -2.556  -0.553  0.966   1.00 0.39 ? 281 LEU A CA   1 
ATOM 508  C C    . LEU A 1 50 ? -3.219  -1.692  0.188   1.00 0.39 ? 281 LEU A C    1 
ATOM 509  O O    . LEU A 1 50 ? -4.353  -1.590  -0.231  1.00 0.48 ? 281 LEU A O    1 
ATOM 510  C CB   . LEU A 1 50 ? -1.236  -0.137  0.293   1.00 0.41 ? 281 LEU A CB   1 
ATOM 511  C CG   . LEU A 1 50 ? -1.330  -0.296  -1.230  1.00 0.45 ? 281 LEU A CG   1 
ATOM 512  C CD1  . LEU A 1 50 ? -2.514  0.515   -1.761  1.00 0.51 ? 281 LEU A CD1  1 
ATOM 513  C CD2  . LEU A 1 50 ? -0.035  0.206   -1.874  1.00 0.64 ? 281 LEU A CD2  1 
ATOM 514  H H    . LEU A 1 50 ? -1.398  -0.856  2.757   1.00 0.37 ? 281 LEU A H    1 
ATOM 515  H HA   . LEU A 1 50 ? -3.225  0.295   1.006   1.00 0.43 ? 281 LEU A HA   1 
ATOM 516  H HB2  . LEU A 1 50 ? -1.024  0.895   0.530   1.00 0.48 ? 281 LEU A HB2  1 
ATOM 517  H HB3  . LEU A 1 50 ? -0.436  -0.757  0.664   1.00 0.42 ? 281 LEU A HB3  1 
ATOM 518  H HG   . LEU A 1 50 ? -1.472  -1.339  -1.473  1.00 0.53 ? 281 LEU A HG   1 
ATOM 519  H HD11 . LEU A 1 50 ? -3.259  0.613   -0.985  1.00 1.28 ? 281 LEU A HD11 1 
ATOM 520  H HD12 . LEU A 1 50 ? -2.175  1.495   -2.060  1.00 1.07 ? 281 LEU A HD12 1 
ATOM 521  H HD13 . LEU A 1 50 ? -2.945  0.008   -2.611  1.00 1.08 ? 281 LEU A HD13 1 
ATOM 522  H HD21 . LEU A 1 50 ? 0.253   1.141   -1.422  1.00 1.28 ? 281 LEU A HD21 1 
ATOM 523  H HD22 . LEU A 1 50 ? 0.747   -0.523  -1.721  1.00 1.21 ? 281 LEU A HD22 1 
ATOM 524  H HD23 . LEU A 1 50 ? -0.190  0.348   -2.932  1.00 1.20 ? 281 LEU A HD23 1 
ATOM 525  N N    . VAL A 1 51 ? -2.522  -2.782  -0.001  1.00 0.36 ? 282 VAL A N    1 
ATOM 526  C CA   . VAL A 1 51 ? -3.130  -3.920  -0.742  1.00 0.38 ? 282 VAL A CA   1 
ATOM 527  C C    . VAL A 1 51 ? -4.367  -4.397  0.023   1.00 0.39 ? 282 VAL A C    1 
ATOM 528  O O    . VAL A 1 51 ? -5.301  -4.921  -0.548  1.00 0.43 ? 282 VAL A O    1 
ATOM 529  C CB   . VAL A 1 51 ? -2.111  -5.059  -0.883  1.00 0.40 ? 282 VAL A CB   1 
ATOM 530  C CG1  . VAL A 1 51 ? -0.731  -4.474  -1.192  1.00 0.45 ? 282 VAL A CG1  1 
ATOM 531  C CG2  . VAL A 1 51 ? -2.037  -5.862  0.420   1.00 0.53 ? 282 VAL A CG2  1 
ATOM 532  H H    . VAL A 1 51 ? -1.611  -2.852  0.349   1.00 0.40 ? 282 VAL A H    1 
ATOM 533  H HA   . VAL A 1 51 ? -3.429  -3.584  -1.725  1.00 0.42 ? 282 VAL A HA   1 
ATOM 534  H HB   . VAL A 1 51 ? -2.412  -5.710  -1.692  1.00 0.50 ? 282 VAL A HB   1 
ATOM 535  H HG11 . VAL A 1 51 ? -0.805  -3.400  -1.268  1.00 1.13 ? 282 VAL A HG11 1 
ATOM 536  H HG12 . VAL A 1 51 ? -0.045  -4.732  -0.399  1.00 1.15 ? 282 VAL A HG12 1 
ATOM 537  H HG13 . VAL A 1 51 ? -0.368  -4.877  -2.125  1.00 1.10 ? 282 VAL A HG13 1 
ATOM 538  H HG21 . VAL A 1 51 ? -2.471  -5.287  1.222   1.00 1.16 ? 282 VAL A HG21 1 
ATOM 539  H HG22 . VAL A 1 51 ? -2.583  -6.786  0.303   1.00 1.19 ? 282 VAL A HG22 1 
ATOM 540  H HG23 . VAL A 1 51 ? -1.005  -6.082  0.650   1.00 1.12 ? 282 VAL A HG23 1 
ATOM 541  N N    . GLN A 1 52 ? -4.380  -4.206  1.319   1.00 0.39 ? 283 GLN A N    1 
ATOM 542  C CA   . GLN A 1 52 ? -5.552  -4.630  2.126   1.00 0.44 ? 283 GLN A CA   1 
ATOM 543  C C    . GLN A 1 52 ? -6.619  -3.525  2.110   1.00 0.46 ? 283 GLN A C    1 
ATOM 544  O O    . GLN A 1 52 ? -7.285  -3.281  3.097   1.00 0.59 ? 283 GLN A O    1 
ATOM 545  C CB   . GLN A 1 52 ? -5.094  -4.868  3.564   1.00 0.50 ? 283 GLN A CB   1 
ATOM 546  C CG   . GLN A 1 52 ? -5.646  -6.203  4.059   1.00 0.63 ? 283 GLN A CG   1 
ATOM 547  C CD   . GLN A 1 52 ? -6.456  -5.980  5.337   1.00 0.83 ? 283 GLN A CD   1 
ATOM 548  O OE1  . GLN A 1 52 ? -7.258  -5.071  5.411   1.00 1.47 ? 283 GLN A OE1  1 
ATOM 549  N NE2  . GLN A 1 52 ? -6.280  -6.778  6.355   1.00 1.34 ? 283 GLN A NE2  1 
ATOM 550  H H    . GLN A 1 52 ? -3.618  -3.779  1.763   1.00 0.40 ? 283 GLN A H    1 
ATOM 551  H HA   . GLN A 1 52 ? -5.966  -5.542  1.722   1.00 0.49 ? 283 GLN A HA   1 
ATOM 552  H HB2  . GLN A 1 52 ? -4.015  -4.890  3.596   1.00 0.64 ? 283 GLN A HB2  1 
ATOM 553  H HB3  . GLN A 1 52 ? -5.456  -4.073  4.192   1.00 0.63 ? 283 GLN A HB3  1 
ATOM 554  H HG2  . GLN A 1 52 ? -6.280  -6.631  3.297   1.00 0.94 ? 283 GLN A HG2  1 
ATOM 555  H HG3  . GLN A 1 52 ? -4.826  -6.873  4.264   1.00 0.99 ? 283 GLN A HG3  1 
ATOM 556  H HE21 . GLN A 1 52 ? -5.634  -7.512  6.296   1.00 1.85 ? 283 GLN A HE21 1 
ATOM 557  H HE22 . GLN A 1 52 ? -6.794  -6.643  7.178   1.00 1.59 ? 283 GLN A HE22 1 
ATOM 558  N N    . ARG A 1 53 ? -6.787  -2.857  0.999   1.00 0.45 ? 284 ARG A N    1 
ATOM 559  C CA   . ARG A 1 53 ? -7.804  -1.774  0.921   1.00 0.54 ? 284 ARG A CA   1 
ATOM 560  C C    . ARG A 1 53 ? -8.592  -1.918  -0.383  1.00 0.54 ? 284 ARG A C    1 
ATOM 561  O O    . ARG A 1 53 ? -8.870  -3.012  -0.831  1.00 0.94 ? 284 ARG A O    1 
ATOM 562  C CB   . ARG A 1 53 ? -7.101  -0.414  0.952   1.00 0.64 ? 284 ARG A CB   1 
ATOM 563  C CG   . ARG A 1 53 ? -8.031  0.626   1.578   1.00 1.32 ? 284 ARG A CG   1 
ATOM 564  C CD   . ARG A 1 53 ? -7.607  0.879   3.026   1.00 1.83 ? 284 ARG A CD   1 
ATOM 565  N NE   . ARG A 1 53 ? -8.097  2.217   3.462   1.00 2.35 ? 284 ARG A NE   1 
ATOM 566  C CZ   . ARG A 1 53 ? -7.727  2.705   4.617   1.00 2.88 ? 284 ARG A CZ   1 
ATOM 567  N NH1  . ARG A 1 53 ? -6.928  2.024   5.392   1.00 3.15 ? 284 ARG A NH1  1 
ATOM 568  N NH2  . ARG A 1 53 ? -8.159  3.877   4.995   1.00 3.67 ? 284 ARG A NH2  1 
ATOM 569  H H    . ARG A 1 53 ? -6.242  -3.065  0.214   1.00 0.47 ? 284 ARG A H    1 
ATOM 570  H HA   . ARG A 1 53 ? -8.480  -1.849  1.759   1.00 0.68 ? 284 ARG A HA   1 
ATOM 571  H HB2  . ARG A 1 53 ? -6.197  -0.490  1.538   1.00 1.24 ? 284 ARG A HB2  1 
ATOM 572  H HB3  . ARG A 1 53 ? -6.855  -0.114  -0.055  1.00 1.28 ? 284 ARG A HB3  1 
ATOM 573  H HG2  . ARG A 1 53 ? -7.970  1.548   1.018   1.00 1.92 ? 284 ARG A HG2  1 
ATOM 574  H HG3  . ARG A 1 53 ? -9.046  0.260   1.562   1.00 1.83 ? 284 ARG A HG3  1 
ATOM 575  H HD2  . ARG A 1 53 ? -8.029  0.115   3.663   1.00 2.31 ? 284 ARG A HD2  1 
ATOM 576  H HD3  . ARG A 1 53 ? -6.530  0.849   3.095   1.00 2.22 ? 284 ARG A HD3  1 
ATOM 577  H HE   . ARG A 1 53 ? -8.697  2.730   2.882   1.00 2.79 ? 284 ARG A HE   1 
ATOM 578  H HH11 . ARG A 1 53 ? -6.595  1.126   5.106   1.00 2.98 ? 284 ARG A HH11 1 
ATOM 579  H HH12 . ARG A 1 53 ? -6.648  2.401   6.275   1.00 3.87 ? 284 ARG A HH12 1 
ATOM 580  H HH21 . ARG A 1 53 ? -8.771  4.400   4.401   1.00 3.97 ? 284 ARG A HH21 1 
ATOM 581  H HH22 . ARG A 1 53 ? -7.877  4.253   5.877   1.00 4.22 ? 284 ARG A HH22 1 
ATOM 582  N N    . THR A 1 54 ? -8.956  -0.825  -0.995  1.00 0.59 ? 285 THR A N    1 
ATOM 583  C CA   . THR A 1 54 ? -9.724  -0.909  -2.268  1.00 0.56 ? 285 THR A CA   1 
ATOM 584  C C    . THR A 1 54 ? -9.361  0.271   -3.173  1.00 0.52 ? 285 THR A C    1 
ATOM 585  O O    . THR A 1 54 ? -9.723  1.405   -2.915  1.00 0.53 ? 285 THR A O    1 
ATOM 586  C CB   . THR A 1 54 ? -11.224 -0.877  -1.961  1.00 0.73 ? 285 THR A CB   1 
ATOM 587  O OG1  . THR A 1 54 ? -11.473 0.059   -0.921  1.00 1.07 ? 285 THR A OG1  1 
ATOM 588  C CG2  . THR A 1 54 ? -11.686 -2.266  -1.520  1.00 1.04 ? 285 THR A CG2  1 
ATOM 589  H H    . THR A 1 54 ? -8.724  0.046   -0.618  1.00 0.93 ? 285 THR A H    1 
ATOM 590  H HA   . THR A 1 54 ? -9.482  -1.833  -2.772  1.00 0.56 ? 285 THR A HA   1 
ATOM 591  H HB   . THR A 1 54 ? -11.767 -0.586  -2.846  1.00 0.86 ? 285 THR A HB   1 
ATOM 592  H HG1  . THR A 1 54 ? -11.374 -0.397  -0.082  1.00 1.44 ? 285 THR A HG1  1 
ATOM 593  H HG21 . THR A 1 54 ? -11.343 -3.002  -2.232  1.00 1.47 ? 285 THR A HG21 1 
ATOM 594  H HG22 . THR A 1 54 ? -11.275 -2.489  -0.546  1.00 1.52 ? 285 THR A HG22 1 
ATOM 595  H HG23 . THR A 1 54 ? -12.764 -2.287  -1.469  1.00 1.64 ? 285 THR A HG23 1 
ATOM 596  N N    . GLU A 1 55 ? -8.653  0.011   -4.238  1.00 0.71 ? 286 GLU A N    1 
ATOM 597  C CA   . GLU A 1 55 ? -8.266  1.109   -5.167  1.00 0.81 ? 286 GLU A CA   1 
ATOM 598  C C    . GLU A 1 55 ? -9.521  1.692   -5.816  1.00 0.80 ? 286 GLU A C    1 
ATOM 599  O O    . GLU A 1 55 ? -9.490  2.754   -6.402  1.00 0.86 ? 286 GLU A O    1 
ATOM 600  C CB   . GLU A 1 55 ? -7.345  0.553   -6.254  1.00 1.17 ? 286 GLU A CB   1 
ATOM 601  C CG   . GLU A 1 55 ? -6.021  0.114   -5.627  1.00 1.73 ? 286 GLU A CG   1 
ATOM 602  C CD   . GLU A 1 55 ? -5.371  -0.953  -6.508  1.00 2.52 ? 286 GLU A CD   1 
ATOM 603  O OE1  . GLU A 1 55 ? -5.923  -1.242  -7.557  1.00 3.13 ? 286 GLU A OE1  1 
ATOM 604  O OE2  . GLU A 1 55 ? -4.334  -1.463  -6.120  1.00 3.07 ? 286 GLU A OE2  1 
ATOM 605  H H    . GLU A 1 55 ? -8.375  -0.910  -4.427  1.00 0.88 ? 286 GLU A H    1 
ATOM 606  H HA   . GLU A 1 55 ? -7.750  1.882   -4.617  1.00 0.78 ? 286 GLU A HA   1 
ATOM 607  H HB2  . GLU A 1 55 ? -7.818  -0.295  -6.728  1.00 1.47 ? 286 GLU A HB2  1 
ATOM 608  H HB3  . GLU A 1 55 ? -7.156  1.319   -6.991  1.00 1.34 ? 286 GLU A HB3  1 
ATOM 609  H HG2  . GLU A 1 55 ? -5.362  0.966   -5.545  1.00 1.97 ? 286 GLU A HG2  1 
ATOM 610  H HG3  . GLU A 1 55 ? -6.205  -0.295  -4.644  1.00 2.13 ? 286 GLU A HG3  1 
ATOM 611  N N    . VAL A 1 56 ? -10.625 1.005   -5.718  1.00 0.88 ? 287 VAL A N    1 
ATOM 612  C CA   . VAL A 1 56 ? -11.878 1.525   -6.332  1.00 1.11 ? 287 VAL A CA   1 
ATOM 613  C C    . VAL A 1 56 ? -12.200 2.894   -5.736  1.00 1.02 ? 287 VAL A C    1 
ATOM 614  O O    . VAL A 1 56 ? -12.331 3.874   -6.441  1.00 1.18 ? 287 VAL A O    1 
ATOM 615  C CB   . VAL A 1 56 ? -13.030 0.557   -6.042  1.00 1.34 ? 287 VAL A CB   1 
ATOM 616  C CG1  . VAL A 1 56 ? -14.374 1.272   -6.220  1.00 1.71 ? 287 VAL A CG1  1 
ATOM 617  C CG2  . VAL A 1 56 ? -12.951 -0.618  -7.014  1.00 2.00 ? 287 VAL A CG2  1 
ATOM 618  H H    . VAL A 1 56 ? -10.631 0.148   -5.242  1.00 0.87 ? 287 VAL A H    1 
ATOM 619  H HA   . VAL A 1 56 ? -11.745 1.619   -7.400  1.00 1.29 ? 287 VAL A HA   1 
ATOM 620  H HB   . VAL A 1 56 ? -12.947 0.193   -5.029  1.00 1.58 ? 287 VAL A HB   1 
ATOM 621  H HG11 . VAL A 1 56 ? -14.224 2.189   -6.772  1.00 2.16 ? 287 VAL A HG11 1 
ATOM 622  H HG12 . VAL A 1 56 ? -15.054 0.633   -6.762  1.00 2.10 ? 287 VAL A HG12 1 
ATOM 623  H HG13 . VAL A 1 56 ? -14.791 1.502   -5.251  1.00 2.18 ? 287 VAL A HG13 1 
ATOM 624  H HG21 . VAL A 1 56 ? -12.006 -1.125  -6.889  1.00 2.51 ? 287 VAL A HG21 1 
ATOM 625  H HG22 . VAL A 1 56 ? -13.759 -1.306  -6.813  1.00 2.38 ? 287 VAL A HG22 1 
ATOM 626  H HG23 . VAL A 1 56 ? -13.033 -0.252  -8.027  1.00 2.43 ? 287 VAL A HG23 1 
ATOM 627  N N    . GLU A 1 57 ? -12.343 2.963   -4.444  1.00 0.92 ? 288 GLU A N    1 
ATOM 628  C CA   . GLU A 1 57 ? -12.672 4.265   -3.810  1.00 1.05 ? 288 GLU A CA   1 
ATOM 629  C C    . GLU A 1 57 ? -11.382 5.036   -3.516  1.00 0.87 ? 288 GLU A C    1 
ATOM 630  O O    . GLU A 1 57 ? -11.355 6.251   -3.545  1.00 0.99 ? 288 GLU A O    1 
ATOM 631  C CB   . GLU A 1 57 ? -13.428 4.022   -2.502  1.00 1.25 ? 288 GLU A CB   1 
ATOM 632  C CG   . GLU A 1 57 ? -14.748 3.304   -2.794  1.00 1.71 ? 288 GLU A CG   1 
ATOM 633  C CD   . GLU A 1 57 ? -15.370 2.823   -1.482  1.00 2.29 ? 288 GLU A CD   1 
ATOM 634  O OE1  . GLU A 1 57 ? -16.002 3.628   -0.819  1.00 2.88 ? 288 GLU A OE1  1 
ATOM 635  O OE2  . GLU A 1 57 ? -15.202 1.657   -1.162  1.00 2.76 ? 288 GLU A OE2  1 
ATOM 636  H H    . GLU A 1 57 ? -12.243 2.159   -3.893  1.00 0.89 ? 288 GLU A H    1 
ATOM 637  H HA   . GLU A 1 57 ? -13.292 4.835   -4.483  1.00 1.24 ? 288 GLU A HA   1 
ATOM 638  H HB2  . GLU A 1 57 ? -12.823 3.412   -1.846  1.00 1.54 ? 288 GLU A HB2  1 
ATOM 639  H HB3  . GLU A 1 57 ? -13.634 4.968   -2.025  1.00 1.56 ? 288 GLU A HB3  1 
ATOM 640  H HG2  . GLU A 1 57 ? -15.427 3.986   -3.287  1.00 1.99 ? 288 GLU A HG2  1 
ATOM 641  H HG3  . GLU A 1 57 ? -14.562 2.455   -3.435  1.00 2.19 ? 288 GLU A HG3  1 
ATOM 642  N N    . LEU A 1 58 ? -10.313 4.342   -3.226  1.00 0.68 ? 289 LEU A N    1 
ATOM 643  C CA   . LEU A 1 58 ? -9.031  5.040   -2.924  1.00 0.68 ? 289 LEU A CA   1 
ATOM 644  C C    . LEU A 1 58 ? -8.582  5.856   -4.139  1.00 0.58 ? 289 LEU A C    1 
ATOM 645  O O    . LEU A 1 58 ? -7.972  6.898   -4.004  1.00 0.65 ? 289 LEU A O    1 
ATOM 646  C CB   . LEU A 1 58 ? -7.955  4.008   -2.578  1.00 0.75 ? 289 LEU A CB   1 
ATOM 647  C CG   . LEU A 1 58 ? -6.653  4.728   -2.222  1.00 0.98 ? 289 LEU A CG   1 
ATOM 648  C CD1  . LEU A 1 58 ? -6.926  5.775   -1.141  1.00 1.32 ? 289 LEU A CD1  1 
ATOM 649  C CD2  . LEU A 1 58 ? -5.632  3.713   -1.702  1.00 1.58 ? 289 LEU A CD2  1 
ATOM 650  H H    . LEU A 1 58 ? -10.356 3.361   -3.203  1.00 0.65 ? 289 LEU A H    1 
ATOM 651  H HA   . LEU A 1 58 ? -9.175  5.702   -2.082  1.00 0.87 ? 289 LEU A HA   1 
ATOM 652  H HB2  . LEU A 1 58 ? -8.282  3.416   -1.736  1.00 0.94 ? 289 LEU A HB2  1 
ATOM 653  H HB3  . LEU A 1 58 ? -7.788  3.364   -3.428  1.00 0.97 ? 289 LEU A HB3  1 
ATOM 654  H HG   . LEU A 1 58 ? -6.261  5.217   -3.104  1.00 1.26 ? 289 LEU A HG   1 
ATOM 655  H HD11 . LEU A 1 58 ? -7.462  5.316   -0.323  1.00 1.66 ? 289 LEU A HD11 1 
ATOM 656  H HD12 . LEU A 1 58 ? -5.990  6.173   -0.779  1.00 1.85 ? 289 LEU A HD12 1 
ATOM 657  H HD13 . LEU A 1 58 ? -7.522  6.575   -1.555  1.00 1.78 ? 289 LEU A HD13 1 
ATOM 658  H HD21 . LEU A 1 58 ? -6.112  3.047   -1.001  1.00 2.02 ? 289 LEU A HD21 1 
ATOM 659  H HD22 . LEU A 1 58 ? -5.238  3.142   -2.528  1.00 2.06 ? 289 LEU A HD22 1 
ATOM 660  H HD23 . LEU A 1 58 ? -4.826  4.234   -1.208  1.00 2.07 ? 289 LEU A HD23 1 
ATOM 661  N N    . LEU A 1 59 ? -8.873  5.393   -5.324  1.00 0.59 ? 290 LEU A N    1 
ATOM 662  C CA   . LEU A 1 59 ? -8.454  6.147   -6.540  1.00 0.64 ? 290 LEU A CA   1 
ATOM 663  C C    . LEU A 1 59 ? -9.553  7.133   -6.938  1.00 0.71 ? 290 LEU A C    1 
ATOM 664  O O    . LEU A 1 59 ? -9.752  7.416   -8.103  1.00 0.88 ? 290 LEU A O    1 
ATOM 665  C CB   . LEU A 1 59 ? -8.209  5.170   -7.692  1.00 0.81 ? 290 LEU A CB   1 
ATOM 666  C CG   . LEU A 1 59 ? -6.787  4.619   -7.599  1.00 0.99 ? 290 LEU A CG   1 
ATOM 667  C CD1  . LEU A 1 59 ? -5.783  5.737   -7.888  1.00 1.18 ? 290 LEU A CD1  1 
ATOM 668  C CD2  . LEU A 1 59 ? -6.545  4.072   -6.191  1.00 1.24 ? 290 LEU A CD2  1 
ATOM 669  H H    . LEU A 1 59 ? -9.364  4.549   -5.413  1.00 0.68 ? 290 LEU A H    1 
ATOM 670  H HA   . LEU A 1 59 ? -7.546  6.690   -6.328  1.00 0.64 ? 290 LEU A HA   1 
ATOM 671  H HB2  . LEU A 1 59 ? -8.917  4.357   -7.632  1.00 0.90 ? 290 LEU A HB2  1 
ATOM 672  H HB3  . LEU A 1 59 ? -8.332  5.686   -8.632  1.00 0.94 ? 290 LEU A HB3  1 
ATOM 673  H HG   . LEU A 1 59 ? -6.662  3.826   -8.322  1.00 1.49 ? 290 LEU A HG   1 
ATOM 674  H HD11 . LEU A 1 59 ? -5.955  6.126   -8.882  1.00 1.66 ? 290 LEU A HD11 1 
ATOM 675  H HD12 . LEU A 1 59 ? -5.907  6.528   -7.166  1.00 1.63 ? 290 LEU A HD12 1 
ATOM 676  H HD13 . LEU A 1 59 ? -4.779  5.344   -7.824  1.00 1.65 ? 290 LEU A HD13 1 
ATOM 677  H HD21 . LEU A 1 59 ? -7.417  3.525   -5.864  1.00 1.78 ? 290 LEU A HD21 1 
ATOM 678  H HD22 . LEU A 1 59 ? -5.689  3.414   -6.202  1.00 1.72 ? 290 LEU A HD22 1 
ATOM 679  H HD23 . LEU A 1 59 ? -6.361  4.892   -5.513  1.00 1.65 ? 290 LEU A HD23 1 
ATOM 680  N N    . LYS A 1 60 ? -10.264 7.661   -5.982  1.00 0.77 ? 291 LYS A N    1 
ATOM 681  C CA   . LYS A 1 60 ? -11.344 8.631   -6.307  1.00 0.94 ? 291 LYS A CA   1 
ATOM 682  C C    . LYS A 1 60 ? -11.365 9.734   -5.249  1.00 0.84 ? 291 LYS A C    1 
ATOM 683  O O    . LYS A 1 60 ? -12.312 10.488  -5.143  1.00 0.98 ? 291 LYS A O    1 
ATOM 684  C CB   . LYS A 1 60 ? -12.692 7.909   -6.322  1.00 1.24 ? 291 LYS A CB   1 
ATOM 685  C CG   . LYS A 1 60 ? -12.727 6.917   -7.486  1.00 1.79 ? 291 LYS A CG   1 
ATOM 686  C CD   . LYS A 1 60 ? -13.942 5.998   -7.340  1.00 2.20 ? 291 LYS A CD   1 
ATOM 687  C CE   . LYS A 1 60 ? -13.969 4.998   -8.498  1.00 2.85 ? 291 LYS A CE   1 
ATOM 688  N NZ   . LYS A 1 60 ? -15.331 4.973   -9.102  1.00 3.49 ? 291 LYS A NZ   1 
ATOM 689  H H    . LYS A 1 60 ? -10.084 7.421   -5.049  1.00 0.82 ? 291 LYS A H    1 
ATOM 690  H HA   . LYS A 1 60 ? -11.157 9.067   -7.279  1.00 1.06 ? 291 LYS A HA   1 
ATOM 691  H HB2  . LYS A 1 60 ? -12.825 7.378   -5.391  1.00 1.50 ? 291 LYS A HB2  1 
ATOM 692  H HB3  . LYS A 1 60 ? -13.486 8.631   -6.443  1.00 1.73 ? 291 LYS A HB3  1 
ATOM 693  H HG2  . LYS A 1 60 ? -12.795 7.459   -8.418  1.00 2.33 ? 291 LYS A HG2  1 
ATOM 694  H HG3  . LYS A 1 60 ? -11.826 6.323   -7.480  1.00 2.18 ? 291 LYS A HG3  1 
ATOM 695  H HD2  . LYS A 1 60 ? -13.877 5.463   -6.403  1.00 2.43 ? 291 LYS A HD2  1 
ATOM 696  H HD3  . LYS A 1 60 ? -14.846 6.589   -7.356  1.00 2.59 ? 291 LYS A HD3  1 
ATOM 697  H HE2  . LYS A 1 60 ? -13.249 5.294   -9.246  1.00 3.19 ? 291 LYS A HE2  1 
ATOM 698  H HE3  . LYS A 1 60 ? -13.722 4.013   -8.129  1.00 3.23 ? 291 LYS A HE3  1 
ATOM 699  H HZ1  . LYS A 1 60 ? -16.044 4.912   -8.349  1.00 3.80 ? 291 LYS A HZ1  1 
ATOM 700  H HZ2  . LYS A 1 60 ? -15.482 5.845   -9.653  1.00 3.87 ? 291 LYS A HZ2  1 
ATOM 701  H HZ3  . LYS A 1 60 ? -15.419 4.148   -9.728  1.00 3.79 ? 291 LYS A HZ3  1 
ATOM 702  N N    . THR A 1 61 ? -10.326 9.836   -4.466  1.00 0.77 ? 292 THR A N    1 
ATOM 703  C CA   . THR A 1 61 ? -10.287 10.889  -3.416  1.00 0.82 ? 292 THR A CA   1 
ATOM 704  C C    . THR A 1 61 ? -9.882  12.225  -4.060  1.00 0.79 ? 292 THR A C    1 
ATOM 705  O O    . THR A 1 61 ? -9.422  12.249  -5.185  1.00 0.78 ? 292 THR A O    1 
ATOM 706  C CB   . THR A 1 61 ? -9.296  10.460  -2.310  1.00 0.86 ? 292 THR A CB   1 
ATOM 707  O OG1  . THR A 1 61 ? -9.864  10.732  -1.038  1.00 1.53 ? 292 THR A OG1  1 
ATOM 708  C CG2  . THR A 1 61 ? -7.961  11.202  -2.436  1.00 1.16 ? 292 THR A CG2  1 
ATOM 709  H H    . THR A 1 61 ? -9.572  9.217   -4.569  1.00 0.83 ? 292 THR A H    1 
ATOM 710  H HA   . THR A 1 61 ? -11.268 10.990  -2.990  1.00 1.04 ? 292 THR A HA   1 
ATOM 711  H HB   . THR A 1 61 ? -9.115  9.399   -2.392  1.00 0.99 ? 292 THR A HB   1 
ATOM 712  H HG1  . THR A 1 61 ? -10.793 10.490  -1.070  1.00 1.81 ? 292 THR A HG1  1 
ATOM 713  H HG21 . THR A 1 61 ? -7.667  11.238  -3.473  1.00 1.62 ? 292 THR A HG21 1 
ATOM 714  H HG22 . THR A 1 61 ? -8.070  12.208  -2.058  1.00 1.74 ? 292 THR A HG22 1 
ATOM 715  H HG23 . THR A 1 61 ? -7.204  10.684  -1.866  1.00 1.65 ? 292 THR A HG23 1 
ATOM 716  N N    . PRO A 1 62 ? -10.068 13.298  -3.329  1.00 0.94 ? 293 PRO A N    1 
ATOM 717  C CA   . PRO A 1 62 ? -9.734  14.658  -3.806  1.00 1.02 ? 293 PRO A CA   1 
ATOM 718  C C    . PRO A 1 62 ? -8.229  14.934  -3.675  1.00 0.89 ? 293 PRO A C    1 
ATOM 719  O O    . PRO A 1 62 ? -7.805  16.062  -3.523  1.00 1.03 ? 293 PRO A O    1 
ATOM 720  C CB   . PRO A 1 62 ? -10.539 15.568  -2.873  1.00 1.37 ? 293 PRO A CB   1 
ATOM 721  C CG   . PRO A 1 62 ? -10.821 14.744  -1.593  1.00 1.48 ? 293 PRO A CG   1 
ATOM 722  C CD   . PRO A 1 62 ? -10.632 13.261  -1.966  1.00 1.20 ? 293 PRO A CD   1 
ATOM 723  H HA   . PRO A 1 62 ? -10.060 14.794  -4.824  1.00 1.06 ? 293 PRO A HA   1 
ATOM 724  H HB2  . PRO A 1 62 ? -9.962  16.451  -2.631  1.00 1.45 ? 293 PRO A HB2  1 
ATOM 725  H HB3  . PRO A 1 62 ? -11.471 15.848  -3.339  1.00 1.55 ? 293 PRO A HB3  1 
ATOM 726  H HG2  . PRO A 1 62 ? -10.127 15.025  -0.814  1.00 1.57 ? 293 PRO A HG2  1 
ATOM 727  H HG3  . PRO A 1 62 ? -11.836 14.909  -1.263  1.00 1.72 ? 293 PRO A HG3  1 
ATOM 728  H HD2  . PRO A 1 62 ? -9.940  12.790  -1.282  1.00 1.20 ? 293 PRO A HD2  1 
ATOM 729  H HD3  . PRO A 1 62 ? -11.578 12.744  -1.968  1.00 1.30 ? 293 PRO A HD3  1 
ATOM 730  N N    . ASN A 1 63 ? -7.427  13.910  -3.742  1.00 0.80 ? 294 ASN A N    1 
ATOM 731  C CA   . ASN A 1 63 ? -5.954  14.085  -3.633  1.00 0.90 ? 294 ASN A CA   1 
ATOM 732  C C    . ASN A 1 63 ? -5.277  12.842  -4.216  1.00 0.87 ? 294 ASN A C    1 
ATOM 733  O O    . ASN A 1 63 ? -4.167  12.499  -3.861  1.00 1.08 ? 294 ASN A O    1 
ATOM 734  C CB   . ASN A 1 63 ? -5.562  14.236  -2.161  1.00 1.20 ? 294 ASN A CB   1 
ATOM 735  C CG   . ASN A 1 63 ? -4.986  15.633  -1.926  1.00 1.83 ? 294 ASN A CG   1 
ATOM 736  O OD1  . ASN A 1 63 ? -3.927  15.957  -2.423  1.00 2.48 ? 294 ASN A OD1  1 
ATOM 737  N ND2  . ASN A 1 63 ? -5.644  16.479  -1.182  1.00 2.44 ? 294 ASN A ND2  1 
ATOM 738  H H    . ASN A 1 63 ? -7.793  13.021  -3.872  1.00 0.82 ? 294 ASN A H    1 
ATOM 739  H HA   . ASN A 1 63 ? -5.648  14.961  -4.185  1.00 0.94 ? 294 ASN A HA   1 
ATOM 740  H HB2  . ASN A 1 63 ? -6.435  14.095  -1.540  1.00 1.57 ? 294 ASN A HB2  1 
ATOM 741  H HB3  . ASN A 1 63 ? -4.818  13.495  -1.909  1.00 1.47 ? 294 ASN A HB3  1 
ATOM 742  H HD21 . ASN A 1 63 ? -6.498  16.216  -0.778  1.00 2.64 ? 294 ASN A HD21 1 
ATOM 743  H HD22 . ASN A 1 63 ? -5.284  17.377  -1.025  1.00 3.07 ? 294 ASN A HD22 1 
ATOM 744  N N    . LEU A 1 64 ? -5.951  12.160  -5.104  1.00 0.74 ? 295 LEU A N    1 
ATOM 745  C CA   . LEU A 1 64 ? -5.373  10.933  -5.710  1.00 0.81 ? 295 LEU A CA   1 
ATOM 746  C C    . LEU A 1 64 ? -5.147  11.171  -7.208  1.00 0.94 ? 295 LEU A C    1 
ATOM 747  O O    . LEU A 1 64 ? -4.767  12.249  -7.621  1.00 1.59 ? 295 LEU A O    1 
ATOM 748  C CB   . LEU A 1 64 ? -6.356  9.772   -5.497  1.00 0.78 ? 295 LEU A CB   1 
ATOM 749  C CG   . LEU A 1 64 ? -5.597  8.488   -5.128  1.00 0.89 ? 295 LEU A CG   1 
ATOM 750  C CD1  . LEU A 1 64 ? -4.377  8.297   -6.039  1.00 1.46 ? 295 LEU A CD1  1 
ATOM 751  C CD2  . LEU A 1 64 ? -5.132  8.577   -3.673  1.00 1.38 ? 295 LEU A CD2  1 
ATOM 752  H H    . LEU A 1 64 ? -6.846  12.451  -5.368  1.00 0.72 ? 295 LEU A H    1 
ATOM 753  H HA   . LEU A 1 64 ? -4.433  10.702  -5.236  1.00 0.95 ? 295 LEU A HA   1 
ATOM 754  H HB2  . LEU A 1 64 ? -7.032  10.026  -4.692  1.00 0.86 ? 295 LEU A HB2  1 
ATOM 755  H HB3  . LEU A 1 64 ? -6.928  9.610   -6.396  1.00 0.77 ? 295 LEU A HB3  1 
ATOM 756  H HG   . LEU A 1 64 ? -6.259  7.642   -5.240  1.00 1.64 ? 295 LEU A HG   1 
ATOM 757  H HD11 . LEU A 1 64 ? -3.869  9.238   -6.175  1.00 2.02 ? 295 LEU A HD11 1 
ATOM 758  H HD12 . LEU A 1 64 ? -3.700  7.587   -5.584  1.00 2.02 ? 295 LEU A HD12 1 
ATOM 759  H HD13 . LEU A 1 64 ? -4.697  7.920   -6.998  1.00 1.89 ? 295 LEU A HD13 1 
ATOM 760  H HD21 . LEU A 1 64 ? -5.811  9.207   -3.117  1.00 1.90 ? 295 LEU A HD21 1 
ATOM 761  H HD22 . LEU A 1 64 ? -5.121  7.589   -3.237  1.00 1.97 ? 295 LEU A HD22 1 
ATOM 762  H HD23 . LEU A 1 64 ? -4.139  8.998   -3.637  1.00 1.91 ? 295 LEU A HD23 1 
ATOM 763  N N    . GLY A 1 65 ? -5.374  10.182  -8.025  1.00 0.93 ? 296 GLY A N    1 
ATOM 764  C CA   . GLY A 1 65 ? -5.170  10.359  -9.492  1.00 1.03 ? 296 GLY A CA   1 
ATOM 765  C C    . GLY A 1 65 ? -5.199  8.993   -10.184 1.00 0.81 ? 296 GLY A C    1 
ATOM 766  O O    . GLY A 1 65 ? -5.185  7.962   -9.544  1.00 0.80 ? 296 GLY A O    1 
ATOM 767  H H    . GLY A 1 65 ? -5.678  9.323   -7.675  1.00 1.34 ? 296 GLY A H    1 
ATOM 768  H HA2  . GLY A 1 65 ? -5.957  10.984  -9.891  1.00 1.23 ? 296 GLY A HA2  1 
ATOM 769  H HA3  . GLY A 1 65 ? -4.214  10.827  -9.668  1.00 1.24 ? 296 GLY A HA3  1 
ATOM 770  N N    . LYS A 1 66 ? -5.240  8.979   -11.490 1.00 0.83 ? 297 LYS A N    1 
ATOM 771  C CA   . LYS A 1 66 ? -5.272  7.680   -12.224 1.00 0.79 ? 297 LYS A CA   1 
ATOM 772  C C    . LYS A 1 66 ? -3.845  7.156   -12.404 1.00 0.72 ? 297 LYS A C    1 
ATOM 773  O O    . LYS A 1 66 ? -3.565  5.998   -12.164 1.00 1.18 ? 297 LYS A O    1 
ATOM 774  C CB   . LYS A 1 66 ? -5.911  7.888   -13.598 1.00 0.93 ? 297 LYS A CB   1 
ATOM 775  C CG   . LYS A 1 66 ? -7.408  8.157   -13.430 1.00 1.70 ? 297 LYS A CG   1 
ATOM 776  C CD   . LYS A 1 66 ? -7.722  9.585   -13.880 1.00 2.21 ? 297 LYS A CD   1 
ATOM 777  C CE   . LYS A 1 66 ? -8.920  9.570   -14.832 1.00 2.87 ? 297 LYS A CE   1 
ATOM 778  N NZ   . LYS A 1 66 ? -8.551  8.853   -16.086 1.00 3.51 ? 297 LYS A NZ   1 
ATOM 779  H H    . LYS A 1 66 ? -5.252  9.822   -11.989 1.00 1.00 ? 297 LYS A H    1 
ATOM 780  H HA   . LYS A 1 66 ? -5.852  6.963   -11.662 1.00 0.88 ? 297 LYS A HA   1 
ATOM 781  H HB2  . LYS A 1 66 ? -5.445  8.731   -14.088 1.00 1.35 ? 297 LYS A HB2  1 
ATOM 782  H HB3  . LYS A 1 66 ? -5.772  7.001   -14.199 1.00 1.30 ? 297 LYS A HB3  1 
ATOM 783  H HG2  . LYS A 1 66 ? -7.969  7.456   -14.032 1.00 2.30 ? 297 LYS A HG2  1 
ATOM 784  H HG3  . LYS A 1 66 ? -7.679  8.041   -12.392 1.00 2.25 ? 297 LYS A HG3  1 
ATOM 785  H HD2  . LYS A 1 66 ? -7.955  10.191  -13.016 1.00 2.54 ? 297 LYS A HD2  1 
ATOM 786  H HD3  . LYS A 1 66 ? -6.864  9.999   -14.389 1.00 2.64 ? 297 LYS A HD3  1 
ATOM 787  H HE2  . LYS A 1 66 ? -9.749  9.065   -14.359 1.00 3.24 ? 297 LYS A HE2  1 
ATOM 788  H HE3  . LYS A 1 66 ? -9.204  10.585  -15.068 1.00 3.22 ? 297 LYS A HE3  1 
ATOM 789  H HZ1  . LYS A 1 66 ? -7.986  8.012   -15.851 1.00 3.84 ? 297 LYS A HZ1  1 
ATOM 790  H HZ2  . LYS A 1 66 ? -9.416  8.564   -16.586 1.00 3.80 ? 297 LYS A HZ2  1 
ATOM 791  H HZ3  . LYS A 1 66 ? -7.992  9.484   -16.694 1.00 3.88 ? 297 LYS A HZ3  1 
ATOM 792  N N    . LYS A 1 67 ? -2.941  7.997   -12.827 1.00 0.72 ? 298 LYS A N    1 
ATOM 793  C CA   . LYS A 1 67 ? -1.537  7.541   -13.021 1.00 0.63 ? 298 LYS A CA   1 
ATOM 794  C C    . LYS A 1 67 ? -1.035  6.883   -11.737 1.00 0.56 ? 298 LYS A C    1 
ATOM 795  O O    . LYS A 1 67 ? -0.105  6.100   -11.751 1.00 0.63 ? 298 LYS A O    1 
ATOM 796  C CB   . LYS A 1 67 ? -0.651  8.741   -13.363 1.00 0.72 ? 298 LYS A CB   1 
ATOM 797  C CG   . LYS A 1 67 ? -0.448  8.809   -14.879 1.00 1.41 ? 298 LYS A CG   1 
ATOM 798  C CD   . LYS A 1 67 ? 0.629   7.805   -15.295 1.00 1.92 ? 298 LYS A CD   1 
ATOM 799  C CE   . LYS A 1 67 ? 1.084   8.107   -16.725 1.00 2.70 ? 298 LYS A CE   1 
ATOM 800  N NZ   . LYS A 1 67 ? 1.051   6.854   -17.530 1.00 3.37 ? 298 LYS A NZ   1 
ATOM 801  H H    . LYS A 1 67 ? -3.187  8.926   -13.017 1.00 1.13 ? 298 LYS A H    1 
ATOM 802  H HA   . LYS A 1 67 ? -1.499  6.825   -13.830 1.00 0.69 ? 298 LYS A HA   1 
ATOM 803  H HB2  . LYS A 1 67 ? -1.128  9.650   -13.023 1.00 1.16 ? 298 LYS A HB2  1 
ATOM 804  H HB3  . LYS A 1 67 ? 0.307   8.633   -12.879 1.00 1.21 ? 298 LYS A HB3  1 
ATOM 805  H HG2  . LYS A 1 67 ? -1.378  8.570   -15.376 1.00 2.05 ? 298 LYS A HG2  1 
ATOM 806  H HG3  . LYS A 1 67 ? -0.137  9.805   -15.157 1.00 1.97 ? 298 LYS A HG3  1 
ATOM 807  H HD2  . LYS A 1 67 ? 1.472   7.882   -14.625 1.00 2.22 ? 298 LYS A HD2  1 
ATOM 808  H HD3  . LYS A 1 67 ? 0.224   6.805   -15.254 1.00 2.37 ? 298 LYS A HD3  1 
ATOM 809  H HE2  . LYS A 1 67 ? 0.422   8.837   -17.167 1.00 3.21 ? 298 LYS A HE2  1 
ATOM 810  H HE3  . LYS A 1 67 ? 2.091   8.498   -16.707 1.00 2.98 ? 298 LYS A HE3  1 
ATOM 811  H HZ1  . LYS A 1 67 ? 1.431   6.067   -16.965 1.00 3.59 ? 298 LYS A HZ1  1 
ATOM 812  H HZ2  . LYS A 1 67 ? 0.071   6.642   -17.801 1.00 3.77 ? 298 LYS A HZ2  1 
ATOM 813  H HZ3  . LYS A 1 67 ? 1.631   6.977   -18.386 1.00 3.78 ? 298 LYS A HZ3  1 
ATOM 814  N N    . SER A 1 68 ? -1.643  7.189   -10.626 1.00 0.55 ? 299 SER A N    1 
ATOM 815  C CA   . SER A 1 68 ? -1.202  6.575   -9.343  1.00 0.52 ? 299 SER A CA   1 
ATOM 816  C C    . SER A 1 68 ? -1.780  5.163   -9.235  1.00 0.45 ? 299 SER A C    1 
ATOM 817  O O    . SER A 1 68 ? -1.139  4.256   -8.742  1.00 0.46 ? 299 SER A O    1 
ATOM 818  C CB   . SER A 1 68 ? -1.696  7.423   -8.171  1.00 0.61 ? 299 SER A CB   1 
ATOM 819  O OG   . SER A 1 68 ? -1.441  8.794   -8.443  1.00 1.31 ? 299 SER A OG   1 
ATOM 820  H H    . SER A 1 68 ? -2.393  7.821   -10.635 1.00 0.65 ? 299 SER A H    1 
ATOM 821  H HA   . SER A 1 68 ? -0.123  6.525   -9.323  1.00 0.55 ? 299 SER A HA   1 
ATOM 822  H HB2  . SER A 1 68 ? -2.756  7.278   -8.040  1.00 1.10 ? 299 SER A HB2  1 
ATOM 823  H HB3  . SER A 1 68 ? -1.180  7.122   -7.269  1.00 1.07 ? 299 SER A HB3  1 
ATOM 824  H HG   . SER A 1 68 ? -1.139  9.207   -7.630  1.00 1.71 ? 299 SER A HG   1 
ATOM 825  N N    . LEU A 1 69 ? -2.988  4.969   -9.691  1.00 0.49 ? 300 LEU A N    1 
ATOM 826  C CA   . LEU A 1 69 ? -3.604  3.614   -9.613  1.00 0.49 ? 300 LEU A CA   1 
ATOM 827  C C    . LEU A 1 69 ? -2.718  2.606   -10.344 1.00 0.44 ? 300 LEU A C    1 
ATOM 828  O O    . LEU A 1 69 ? -2.606  1.463   -9.949  1.00 0.50 ? 300 LEU A O    1 
ATOM 829  C CB   . LEU A 1 69 ? -4.990  3.641   -10.265 1.00 0.58 ? 300 LEU A CB   1 
ATOM 830  C CG   . LEU A 1 69 ? -5.646  2.257   -10.160 1.00 0.75 ? 300 LEU A CG   1 
ATOM 831  C CD1  . LEU A 1 69 ? -5.394  1.658   -8.774  1.00 1.14 ? 300 LEU A CD1  1 
ATOM 832  C CD2  . LEU A 1 69 ? -7.154  2.395   -10.382 1.00 1.33 ? 300 LEU A CD2  1 
ATOM 833  H H    . LEU A 1 69 ? -3.488  5.714   -10.086 1.00 0.59 ? 300 LEU A H    1 
ATOM 834  H HA   . LEU A 1 69 ? -3.700  3.322   -8.577  1.00 0.53 ? 300 LEU A HA   1 
ATOM 835  H HB2  . LEU A 1 69 ? -5.608  4.370   -9.763  1.00 0.64 ? 300 LEU A HB2  1 
ATOM 836  H HB3  . LEU A 1 69 ? -4.891  3.910   -11.305 1.00 0.69 ? 300 LEU A HB3  1 
ATOM 837  H HG   . LEU A 1 69 ? -5.229  1.606   -10.913 1.00 1.46 ? 300 LEU A HG   1 
ATOM 838  H HD11 . LEU A 1 69 ? -5.468  2.432   -8.025  1.00 1.69 ? 300 LEU A HD11 1 
ATOM 839  H HD12 . LEU A 1 69 ? -6.131  0.894   -8.573  1.00 1.72 ? 300 LEU A HD12 1 
ATOM 840  H HD13 . LEU A 1 69 ? -4.407  1.221   -8.744  1.00 1.68 ? 300 LEU A HD13 1 
ATOM 841  H HD21 . LEU A 1 69 ? -7.484  3.359   -10.024 1.00 1.85 ? 300 LEU A HD21 1 
ATOM 842  H HD22 . LEU A 1 69 ? -7.372  2.309   -11.436 1.00 1.84 ? 300 LEU A HD22 1 
ATOM 843  H HD23 . LEU A 1 69 ? -7.669  1.614   -9.843  1.00 1.89 ? 300 LEU A HD23 1 
ATOM 844  N N    . THR A 1 70 ? -2.083  3.016   -11.407 1.00 0.45 ? 301 THR A N    1 
ATOM 845  C CA   . THR A 1 70 ? -1.204  2.075   -12.154 1.00 0.48 ? 301 THR A CA   1 
ATOM 846  C C    . THR A 1 70 ? -0.030  1.665   -11.263 1.00 0.43 ? 301 THR A C    1 
ATOM 847  O O    . THR A 1 70 ? 0.428   0.541   -11.301 1.00 0.47 ? 301 THR A O    1 
ATOM 848  C CB   . THR A 1 70 ? -0.672  2.761   -13.415 1.00 0.58 ? 301 THR A CB   1 
ATOM 849  O OG1  . THR A 1 70 ? -1.682  3.600   -13.957 1.00 1.27 ? 301 THR A OG1  1 
ATOM 850  C CG2  . THR A 1 70 ? -0.278  1.702   -14.445 1.00 1.30 ? 301 THR A CG2  1 
ATOM 851  H H    . THR A 1 70 ? -2.183  3.943   -11.711 1.00 0.52 ? 301 THR A H    1 
ATOM 852  H HA   . THR A 1 70 ? -1.769  1.198   -12.432 1.00 0.52 ? 301 THR A HA   1 
ATOM 853  H HB   . THR A 1 70 ? 0.194   3.353   -13.165 1.00 1.15 ? 301 THR A HB   1 
ATOM 854  H HG1  . THR A 1 70 ? -2.464  3.064   -14.108 1.00 1.66 ? 301 THR A HG1  1 
ATOM 855  H HG21 . THR A 1 70 ? -0.686  0.746   -14.153 1.00 1.83 ? 301 THR A HG21 1 
ATOM 856  H HG22 . THR A 1 70 ? -0.668  1.979   -15.413 1.00 1.91 ? 301 THR A HG22 1 
ATOM 857  H HG23 . THR A 1 70 ? 0.799   1.632   -14.497 1.00 1.85 ? 301 THR A HG23 1 
ATOM 858  N N    . GLU A 1 71 ? 0.460   2.570   -10.459 1.00 0.46 ? 302 GLU A N    1 
ATOM 859  C CA   . GLU A 1 71 ? 1.604   2.232   -9.564  1.00 0.48 ? 302 GLU A CA   1 
ATOM 860  C C    . GLU A 1 71 ? 1.109   1.350   -8.417  1.00 0.40 ? 302 GLU A C    1 
ATOM 861  O O    . GLU A 1 71 ? 1.537   0.223   -8.255  1.00 0.39 ? 302 GLU A O    1 
ATOM 862  C CB   . GLU A 1 71 ? 2.206   3.519   -8.998  1.00 0.60 ? 302 GLU A CB   1 
ATOM 863  C CG   . GLU A 1 71 ? 3.582   3.755   -9.624  1.00 0.94 ? 302 GLU A CG   1 
ATOM 864  C CD   . GLU A 1 71 ? 3.434   3.903   -11.140 1.00 1.57 ? 302 GLU A CD   1 
ATOM 865  O OE1  . GLU A 1 71 ? 2.736   4.810   -11.561 1.00 2.29 ? 302 GLU A OE1  1 
ATOM 866  O OE2  . GLU A 1 71 ? 4.019   3.106   -11.854 1.00 2.27 ? 302 GLU A OE2  1 
ATOM 867  H H    . GLU A 1 71 ? 0.075   3.472   -10.445 1.00 0.54 ? 302 GLU A H    1 
ATOM 868  H HA   . GLU A 1 71 ? 2.357   1.700   -10.127 1.00 0.52 ? 302 GLU A HA   1 
ATOM 869  H HB2  . GLU A 1 71 ? 1.556   4.352   -9.229  1.00 0.86 ? 302 GLU A HB2  1 
ATOM 870  H HB3  . GLU A 1 71 ? 2.310   3.428   -7.928  1.00 0.83 ? 302 GLU A HB3  1 
ATOM 871  H HG2  . GLU A 1 71 ? 4.015   4.656   -9.214  1.00 1.57 ? 302 GLU A HG2  1 
ATOM 872  H HG3  . GLU A 1 71 ? 4.224   2.914   -9.408  1.00 1.57 ? 302 GLU A HG3  1 
ATOM 873  N N    . ILE A 1 72 ? 0.204   1.849   -7.618  1.00 0.41 ? 303 ILE A N    1 
ATOM 874  C CA   . ILE A 1 72 ? -0.317  1.030   -6.492  1.00 0.40 ? 303 ILE A CA   1 
ATOM 875  C C    . ILE A 1 72 ? -0.639  -0.371  -7.012  1.00 0.37 ? 303 ILE A C    1 
ATOM 876  O O    . ILE A 1 72 ? -0.347  -1.364  -6.377  1.00 0.41 ? 303 ILE A O    1 
ATOM 877  C CB   . ILE A 1 72 ? -1.586  1.675   -5.936  1.00 0.48 ? 303 ILE A CB   1 
ATOM 878  C CG1  . ILE A 1 72 ? -1.219  2.973   -5.211  1.00 0.61 ? 303 ILE A CG1  1 
ATOM 879  C CG2  . ILE A 1 72 ? -2.260  0.716   -4.953  1.00 0.63 ? 303 ILE A CG2  1 
ATOM 880  C CD1  . ILE A 1 72 ? -2.494  3.750   -4.879  1.00 1.23 ? 303 ILE A CD1  1 
ATOM 881  H H    . ILE A 1 72 ? -0.132  2.757   -7.764  1.00 0.46 ? 303 ILE A H    1 
ATOM 882  H HA   . ILE A 1 72 ? 0.430   0.965   -5.714  1.00 0.42 ? 303 ILE A HA   1 
ATOM 883  H HB   . ILE A 1 72 ? -2.264  1.894   -6.748  1.00 0.56 ? 303 ILE A HB   1 
ATOM 884  H HG12 . ILE A 1 72 ? -0.693  2.736   -4.297  1.00 1.24 ? 303 ILE A HG12 1 
ATOM 885  H HG13 . ILE A 1 72 ? -0.587  3.574   -5.846  1.00 1.18 ? 303 ILE A HG13 1 
ATOM 886  H HG21 . ILE A 1 72 ? -2.420  -0.238  -5.435  1.00 1.17 ? 303 ILE A HG21 1 
ATOM 887  H HG22 . ILE A 1 72 ? -1.627  0.581   -4.090  1.00 1.22 ? 303 ILE A HG22 1 
ATOM 888  H HG23 . ILE A 1 72 ? -3.209  1.126   -4.643  1.00 1.28 ? 303 ILE A HG23 1 
ATOM 889  H HD11 . ILE A 1 72 ? -3.276  3.469   -5.568  1.00 1.77 ? 303 ILE A HD11 1 
ATOM 890  H HD12 . ILE A 1 72 ? -2.804  3.522   -3.870  1.00 1.87 ? 303 ILE A HD12 1 
ATOM 891  H HD13 . ILE A 1 72 ? -2.302  4.809   -4.966  1.00 1.78 ? 303 ILE A HD13 1 
ATOM 892  N N    . LYS A 1 73 ? -1.226  -0.454  -8.175  1.00 0.41 ? 304 LYS A N    1 
ATOM 893  C CA   . LYS A 1 73 ? -1.556  -1.785  -8.753  1.00 0.45 ? 304 LYS A CA   1 
ATOM 894  C C    . LYS A 1 73 ? -0.252  -2.504  -9.092  1.00 0.43 ? 304 LYS A C    1 
ATOM 895  O O    . LYS A 1 73 ? -0.109  -3.692  -8.880  1.00 0.49 ? 304 LYS A O    1 
ATOM 896  C CB   . LYS A 1 73 ? -2.382  -1.595  -10.028 1.00 0.54 ? 304 LYS A CB   1 
ATOM 897  C CG   . LYS A 1 73 ? -2.436  -2.911  -10.809 1.00 1.01 ? 304 LYS A CG   1 
ATOM 898  C CD   . LYS A 1 73 ? -3.086  -2.669  -12.172 1.00 1.38 ? 304 LYS A CD   1 
ATOM 899  C CE   . LYS A 1 73 ? -4.484  -3.289  -12.189 1.00 1.53 ? 304 LYS A CE   1 
ATOM 900  N NZ   . LYS A 1 73 ? -4.427  -4.626  -12.845 1.00 2.20 ? 304 LYS A NZ   1 
ATOM 901  H H    . LYS A 1 73 ? -1.440  0.362   -8.673  1.00 0.50 ? 304 LYS A H    1 
ATOM 902  H HA   . LYS A 1 73 ? -2.117  -2.366  -8.038  1.00 0.48 ? 304 LYS A HA   1 
ATOM 903  H HB2  . LYS A 1 73 ? -3.385  -1.292  -9.765  1.00 0.94 ? 304 LYS A HB2  1 
ATOM 904  H HB3  . LYS A 1 73 ? -1.926  -0.833  -10.643 1.00 0.94 ? 304 LYS A HB3  1 
ATOM 905  H HG2  . LYS A 1 73 ? -1.432  -3.287  -10.950 1.00 1.53 ? 304 LYS A HG2  1 
ATOM 906  H HG3  . LYS A 1 73 ? -3.018  -3.634  -10.257 1.00 1.52 ? 304 LYS A HG3  1 
ATOM 907  H HD2  . LYS A 1 73 ? -3.160  -1.606  -12.351 1.00 2.01 ? 304 LYS A HD2  1 
ATOM 908  H HD3  . LYS A 1 73 ? -2.483  -3.123  -12.944 1.00 1.94 ? 304 LYS A HD3  1 
ATOM 909  H HE2  . LYS A 1 73 ? -4.841  -3.400  -11.176 1.00 1.88 ? 304 LYS A HE2  1 
ATOM 910  H HE3  . LYS A 1 73 ? -5.156  -2.646  -12.739 1.00 1.94 ? 304 LYS A HE3  1 
ATOM 911  H HZ1  . LYS A 1 73 ? -3.626  -5.167  -12.462 1.00 2.69 ? 304 LYS A HZ1  1 
ATOM 912  H HZ2  . LYS A 1 73 ? -5.314  -5.139  -12.661 1.00 2.55 ? 304 LYS A HZ2  1 
ATOM 913  H HZ3  . LYS A 1 73 ? -4.301  -4.504  -13.870 1.00 2.59 ? 304 LYS A HZ3  1 
ATOM 914  N N    . ASP A 1 74 ? 0.704   -1.784  -9.612  1.00 0.43 ? 305 ASP A N    1 
ATOM 915  C CA   . ASP A 1 74 ? 2.008   -2.410  -9.960  1.00 0.48 ? 305 ASP A CA   1 
ATOM 916  C C    . ASP A 1 74 ? 2.606   -3.056  -8.710  1.00 0.46 ? 305 ASP A C    1 
ATOM 917  O O    . ASP A 1 74 ? 3.301   -4.048  -8.786  1.00 0.56 ? 305 ASP A O    1 
ATOM 918  C CB   . ASP A 1 74 ? 2.962   -1.335  -10.486 1.00 0.54 ? 305 ASP A CB   1 
ATOM 919  C CG   . ASP A 1 74 ? 3.058   -1.437  -12.009 1.00 0.99 ? 305 ASP A CG   1 
ATOM 920  O OD1  . ASP A 1 74 ? 3.896   -2.186  -12.482 1.00 1.56 ? 305 ASP A OD1  1 
ATOM 921  O OD2  . ASP A 1 74 ? 2.290   -0.762  -12.677 1.00 1.67 ? 305 ASP A OD2  1 
ATOM 922  H H    . ASP A 1 74 ? 0.563   -0.828  -9.770  1.00 0.46 ? 305 ASP A H    1 
ATOM 923  H HA   . ASP A 1 74 ? 1.857   -3.163  -10.720 1.00 0.54 ? 305 ASP A HA   1 
ATOM 924  H HB2  . ASP A 1 74 ? 2.589   -0.358  -10.212 1.00 0.74 ? 305 ASP A HB2  1 
ATOM 925  H HB3  . ASP A 1 74 ? 3.942   -1.480  -10.055 1.00 0.75 ? 305 ASP A HB3  1 
ATOM 926  N N    . VAL A 1 75 ? 2.333   -2.507  -7.555  1.00 0.41 ? 306 VAL A N    1 
ATOM 927  C CA   . VAL A 1 75 ? 2.886   -3.106  -6.302  1.00 0.44 ? 306 VAL A CA   1 
ATOM 928  C C    . VAL A 1 75 ? 1.990   -4.266  -5.867  1.00 0.46 ? 306 VAL A C    1 
ATOM 929  O O    . VAL A 1 75 ? 2.457   -5.281  -5.389  1.00 0.66 ? 306 VAL A O    1 
ATOM 930  C CB   . VAL A 1 75 ? 2.944   -2.068  -5.167  1.00 0.45 ? 306 VAL A CB   1 
ATOM 931  C CG1  . VAL A 1 75 ? 4.324   -2.115  -4.508  1.00 0.66 ? 306 VAL A CG1  1 
ATOM 932  C CG2  . VAL A 1 75 ? 2.702   -0.658  -5.715  1.00 0.57 ? 306 VAL A CG2  1 
ATOM 933  H H    . VAL A 1 75 ? 1.761   -1.710  -7.515  1.00 0.41 ? 306 VAL A H    1 
ATOM 934  H HA   . VAL A 1 75 ? 3.882   -3.480  -6.496  1.00 0.50 ? 306 VAL A HA   1 
ATOM 935  H HB   . VAL A 1 75 ? 2.190   -2.305  -4.429  1.00 0.49 ? 306 VAL A HB   1 
ATOM 936  H HG11 . VAL A 1 75 ? 5.012   -2.647  -5.149  1.00 1.17 ? 306 VAL A HG11 1 
ATOM 937  H HG12 . VAL A 1 75 ? 4.681   -1.110  -4.351  1.00 1.32 ? 306 VAL A HG12 1 
ATOM 938  H HG13 . VAL A 1 75 ? 4.251   -2.624  -3.558  1.00 1.25 ? 306 VAL A HG13 1 
ATOM 939  H HG21 . VAL A 1 75 ? 3.180   -0.558  -6.678  1.00 1.12 ? 306 VAL A HG21 1 
ATOM 940  H HG22 . VAL A 1 75 ? 1.641   -0.491  -5.821  1.00 1.20 ? 306 VAL A HG22 1 
ATOM 941  H HG23 . VAL A 1 75 ? 3.114   0.069   -5.031  1.00 1.23 ? 306 VAL A HG23 1 
ATOM 942  N N    . LEU A 1 76 ? 0.702   -4.124  -6.030  1.00 0.37 ? 307 LEU A N    1 
ATOM 943  C CA   . LEU A 1 76 ? -0.226  -5.218  -5.628  1.00 0.44 ? 307 LEU A CA   1 
ATOM 944  C C    . LEU A 1 76 ? -0.125  -6.365  -6.636  1.00 0.47 ? 307 LEU A C    1 
ATOM 945  O O    . LEU A 1 76 ? -0.604  -7.456  -6.397  1.00 0.65 ? 307 LEU A O    1 
ATOM 946  C CB   . LEU A 1 76 ? -1.664  -4.690  -5.607  1.00 0.47 ? 307 LEU A CB   1 
ATOM 947  C CG   . LEU A 1 76 ? -1.989  -4.134  -4.219  1.00 0.61 ? 307 LEU A CG   1 
ATOM 948  C CD1  . LEU A 1 76 ? -1.288  -2.788  -4.028  1.00 1.07 ? 307 LEU A CD1  1 
ATOM 949  C CD2  . LEU A 1 76 ? -3.501  -3.938  -4.089  1.00 1.09 ? 307 LEU A CD2  1 
ATOM 950  H H    . LEU A 1 76 ? 0.346   -3.298  -6.417  1.00 0.40 ? 307 LEU A H    1 
ATOM 951  H HA   . LEU A 1 76 ? 0.042   -5.573  -4.645  1.00 0.49 ? 307 LEU A HA   1 
ATOM 952  H HB2  . LEU A 1 76 ? -1.770  -3.906  -6.342  1.00 0.59 ? 307 LEU A HB2  1 
ATOM 953  H HB3  . LEU A 1 76 ? -2.346  -5.495  -5.838  1.00 0.59 ? 307 LEU A HB3  1 
ATOM 954  H HG   . LEU A 1 76 ? -1.649  -4.829  -3.465  1.00 1.35 ? 307 LEU A HG   1 
ATOM 955  H HD11 . LEU A 1 76 ? -0.456  -2.716  -4.712  1.00 1.65 ? 307 LEU A HD11 1 
ATOM 956  H HD12 . LEU A 1 76 ? -1.986  -1.988  -4.224  1.00 1.52 ? 307 LEU A HD12 1 
ATOM 957  H HD13 . LEU A 1 76 ? -0.928  -2.711  -3.013  1.00 1.74 ? 307 LEU A HD13 1 
ATOM 958  H HD21 . LEU A 1 76 ? -3.941  -3.866  -5.073  1.00 1.64 ? 307 LEU A HD21 1 
ATOM 959  H HD22 . LEU A 1 76 ? -3.929  -4.778  -3.564  1.00 1.71 ? 307 LEU A HD22 1 
ATOM 960  H HD23 . LEU A 1 76 ? -3.700  -3.030  -3.539  1.00 1.64 ? 307 LEU A HD23 1 
ATOM 961  N N    . ALA A 1 77 ? 0.488   -6.124  -7.763  1.00 0.42 ? 308 ALA A N    1 
ATOM 962  C CA   . ALA A 1 77 ? 0.612   -7.198  -8.790  1.00 0.48 ? 308 ALA A CA   1 
ATOM 963  C C    . ALA A 1 77 ? 2.084   -7.580  -8.964  1.00 0.50 ? 308 ALA A C    1 
ATOM 964  O O    . ALA A 1 77 ? 2.404   -8.606  -9.531  1.00 0.60 ? 308 ALA A O    1 
ATOM 965  C CB   . ALA A 1 77 ? 0.057   -6.691  -10.124 1.00 0.56 ? 308 ALA A CB   1 
ATOM 966  H H    . ALA A 1 77 ? 0.862   -5.235  -7.937  1.00 0.47 ? 308 ALA A H    1 
ATOM 967  H HA   . ALA A 1 77 ? 0.050   -8.064  -8.475  1.00 0.52 ? 308 ALA A HA   1 
ATOM 968  H HB1  . ALA A 1 77 ? -0.796  -6.056  -9.941  1.00 1.17 ? 308 ALA A HB1  1 
ATOM 969  H HB2  . ALA A 1 77 ? 0.820   -6.128  -10.640 1.00 1.15 ? 308 ALA A HB2  1 
ATOM 970  H HB3  . ALA A 1 77 ? -0.242  -7.531  -10.732 1.00 1.18 ? 308 ALA A HB3  1 
ATOM 971  N N    . SER A 1 78 ? 2.984   -6.766  -8.483  1.00 0.54 ? 309 SER A N    1 
ATOM 972  C CA   . SER A 1 78 ? 4.433   -7.090  -8.625  1.00 0.62 ? 309 SER A CA   1 
ATOM 973  C C    . SER A 1 78 ? 4.889   -7.938  -7.433  1.00 0.64 ? 309 SER A C    1 
ATOM 974  O O    . SER A 1 78 ? 6.026   -8.357  -7.358  1.00 0.78 ? 309 SER A O    1 
ATOM 975  C CB   . SER A 1 78 ? 5.245   -5.795  -8.665  1.00 0.67 ? 309 SER A CB   1 
ATOM 976  O OG   . SER A 1 78 ? 5.116   -5.199  -9.950  1.00 1.02 ? 309 SER A OG   1 
ATOM 977  H H    . SER A 1 78 ? 2.708   -5.942  -8.030  1.00 0.62 ? 309 SER A H    1 
ATOM 978  H HA   . SER A 1 78 ? 4.590   -7.642  -9.540  1.00 0.68 ? 309 SER A HA   1 
ATOM 979  H HB2  . SER A 1 78 ? 4.876   -5.113  -7.918  1.00 0.88 ? 309 SER A HB2  1 
ATOM 980  H HB3  . SER A 1 78 ? 6.285   -6.017  -8.461  1.00 0.86 ? 309 SER A HB3  1 
ATOM 981  H HG   . SER A 1 78 ? 5.605   -5.738  -10.576 1.00 1.26 ? 309 SER A HG   1 
ATOM 982  N N    . ARG A 1 79 ? 4.010   -8.197  -6.502  1.00 0.62 ? 310 ARG A N    1 
ATOM 983  C CA   . ARG A 1 79 ? 4.397   -9.018  -5.320  1.00 0.73 ? 310 ARG A CA   1 
ATOM 984  C C    . ARG A 1 79 ? 3.328   -10.086 -5.073  1.00 0.78 ? 310 ARG A C    1 
ATOM 985  O O    . ARG A 1 79 ? 3.098   -10.503 -3.956  1.00 1.10 ? 310 ARG A O    1 
ATOM 986  C CB   . ARG A 1 79 ? 4.517   -8.119  -4.089  1.00 0.85 ? 310 ARG A CB   1 
ATOM 987  C CG   . ARG A 1 79 ? 5.816   -7.315  -4.169  1.00 1.21 ? 310 ARG A CG   1 
ATOM 988  C CD   . ARG A 1 79 ? 5.490   -5.821  -4.212  1.00 1.19 ? 310 ARG A CD   1 
ATOM 989  N NE   . ARG A 1 79 ? 5.972   -5.242  -5.498  1.00 1.93 ? 310 ARG A NE   1 
ATOM 990  C CZ   . ARG A 1 79 ? 7.250   -5.220  -5.771  1.00 2.45 ? 310 ARG A CZ   1 
ATOM 991  N NH1  . ARG A 1 79 ? 8.115   -5.704  -4.921  1.00 2.62 ? 310 ARG A NH1  1 
ATOM 992  N NH2  . ARG A 1 79 ? 7.663   -4.715  -6.902  1.00 3.29 ? 310 ARG A NH2  1 
ATOM 993  H H    . ARG A 1 79 ? 3.097   -7.851  -6.580  1.00 0.63 ? 310 ARG A H    1 
ATOM 994  H HA   . ARG A 1 79 ? 5.346   -9.497  -5.510  1.00 0.78 ? 310 ARG A HA   1 
ATOM 995  H HB2  . ARG A 1 79 ? 3.674   -7.442  -4.054  1.00 1.08 ? 310 ARG A HB2  1 
ATOM 996  H HB3  . ARG A 1 79 ? 4.527   -8.728  -3.197  1.00 0.99 ? 310 ARG A HB3  1 
ATOM 997  H HG2  . ARG A 1 79 ? 6.424   -7.527  -3.302  1.00 1.79 ? 310 ARG A HG2  1 
ATOM 998  H HG3  . ARG A 1 79 ? 6.354   -7.589  -5.064  1.00 1.96 ? 310 ARG A HG3  1 
ATOM 999  H HD2  . ARG A 1 79 ? 4.422   -5.684  -4.134  1.00 1.52 ? 310 ARG A HD2  1 
ATOM 1000 H HD3  . ARG A 1 79 ? 5.977   -5.324  -3.389  1.00 1.41 ? 310 ARG A HD3  1 
ATOM 1001 H HE   . ARG A 1 79 ? 5.330   -4.873  -6.138  1.00 2.44 ? 310 ARG A HE   1 
ATOM 1002 H HH11 . ARG A 1 79 ? 7.802   -6.092  -4.054  1.00 2.34 ? 310 ARG A HH11 1 
ATOM 1003 H HH12 . ARG A 1 79 ? 9.091   -5.685  -5.136  1.00 3.33 ? 310 ARG A HH12 1 
ATOM 1004 H HH21 . ARG A 1 79 ? 7.001   -4.346  -7.555  1.00 3.61 ? 310 ARG A HH21 1 
ATOM 1005 H HH22 . ARG A 1 79 ? 8.639   -4.696  -7.115  1.00 3.81 ? 310 ARG A HH22 1 
ATOM 1006 N N    . GLY A 1 80 ? 2.677   -10.533 -6.112  1.00 0.83 ? 311 GLY A N    1 
ATOM 1007 C CA   . GLY A 1 80 ? 1.626   -11.575 -5.945  1.00 0.94 ? 311 GLY A CA   1 
ATOM 1008 C C    . GLY A 1 80 ? 0.591   -11.108 -4.921  1.00 0.81 ? 311 GLY A C    1 
ATOM 1009 O O    . GLY A 1 80 ? 0.249   -11.822 -3.999  1.00 1.04 ? 311 GLY A O    1 
ATOM 1010 H H    . GLY A 1 80 ? 2.882   -10.183 -7.004  1.00 1.02 ? 311 GLY A H    1 
ATOM 1011 H HA2  . GLY A 1 80 ? 1.141   -11.750 -6.894  1.00 1.05 ? 311 GLY A HA2  1 
ATOM 1012 H HA3  . GLY A 1 80 ? 2.080   -12.492 -5.599  1.00 1.10 ? 311 GLY A HA3  1 
ATOM 1013 N N    . LEU A 1 81 ? 0.085   -9.916  -5.076  1.00 0.71 ? 312 LEU A N    1 
ATOM 1014 C CA   . LEU A 1 81 ? -0.931  -9.408  -4.112  1.00 0.65 ? 312 LEU A CA   1 
ATOM 1015 C C    . LEU A 1 81 ? -2.258  -9.189  -4.844  1.00 0.63 ? 312 LEU A C    1 
ATOM 1016 O O    . LEU A 1 81 ? -2.394  -9.513  -6.007  1.00 0.76 ? 312 LEU A O    1 
ATOM 1017 C CB   . LEU A 1 81 ? -0.448  -8.086  -3.512  1.00 0.71 ? 312 LEU A CB   1 
ATOM 1018 C CG   . LEU A 1 81 ? 0.957   -8.268  -2.931  1.00 0.77 ? 312 LEU A CG   1 
ATOM 1019 C CD1  . LEU A 1 81 ? 1.297   -7.077  -2.034  1.00 1.16 ? 312 LEU A CD1  1 
ATOM 1020 C CD2  . LEU A 1 81 ? 1.009   -9.555  -2.102  1.00 1.22 ? 312 LEU A CD2  1 
ATOM 1021 H H    . LEU A 1 81 ? 0.371   -9.355  -5.828  1.00 0.87 ? 312 LEU A H    1 
ATOM 1022 H HA   . LEU A 1 81 ? -1.071  -10.131 -3.323  1.00 0.73 ? 312 LEU A HA   1 
ATOM 1023 H HB2  . LEU A 1 81 ? -0.424  -7.331  -4.285  1.00 0.91 ? 312 LEU A HB2  1 
ATOM 1024 H HB3  . LEU A 1 81 ? -1.123  -7.776  -2.729  1.00 0.92 ? 312 LEU A HB3  1 
ATOM 1025 H HG   . LEU A 1 81 ? 1.674   -8.327  -3.737  1.00 1.40 ? 312 LEU A HG   1 
ATOM 1026 H HD11 . LEU A 1 81 ? 0.391   -6.546  -1.783  1.00 1.71 ? 312 LEU A HD11 1 
ATOM 1027 H HD12 . LEU A 1 81 ? 1.770   -7.430  -1.130  1.00 1.69 ? 312 LEU A HD12 1 
ATOM 1028 H HD13 . LEU A 1 81 ? 1.969   -6.413  -2.556  1.00 1.67 ? 312 LEU A HD13 1 
ATOM 1029 H HD21 . LEU A 1 81 ? 0.055   -9.711  -1.619  1.00 1.75 ? 312 LEU A HD21 1 
ATOM 1030 H HD22 . LEU A 1 81 ? 1.225   -10.392 -2.751  1.00 1.71 ? 312 LEU A HD22 1 
ATOM 1031 H HD23 . LEU A 1 81 ? 1.783   -9.470  -1.354  1.00 1.81 ? 312 LEU A HD23 1 
ATOM 1032 N N    . SER A 1 82 ? -3.240  -8.649  -4.175  1.00 0.60 ? 313 SER A N    1 
ATOM 1033 C CA   . SER A 1 82 ? -4.554  -8.420  -4.843  1.00 0.62 ? 313 SER A CA   1 
ATOM 1034 C C    . SER A 1 82 ? -5.305  -7.291  -4.138  1.00 0.60 ? 313 SER A C    1 
ATOM 1035 O O    . SER A 1 82 ? -4.928  -6.848  -3.071  1.00 0.63 ? 313 SER A O    1 
ATOM 1036 C CB   . SER A 1 82 ? -5.385  -9.701  -4.775  1.00 0.72 ? 313 SER A CB   1 
ATOM 1037 O OG   . SER A 1 82 ? -4.701  -10.663 -3.981  1.00 1.49 ? 313 SER A OG   1 
ATOM 1038 H H    . SER A 1 82 ? -3.115  -8.397  -3.236  1.00 0.65 ? 313 SER A H    1 
ATOM 1039 H HA   . SER A 1 82 ? -4.390  -8.154  -5.875  1.00 0.67 ? 313 SER A HA   1 
ATOM 1040 H HB2  . SER A 1 82 ? -6.341  -9.488  -4.327  1.00 1.14 ? 313 SER A HB2  1 
ATOM 1041 H HB3  . SER A 1 82 ? -5.535  -10.085 -5.774  1.00 1.29 ? 313 SER A HB3  1 
ATOM 1042 H HG   . SER A 1 82 ? -5.321  -11.006 -3.334  1.00 1.84 ? 313 SER A HG   1 
ATOM 1043 N N    . LEU A 1 83 ? -6.372  -6.824  -4.728  1.00 0.66 ? 314 LEU A N    1 
ATOM 1044 C CA   . LEU A 1 83 ? -7.154  -5.726  -4.097  1.00 0.69 ? 314 LEU A CA   1 
ATOM 1045 C C    . LEU A 1 83 ? -7.801  -6.240  -2.811  1.00 0.73 ? 314 LEU A C    1 
ATOM 1046 O O    . LEU A 1 83 ? -8.394  -7.301  -2.784  1.00 1.01 ? 314 LEU A O    1 
ATOM 1047 C CB   . LEU A 1 83 ? -8.246  -5.259  -5.063  1.00 0.81 ? 314 LEU A CB   1 
ATOM 1048 C CG   . LEU A 1 83 ? -7.626  -4.390  -6.156  1.00 0.94 ? 314 LEU A CG   1 
ATOM 1049 C CD1  . LEU A 1 83 ? -6.929  -3.187  -5.519  1.00 1.57 ? 314 LEU A CD1  1 
ATOM 1050 C CD2  . LEU A 1 83 ? -6.603  -5.214  -6.940  1.00 1.41 ? 314 LEU A CD2  1 
ATOM 1051 H H    . LEU A 1 83 ? -6.659  -7.198  -5.587  1.00 0.74 ? 314 LEU A H    1 
ATOM 1052 H HA   . LEU A 1 83 ? -6.498  -4.901  -3.866  1.00 0.68 ? 314 LEU A HA   1 
ATOM 1053 H HB2  . LEU A 1 83 ? -8.721  -6.119  -5.512  1.00 0.99 ? 314 LEU A HB2  1 
ATOM 1054 H HB3  . LEU A 1 83 ? -8.983  -4.684  -4.522  1.00 0.89 ? 314 LEU A HB3  1 
ATOM 1055 H HG   . LEU A 1 83 ? -8.402  -4.044  -6.824  1.00 1.52 ? 314 LEU A HG   1 
ATOM 1056 H HD11 . LEU A 1 83 ? -7.091  -3.201  -4.452  1.00 2.11 ? 314 LEU A HD11 1 
ATOM 1057 H HD12 . LEU A 1 83 ? -5.870  -3.234  -5.723  1.00 2.06 ? 314 LEU A HD12 1 
ATOM 1058 H HD13 . LEU A 1 83 ? -7.334  -2.275  -5.932  1.00 2.08 ? 314 LEU A HD13 1 
ATOM 1059 H HD21 . LEU A 1 83 ? -7.022  -6.183  -7.168  1.00 1.90 ? 314 LEU A HD21 1 
ATOM 1060 H HD22 . LEU A 1 83 ? -6.356  -4.703  -7.858  1.00 1.94 ? 314 LEU A HD22 1 
ATOM 1061 H HD23 . LEU A 1 83 ? -5.710  -5.339  -6.345  1.00 1.90 ? 314 LEU A HD23 1 
ATOM 1062 N N    . GLY A 1 84 ? -7.693  -5.498  -1.744  1.00 0.77 ? 315 GLY A N    1 
ATOM 1063 C CA   . GLY A 1 84 ? -8.303  -5.947  -0.461  1.00 0.87 ? 315 GLY A CA   1 
ATOM 1064 C C    . GLY A 1 84 ? -7.769  -7.332  -0.098  1.00 0.80 ? 315 GLY A C    1 
ATOM 1065 O O    . GLY A 1 84 ? -8.350  -8.037  0.701   1.00 0.90 ? 315 GLY A O    1 
ATOM 1066 H H    . GLY A 1 84 ? -7.211  -4.647  -1.786  1.00 0.96 ? 315 GLY A H    1 
ATOM 1067 H HA2  . GLY A 1 84 ? -8.051  -5.246  0.321   1.00 0.94 ? 315 GLY A HA2  1 
ATOM 1068 H HA3  . GLY A 1 84 ? -9.374  -5.996  -0.570  1.00 0.99 ? 315 GLY A HA3  1 
ATOM 1069 N N    . MET A 1 85 ? -6.666  -7.728  -0.677  1.00 0.69 ? 316 MET A N    1 
ATOM 1070 C CA   . MET A 1 85 ? -6.094  -9.065  -0.362  1.00 0.67 ? 316 MET A CA   1 
ATOM 1071 C C    . MET A 1 85 ? -5.693  -9.101  1.110   1.00 0.72 ? 316 MET A C    1 
ATOM 1072 O O    . MET A 1 85 ? -4.566  -8.821  1.467   1.00 1.37 ? 316 MET A O    1 
ATOM 1073 C CB   . MET A 1 85 ? -4.863  -9.323  -1.234  1.00 0.67 ? 316 MET A CB   1 
ATOM 1074 C CG   . MET A 1 85 ? -4.251  -10.674 -0.861  1.00 0.74 ? 316 MET A CG   1 
ATOM 1075 S SD   . MET A 1 85 ? -2.506  -10.699 -1.340  1.00 1.15 ? 316 MET A SD   1 
ATOM 1076 C CE   . MET A 1 85 ? -1.938  -9.423  -0.190  1.00 0.92 ? 316 MET A CE   1 
ATOM 1077 H H    . MET A 1 85 ? -6.215  -7.144  -1.315  1.00 0.68 ? 316 MET A H    1 
ATOM 1078 H HA   . MET A 1 85 ? -6.836  -9.827  -0.552  1.00 0.75 ? 316 MET A HA   1 
ATOM 1079 H HB2  . MET A 1 85 ? -5.155  -9.332  -2.274  1.00 0.89 ? 316 MET A HB2  1 
ATOM 1080 H HB3  . MET A 1 85 ? -4.136  -8.542  -1.070  1.00 0.77 ? 316 MET A HB3  1 
ATOM 1081 H HG2  . MET A 1 85 ? -4.333  -10.824 0.207   1.00 1.19 ? 316 MET A HG2  1 
ATOM 1082 H HG3  . MET A 1 85 ? -4.778  -11.463 -1.376  1.00 1.20 ? 316 MET A HG3  1 
ATOM 1083 H HE1  . MET A 1 85 ? -2.787  -9.015  0.342   1.00 1.36 ? 316 MET A HE1  1 
ATOM 1084 H HE2  . MET A 1 85 ? -1.241  -9.858  0.513   1.00 1.48 ? 316 MET A HE2  1 
ATOM 1085 H HE3  . MET A 1 85 ? -1.449  -8.634  -0.738  1.00 1.40 ? 316 MET A HE3  1 
ATOM 1086 N N    . ARG A 1 86 ? -6.611  -9.441  1.966   1.00 0.69 ? 317 ARG A N    1 
ATOM 1087 C CA   . ARG A 1 86 ? -6.294  -9.495  3.419   1.00 0.72 ? 317 ARG A CA   1 
ATOM 1088 C C    . ARG A 1 86 ? -4.978  -10.245 3.626   1.00 0.63 ? 317 ARG A C    1 
ATOM 1089 O O    . ARG A 1 86 ? -4.812  -11.364 3.182   1.00 0.64 ? 317 ARG A O    1 
ATOM 1090 C CB   . ARG A 1 86 ? -7.420  -10.223 4.159   1.00 0.91 ? 317 ARG A CB   1 
ATOM 1091 C CG   . ARG A 1 86 ? -8.017  -9.296  5.221   1.00 1.57 ? 317 ARG A CG   1 
ATOM 1092 C CD   . ARG A 1 86 ? -8.036  -10.016 6.571   1.00 1.98 ? 317 ARG A CD   1 
ATOM 1093 N NE   . ARG A 1 86 ? -8.658  -9.133  7.599   1.00 2.68 ? 317 ARG A NE   1 
ATOM 1094 C CZ   . ARG A 1 86 ? -8.471  -9.375  8.870   1.00 3.20 ? 317 ARG A CZ   1 
ATOM 1095 N NH1  . ARG A 1 86 ? -7.739  -10.389 9.244   1.00 3.23 ? 317 ARG A NH1  1 
ATOM 1096 N NH2  . ARG A 1 86 ? -9.018  -8.602  9.767   1.00 4.10 ? 317 ARG A NH2  1 
ATOM 1097 H H    . ARG A 1 86 ? -7.511  -9.659  1.652   1.00 1.15 ? 317 ARG A H    1 
ATOM 1098 H HA   . ARG A 1 86 ? -6.201  -8.492  3.805   1.00 0.80 ? 317 ARG A HA   1 
ATOM 1099 H HB2  . ARG A 1 86 ? -8.188  -10.508 3.454   1.00 1.44 ? 317 ARG A HB2  1 
ATOM 1100 H HB3  . ARG A 1 86 ? -7.025  -11.107 4.637   1.00 1.41 ? 317 ARG A HB3  1 
ATOM 1101 H HG2  . ARG A 1 86 ? -7.417  -8.402  5.297   1.00 2.12 ? 317 ARG A HG2  1 
ATOM 1102 H HG3  . ARG A 1 86 ? -9.026  -9.031  4.942   1.00 2.14 ? 317 ARG A HG3  1 
ATOM 1103 H HD2  . ARG A 1 86 ? -8.609  -10.927 6.485   1.00 2.34 ? 317 ARG A HD2  1 
ATOM 1104 H HD3  . ARG A 1 86 ? -7.024  -10.253 6.865   1.00 2.27 ? 317 ARG A HD3  1 
ATOM 1105 H HE   . ARG A 1 86 ? -9.204  -8.369  7.322   1.00 3.12 ? 317 ARG A HE   1 
ATOM 1106 H HH11 . ARG A 1 86 ? -7.319  -10.984 8.560   1.00 2.98 ? 317 ARG A HH11 1 
ATOM 1107 H HH12 . ARG A 1 86 ? -7.598  -10.571 10.218  1.00 3.83 ? 317 ARG A HH12 1 
ATOM 1108 H HH21 . ARG A 1 86 ? -9.580  -7.824  9.484   1.00 4.50 ? 317 ARG A HH21 1 
ATOM 1109 H HH22 . ARG A 1 86 ? -8.876  -8.786  10.740  1.00 4.57 ? 317 ARG A HH22 1 
ATOM 1110 N N    . LEU A 1 87 ? -4.040  -9.638  4.300   1.00 0.63 ? 318 LEU A N    1 
ATOM 1111 C CA   . LEU A 1 87 ? -2.736  -10.318 4.539   1.00 0.62 ? 318 LEU A CA   1 
ATOM 1112 C C    . LEU A 1 87 ? -2.897  -11.307 5.695   1.00 0.65 ? 318 LEU A C    1 
ATOM 1113 O O    . LEU A 1 87 ? -3.937  -11.380 6.317   1.00 0.72 ? 318 LEU A O    1 
ATOM 1114 C CB   . LEU A 1 87 ? -1.676  -9.273  4.907   1.00 0.69 ? 318 LEU A CB   1 
ATOM 1115 C CG   . LEU A 1 87 ? -0.903  -8.849  3.655   1.00 0.60 ? 318 LEU A CG   1 
ATOM 1116 C CD1  . LEU A 1 87 ? -0.958  -7.327  3.513   1.00 0.64 ? 318 LEU A CD1  1 
ATOM 1117 C CD2  . LEU A 1 87 ? 0.560   -9.286  3.784   1.00 0.85 ? 318 LEU A CD2  1 
ATOM 1118 H H    . LEU A 1 87 ? -4.194  -8.737  4.653   1.00 0.71 ? 318 LEU A H    1 
ATOM 1119 H HA   . LEU A 1 87 ? -2.433  -10.845 3.648   1.00 0.62 ? 318 LEU A HA   1 
ATOM 1120 H HB2  . LEU A 1 87 ? -2.160  -8.408  5.339   1.00 0.83 ? 318 LEU A HB2  1 
ATOM 1121 H HB3  . LEU A 1 87 ? -0.990  -9.694  5.626   1.00 0.84 ? 318 LEU A HB3  1 
ATOM 1122 H HG   . LEU A 1 87 ? -1.346  -9.310  2.785   1.00 0.75 ? 318 LEU A HG   1 
ATOM 1123 H HD11 . LEU A 1 87 ? -0.575  -6.866  4.412   1.00 1.20 ? 318 LEU A HD11 1 
ATOM 1124 H HD12 . LEU A 1 87 ? -0.358  -7.021  2.668   1.00 1.25 ? 318 LEU A HD12 1 
ATOM 1125 H HD13 . LEU A 1 87 ? -1.981  -7.016  3.358   1.00 1.23 ? 318 LEU A HD13 1 
ATOM 1126 H HD21 . LEU A 1 87 ? 0.694   -9.832  4.705   1.00 1.34 ? 318 LEU A HD21 1 
ATOM 1127 H HD22 . LEU A 1 87 ? 0.822   -9.918  2.948   1.00 1.49 ? 318 LEU A HD22 1 
ATOM 1128 H HD23 . LEU A 1 87 ? 1.197   -8.413  3.787   1.00 1.32 ? 318 LEU A HD23 1 
ATOM 1129 N N    . GLU A 1 88 ? -1.874  -12.061 5.993   1.00 0.65 ? 319 GLU A N    1 
ATOM 1130 C CA   . GLU A 1 88 ? -1.969  -13.034 7.119   1.00 0.73 ? 319 GLU A CA   1 
ATOM 1131 C C    . GLU A 1 88 ? -2.236  -12.262 8.411   1.00 0.73 ? 319 GLU A C    1 
ATOM 1132 O O    . GLU A 1 88 ? -3.010  -11.327 8.429   1.00 0.72 ? 319 GLU A O    1 
ATOM 1133 C CB   . GLU A 1 88 ? -0.651  -13.803 7.231   1.00 0.79 ? 319 GLU A CB   1 
ATOM 1134 C CG   . GLU A 1 88 ? -0.902  -15.152 7.908   1.00 0.92 ? 319 GLU A CG   1 
ATOM 1135 C CD   . GLU A 1 88 ? -1.391  -16.161 6.868   1.00 1.47 ? 319 GLU A CD   1 
ATOM 1136 O OE1  . GLU A 1 88 ? -1.352  -15.837 5.693   1.00 2.14 ? 319 GLU A OE1  1 
ATOM 1137 O OE2  . GLU A 1 88 ? -1.796  -17.242 7.265   1.00 2.08 ? 319 GLU A OE2  1 
ATOM 1138 H H    . GLU A 1 88 ? -1.042  -11.982 5.482   1.00 0.64 ? 319 GLU A H    1 
ATOM 1139 H HA   . GLU A 1 88 ? -2.776  -13.725 6.942   1.00 0.80 ? 319 GLU A HA   1 
ATOM 1140 H HB2  . GLU A 1 88 ? -0.244  -13.966 6.243   1.00 0.80 ? 319 GLU A HB2  1 
ATOM 1141 H HB3  . GLU A 1 88 ? 0.051   -13.232 7.819   1.00 0.78 ? 319 GLU A HB3  1 
ATOM 1142 H HG2  . GLU A 1 88 ? 0.017   -15.508 8.354   1.00 1.36 ? 319 GLU A HG2  1 
ATOM 1143 H HG3  . GLU A 1 88 ? -1.653  -15.036 8.675   1.00 1.16 ? 319 GLU A HG3  1 
ATOM 1144 N N    . ASN A 1 89 ? -1.601  -12.622 9.489   1.00 0.79 ? 320 ASN A N    1 
ATOM 1145 C CA   . ASN A 1 89 ? -1.829  -11.873 10.756  1.00 0.84 ? 320 ASN A CA   1 
ATOM 1146 C C    . ASN A 1 89 ? -1.026  -10.575 10.686  1.00 0.73 ? 320 ASN A C    1 
ATOM 1147 O O    . ASN A 1 89 ? 0.063   -10.470 11.216  1.00 0.78 ? 320 ASN A O    1 
ATOM 1148 C CB   . ASN A 1 89 ? -1.362  -12.710 11.949  1.00 0.99 ? 320 ASN A CB   1 
ATOM 1149 C CG   . ASN A 1 89 ? -2.565  -13.432 12.562  1.00 1.64 ? 320 ASN A CG   1 
ATOM 1150 O OD1  . ASN A 1 89 ? -3.052  -13.044 13.606  1.00 2.28 ? 320 ASN A OD1  1 
ATOM 1151 N ND2  . ASN A 1 89 ? -3.068  -14.469 11.953  1.00 2.23 ? 320 ASN A ND2  1 
ATOM 1152 H H    . ASN A 1 89 ? -0.974  -13.373 9.463   1.00 0.85 ? 320 ASN A H    1 
ATOM 1153 H HA   . ASN A 1 89 ? -2.880  -11.644 10.858  1.00 0.89 ? 320 ASN A HA   1 
ATOM 1154 H HB2  . ASN A 1 89 ? -0.634  -13.436 11.618  1.00 1.22 ? 320 ASN A HB2  1 
ATOM 1155 H HB3  . ASN A 1 89 ? -0.916  -12.065 12.690  1.00 1.27 ? 320 ASN A HB3  1 
ATOM 1156 H HD21 . ASN A 1 89 ? -2.676  -14.780 11.110  1.00 2.42 ? 320 ASN A HD21 1 
ATOM 1157 H HD22 . ASN A 1 89 ? -3.838  -14.938 12.338  1.00 2.83 ? 320 ASN A HD22 1 
ATOM 1158 N N    . TRP A 1 90 ? -1.555  -9.594  10.007  1.00 0.69 ? 321 TRP A N    1 
ATOM 1159 C CA   . TRP A 1 90 ? -0.836  -8.302  9.859   1.00 0.62 ? 321 TRP A CA   1 
ATOM 1160 C C    . TRP A 1 90 ? -1.027  -7.448  11.117  1.00 0.74 ? 321 TRP A C    1 
ATOM 1161 O O    . TRP A 1 90 ? -2.101  -7.415  11.685  1.00 0.90 ? 321 TRP A O    1 
ATOM 1162 C CB   . TRP A 1 90 ? -1.401  -7.559  8.644   1.00 0.69 ? 321 TRP A CB   1 
ATOM 1163 C CG   . TRP A 1 90 ? -0.690  -6.255  8.469   1.00 0.60 ? 321 TRP A CG   1 
ATOM 1164 C CD1  . TRP A 1 90 ? -0.975  -5.120  9.146   1.00 0.74 ? 321 TRP A CD1  1 
ATOM 1165 C CD2  . TRP A 1 90 ? 0.413   -5.931  7.571   1.00 0.48 ? 321 TRP A CD2  1 
ATOM 1166 N NE1  . TRP A 1 90 ? -0.118  -4.120  8.723   1.00 0.69 ? 321 TRP A NE1  1 
ATOM 1167 C CE2  . TRP A 1 90 ? 0.757   -4.570  7.753   1.00 0.50 ? 321 TRP A CE2  1 
ATOM 1168 C CE3  . TRP A 1 90 ? 1.140   -6.679  6.627   1.00 0.55 ? 321 TRP A CE3  1 
ATOM 1169 C CZ2  . TRP A 1 90 ? 1.785   -3.971  7.023   1.00 0.50 ? 321 TRP A CZ2  1 
ATOM 1170 C CZ3  . TRP A 1 90 ? 2.175   -6.079  5.892   1.00 0.63 ? 321 TRP A CZ3  1 
ATOM 1171 C CH2  . TRP A 1 90 ? 2.498   -4.728  6.090   1.00 0.57 ? 321 TRP A CH2  1 
ATOM 1172 H H    . TRP A 1 90 ? -2.426  -9.715  9.579   1.00 0.78 ? 321 TRP A H    1 
ATOM 1173 H HA   . TRP A 1 90 ? 0.213   -8.495  9.704   1.00 0.55 ? 321 TRP A HA   1 
ATOM 1174 H HB2  . TRP A 1 90 ? -1.266  -8.163  7.760   1.00 0.72 ? 321 TRP A HB2  1 
ATOM 1175 H HB3  . TRP A 1 90 ? -2.454  -7.376  8.795   1.00 0.87 ? 321 TRP A HB3  1 
ATOM 1176 H HD1  . TRP A 1 90 ? -1.745  -5.012  9.895   1.00 0.93 ? 321 TRP A HD1  1 
ATOM 1177 H HE1  . TRP A 1 90 ? -0.114  -3.199  9.058   1.00 0.82 ? 321 TRP A HE1  1 
ATOM 1178 H HE3  . TRP A 1 90 ? 0.901   -7.719  6.467   1.00 0.65 ? 321 TRP A HE3  1 
ATOM 1179 H HZ2  . TRP A 1 90 ? 2.030   -2.929  7.179   1.00 0.57 ? 321 TRP A HZ2  1 
ATOM 1180 H HZ3  . TRP A 1 90 ? 2.728   -6.662  5.169   1.00 0.82 ? 321 TRP A HZ3  1 
ATOM 1181 H HH2  . TRP A 1 90 ? 3.295   -4.273  5.520   1.00 0.68 ? 321 TRP A HH2  1 
ATOM 1182 N N    . PRO A 1 91 ? 0.024   -6.771  11.505  1.00 0.73 ? 322 PRO A N    1 
ATOM 1183 C CA   . PRO A 1 91 ? 1.321   -6.821  10.805  1.00 0.61 ? 322 PRO A CA   1 
ATOM 1184 C C    . PRO A 1 91 ? 2.095   -8.076  11.223  1.00 0.68 ? 322 PRO A C    1 
ATOM 1185 O O    . PRO A 1 91 ? 1.663   -8.805  12.094  1.00 0.83 ? 322 PRO A O    1 
ATOM 1186 C CB   . PRO A 1 91 ? 2.032   -5.557  11.281  1.00 0.72 ? 322 PRO A CB   1 
ATOM 1187 C CG   . PRO A 1 91 ? 1.376   -5.168  12.631  1.00 0.93 ? 322 PRO A CG   1 
ATOM 1188 C CD   . PRO A 1 91 ? 0.009   -5.880  12.681  1.00 0.93 ? 322 PRO A CD   1 
ATOM 1189 H HA   . PRO A 1 91 ? 1.184   -6.792  9.738   1.00 0.55 ? 322 PRO A HA   1 
ATOM 1190 H HB2  . PRO A 1 91 ? 3.085   -5.756  11.418  1.00 0.75 ? 322 PRO A HB2  1 
ATOM 1191 H HB3  . PRO A 1 91 ? 1.892   -4.763  10.565  1.00 0.72 ? 322 PRO A HB3  1 
ATOM 1192 H HG2  . PRO A 1 91 ? 1.998   -5.497  13.452  1.00 1.03 ? 322 PRO A HG2  1 
ATOM 1193 H HG3  . PRO A 1 91 ? 1.231   -4.101  12.678  1.00 1.05 ? 322 PRO A HG3  1 
ATOM 1194 H HD2  . PRO A 1 91 ? -0.084  -6.454  13.592  1.00 1.01 ? 322 PRO A HD2  1 
ATOM 1195 H HD3  . PRO A 1 91 ? -0.795  -5.166  12.597  1.00 1.04 ? 322 PRO A HD3  1 
ATOM 1196 N N    . PRO A 1 92 ? 3.218   -8.289  10.590  1.00 0.71 ? 323 PRO A N    1 
ATOM 1197 C CA   . PRO A 1 92 ? 4.078   -9.449  10.875  1.00 0.91 ? 323 PRO A CA   1 
ATOM 1198 C C    . PRO A 1 92 ? 4.869   -9.216  12.166  1.00 0.98 ? 323 PRO A C    1 
ATOM 1199 O O    . PRO A 1 92 ? 4.675   -8.233  12.853  1.00 1.36 ? 323 PRO A O    1 
ATOM 1200 C CB   . PRO A 1 92 ? 5.010   -9.514  9.662   1.00 1.05 ? 323 PRO A CB   1 
ATOM 1201 C CG   . PRO A 1 92 ? 5.018   -8.096  9.043   1.00 0.97 ? 323 PRO A CG   1 
ATOM 1202 C CD   . PRO A 1 92 ? 3.737   -7.394  9.533   1.00 0.74 ? 323 PRO A CD   1 
ATOM 1203 H HA   . PRO A 1 92 ? 3.494   -10.351 10.942  1.00 1.02 ? 323 PRO A HA   1 
ATOM 1204 H HB2  . PRO A 1 92 ? 6.007   -9.793  9.976   1.00 1.18 ? 323 PRO A HB2  1 
ATOM 1205 H HB3  . PRO A 1 92 ? 4.634   -10.222 8.942   1.00 1.18 ? 323 PRO A HB3  1 
ATOM 1206 H HG2  . PRO A 1 92 ? 5.893   -7.553  9.378   1.00 1.03 ? 323 PRO A HG2  1 
ATOM 1207 H HG3  . PRO A 1 92 ? 5.010   -8.160  7.967   1.00 1.11 ? 323 PRO A HG3  1 
ATOM 1208 H HD2  . PRO A 1 92 ? 3.974   -6.420  9.938   1.00 0.74 ? 323 PRO A HD2  1 
ATOM 1209 H HD3  . PRO A 1 92 ? 3.021   -7.309  8.731   1.00 0.74 ? 323 PRO A HD3  1 
ATOM 1210 N N    . ALA A 1 93 ? 5.756   -10.111 12.500  1.00 1.32 ? 324 ALA A N    1 
ATOM 1211 C CA   . ALA A 1 93 ? 6.555   -9.935  13.745  1.00 1.44 ? 324 ALA A CA   1 
ATOM 1212 C C    . ALA A 1 93 ? 7.862   -9.213  13.415  1.00 1.42 ? 324 ALA A C    1 
ATOM 1213 O O    . ALA A 1 93 ? 8.795   -9.214  14.191  1.00 1.58 ? 324 ALA A O    1 
ATOM 1214 C CB   . ALA A 1 93 ? 6.869   -11.308 14.347  1.00 1.74 ? 324 ALA A CB   1 
ATOM 1215 H H    . ALA A 1 93 ? 5.899   -10.897 11.932  1.00 1.79 ? 324 ALA A H    1 
ATOM 1216 H HA   . ALA A 1 93 ? 5.990   -9.351  14.456  1.00 1.46 ? 324 ALA A HA   1 
ATOM 1217 H HB1  . ALA A 1 93 ? 6.267   -12.060 13.860  1.00 2.00 ? 324 ALA A HB1  1 
ATOM 1218 H HB2  . ALA A 1 93 ? 7.915   -11.534 14.200  1.00 2.09 ? 324 ALA A HB2  1 
ATOM 1219 H HB3  . ALA A 1 93 ? 6.648   -11.297 15.404  1.00 2.13 ? 324 ALA A HB3  1 
ATOM 1220 N N    . SER A 1 94 ? 7.938   -8.600  12.265  1.00 1.34 ? 325 SER A N    1 
ATOM 1221 C CA   . SER A 1 94 ? 9.187   -7.882  11.886  1.00 1.49 ? 325 SER A CA   1 
ATOM 1222 C C    . SER A 1 94 ? 9.115   -6.432  12.368  1.00 1.45 ? 325 SER A C    1 
ATOM 1223 O O    . SER A 1 94 ? 9.791   -5.562  11.857  1.00 1.60 ? 325 SER A O    1 
ATOM 1224 C CB   . SER A 1 94 ? 9.352   -7.911  10.366  1.00 1.65 ? 325 SER A CB   1 
ATOM 1225 O OG   . SER A 1 94 ? 8.509   -6.926  9.782   1.00 2.15 ? 325 SER A OG   1 
ATOM 1226 H H    . SER A 1 94 ? 7.174   -8.612  11.651  1.00 1.26 ? 325 SER A H    1 
ATOM 1227 H HA   . SER A 1 94 ? 10.031  -8.369  12.349  1.00 1.66 ? 325 SER A HA   1 
ATOM 1228 H HB2  . SER A 1 94 ? 10.376  -7.699  10.108  1.00 1.95 ? 325 SER A HB2  1 
ATOM 1229 H HB3  . SER A 1 94 ? 9.086   -8.893  9.995   1.00 2.01 ? 325 SER A HB3  1 
ATOM 1230 H HG   . SER A 1 94 ? 9.052   -6.169  9.553   1.00 2.48 ? 325 SER A HG   1 
ATOM 1231 N N    . ILE A 1 95 ? 8.302   -6.168  13.354  1.00 1.39 ? 326 ILE A N    1 
ATOM 1232 C CA   . ILE A 1 95 ? 8.186   -4.777  13.876  1.00 1.56 ? 326 ILE A CA   1 
ATOM 1233 C C    . ILE A 1 95 ? 8.052   -4.822  15.400  1.00 1.85 ? 326 ILE A C    1 
ATOM 1234 O O    . ILE A 1 95 ? 7.247   -4.125  15.985  1.00 2.08 ? 326 ILE A O    1 
ATOM 1235 C CB   . ILE A 1 95 ? 6.952   -4.099  13.273  1.00 1.50 ? 326 ILE A CB   1 
ATOM 1236 C CG1  . ILE A 1 95 ? 7.079   -4.072  11.747  1.00 1.29 ? 326 ILE A CG1  1 
ATOM 1237 C CG2  . ILE A 1 95 ? 6.846   -2.663  13.793  1.00 2.14 ? 326 ILE A CG2  1 
ATOM 1238 C CD1  . ILE A 1 95 ? 5.853   -4.742  11.122  1.00 1.17 ? 326 ILE A CD1  1 
ATOM 1239 H H    . ILE A 1 95 ? 7.771   -6.888  13.753  1.00 1.35 ? 326 ILE A H    1 
ATOM 1240 H HA   . ILE A 1 95 ? 9.072   -4.218  13.610  1.00 1.72 ? 326 ILE A HA   1 
ATOM 1241 H HB   . ILE A 1 95 ? 6.066   -4.649  13.553  1.00 1.89 ? 326 ILE A HB   1 
ATOM 1242 H HG12 . ILE A 1 95 ? 7.142   -3.048  11.410  1.00 1.72 ? 326 ILE A HG12 1 
ATOM 1243 H HG13 . ILE A 1 95 ? 7.968   -4.606  11.450  1.00 1.78 ? 326 ILE A HG13 1 
ATOM 1244 H HG21 . ILE A 1 95 ? 7.491   -2.540  14.650  1.00 2.56 ? 326 ILE A HG21 1 
ATOM 1245 H HG22 . ILE A 1 95 ? 7.147   -1.976  13.016  1.00 2.57 ? 326 ILE A HG22 1 
ATOM 1246 H HG23 . ILE A 1 95 ? 5.825   -2.457  14.078  1.00 2.56 ? 326 ILE A HG23 1 
ATOM 1247 H HD11 . ILE A 1 95 ? 5.012   -4.652  11.793  1.00 1.60 ? 326 ILE A HD11 1 
ATOM 1248 H HD12 . ILE A 1 95 ? 5.619   -4.258  10.184  1.00 1.60 ? 326 ILE A HD12 1 
ATOM 1249 H HD13 . ILE A 1 95 ? 6.064   -5.785  10.945  1.00 1.57 ? 326 ILE A HD13 1 
ATOM 1250 N N    . ALA A 1 96 ? 8.833   -5.642  16.050  1.00 1.99 ? 327 ALA A N    1 
ATOM 1251 C CA   . ALA A 1 96 ? 8.745   -5.730  17.535  1.00 2.41 ? 327 ALA A CA   1 
ATOM 1252 C C    . ALA A 1 96 ? 10.106  -5.403  18.152  1.00 2.81 ? 327 ALA A C    1 
ATOM 1253 O O    . ALA A 1 96 ? 10.829  -6.279  18.585  1.00 3.14 ? 327 ALA A O    1 
ATOM 1254 C CB   . ALA A 1 96 ? 8.327   -7.145  17.940  1.00 2.59 ? 327 ALA A CB   1 
ATOM 1255 H H    . ALA A 1 96 ? 9.475   -6.199  15.561  1.00 1.92 ? 327 ALA A H    1 
ATOM 1256 H HA   . ALA A 1 96 ? 8.011   -5.024  17.892  1.00 2.57 ? 327 ALA A HA   1 
ATOM 1257 H HB1  . ALA A 1 96 ? 8.506   -7.823  17.118  1.00 2.78 ? 327 ALA A HB1  1 
ATOM 1258 H HB2  . ALA A 1 96 ? 8.906   -7.459  18.796  1.00 2.87 ? 327 ALA A HB2  1 
ATOM 1259 H HB3  . ALA A 1 96 ? 7.277   -7.153  18.192  1.00 2.91 ? 327 ALA A HB3  1 
ATOM 1260 N N    . ASP A 1 97 ? 10.461  -4.148  18.199  1.00 3.23 ? 328 ASP A N    1 
ATOM 1261 C CA   . ASP A 1 97 ? 11.774  -3.768  18.793  1.00 3.82 ? 328 ASP A CA   1 
ATOM 1262 C C    . ASP A 1 97 ? 11.545  -2.821  19.974  1.00 4.39 ? 328 ASP A C    1 
ATOM 1263 O O    . ASP A 1 97 ? 12.377  -2.690  20.848  1.00 5.01 ? 328 ASP A O    1 
ATOM 1264 C CB   . ASP A 1 97 ? 12.630  -3.066  17.736  1.00 4.38 ? 328 ASP A CB   1 
ATOM 1265 C CG   . ASP A 1 97 ? 13.010  -4.063  16.639  1.00 4.89 ? 328 ASP A CG   1 
ATOM 1266 O OD1  . ASP A 1 97 ? 13.806  -4.945  16.918  1.00 5.35 ? 328 ASP A OD1  1 
ATOM 1267 O OD2  . ASP A 1 97 ? 12.500  -3.928  15.540  1.00 5.21 ? 328 ASP A OD2  1 
ATOM 1268 H H    . ASP A 1 97 ? 9.863   -3.457  17.846  1.00 3.40 ? 328 ASP A H    1 
ATOM 1269 H HA   . ASP A 1 97 ? 12.284  -4.655  19.137  1.00 3.91 ? 328 ASP A HA   1 
ATOM 1270 H HB2  . ASP A 1 97 ? 12.069  -2.250  17.303  1.00 4.56 ? 328 ASP A HB2  1 
ATOM 1271 H HB3  . ASP A 1 97 ? 13.527  -2.681  18.197  1.00 4.73 ? 328 ASP A HB3  1 
ATOM 1272 N N    . GLU A 1 98 ? 10.419  -2.160  20.005  1.00 4.57 ? 329 GLU A N    1 
ATOM 1273 C CA   . GLU A 1 98 ? 10.137  -1.221  21.128  1.00 5.55 ? 329 GLU A CA   1 
ATOM 1274 C C    . GLU A 1 98 ? 8.898   -1.697  21.890  1.00 6.10 ? 329 GLU A C    1 
ATOM 1275 O O    . GLU A 1 98 ? 9.036   -2.594  22.705  1.00 6.38 ? 329 GLU A O    1 
ATOM 1276 C CB   . GLU A 1 98 ? 9.883   0.179   20.566  1.00 6.03 ? 329 GLU A CB   1 
ATOM 1277 C CG   . GLU A 1 98 ? 9.943   1.204   21.700  1.00 6.76 ? 329 GLU A CG   1 
ATOM 1278 C CD   . GLU A 1 98 ? 11.264  1.052   22.457  1.00 7.51 ? 329 GLU A CD   1 
ATOM 1279 O OE1  . GLU A 1 98 ? 12.280  0.877   21.805  1.00 7.94 ? 329 GLU A OE1  1 
ATOM 1280 O OE2  . GLU A 1 98 ? 11.236  1.114   23.674  1.00 7.90 ? 329 GLU A OE2  1 
ATOM 1281 O OXT  . GLU A 1 98 ? 7.832   -1.156  21.646  1.00 6.56 ? 329 GLU A OXT  1 
ATOM 1282 H H    . GLU A 1 98 ? 9.760   -2.279  19.290  1.00 4.28 ? 329 GLU A H    1 
ATOM 1283 H HA   . GLU A 1 98 ? 10.983  -1.193  21.797  1.00 5.94 ? 329 GLU A HA   1 
ATOM 1284 H HB2  . GLU A 1 98 ? 10.637  0.413   19.828  1.00 5.86 ? 329 GLU A HB2  1 
ATOM 1285 H HB3  . GLU A 1 98 ? 8.907   0.212   20.106  1.00 6.41 ? 329 GLU A HB3  1 
ATOM 1286 H HG2  . GLU A 1 98 ? 9.876   2.201   21.288  1.00 6.95 ? 329 GLU A HG2  1 
ATOM 1287 H HG3  . GLU A 1 98 ? 9.121   1.038   22.379  1.00 6.91 ? 329 GLU A HG3  1 
# 
